data_7NA0
#
_entry.id   7NA0
#
_cell.length_a   95.418
_cell.length_b   151.382
_cell.length_c   175.553
_cell.angle_alpha   90.000
_cell.angle_beta   90.000
_cell.angle_gamma   90.000
#
_symmetry.space_group_name_H-M   'P 21 21 21'
#
loop_
_entity.id
_entity.type
_entity.pdbx_description
1 polymer 'Bifunctional protein PutA'
2 non-polymer 'FLAVIN-ADENINE DINUCLEOTIDE'
3 non-polymer 'SULFATE ION'
4 non-polymer 1,2-ETHANEDIOL
5 water water
#
_entity_poly.entity_id   1
_entity_poly.type   'polypeptide(L)'
_entity_poly.pdbx_seq_one_letter_code
;SMLNSELNTKIVNRGKEFFGSISGEKPSLFNKGAWMGKAMDWSMQNEQFKIQMFRFVDVFPSLTTSKLLTEHIREYFGNE
QDMPAFMSTGAKVAGMLGSFGGAVLNKVLTSNIEEMARQFIVGETTKEAVKNLEKLRKDGFAAVVDVLGEATLSEEEAEV
YTNTYLELLEALKKEQGSWKGLPGKGGDPGLDWGHAPKVNIAVKPTWLFCLANPQDFEGSVVAILDRMRRIFKKVMELNG
FLCIDMESYRHKEIILEVFRRLKLEYRDYPHLGIVLQAYLKDNDKDLDDLLAWAKEHKVQISVRLVKGAYWDYETVKAKQ
NDWEVPVWTIKAESDAAYERQARKILENHQICHFACASHNIRTISAVMEMARELNVPEDRYEFQVLYGMAEPVRKGILKV
AGRIRLYAPYGNMVPGMGYLVRRLLENTANESFLRQSFAEDAQIERLLEDPAVTVERERAARAAKPKKERKGLGGLPPFN
NEAMVDFTRADHRAAFPKHIAQVRTQLGKTYPLFINGKEVRTNDLIPTVNPNKPSEVLGQICQAGTTEVGDAIAAAKAAF
PAWRDTDPRTRAEYLLKAAQAARKRLFELSAWQVLEIGKQWDQAYADVTEAIDFLEYYAREMIRLGQPQRVGHAPGELNH
YFYEPKGVAAVIAPWNFPLAISMGMASAAIVTGNCVVFKPSGITSIIGWHLVELFREAGLPEGVFNFTPGRGSVMGDYLV
DHPDISLIAFTGSMETGLRIIERAAKVHPGQANVKKIISEMGGKNAIIIDDDADLDEAVPHVLYSAFGFQGQKCSACSRV
IVLDAVYDKFIERLVSMAKATKVGPSEDPANYMGAVADDKAMKSIKEYAEIGKREGHVLYESPVPAGEGYFVPMTIIGGI
KPEHRIAQEEIFGPVLAVMRAKDFDQAIEWANSTQFALTGGIFSRSPEHLAKARREFRVGNLYINRNNTGALVERQPFGG
ARMSGVGTKAGGPDYLLHFMDPRVVTENTMRRGFAPIEEDDDWVD
;
_entity_poly.pdbx_strand_id   A,B
#
loop_
_chem_comp.id
_chem_comp.type
_chem_comp.name
_chem_comp.formula
EDO non-polymer 1,2-ETHANEDIOL 'C2 H6 O2'
FAD non-polymer 'FLAVIN-ADENINE DINUCLEOTIDE' 'C27 H33 N9 O15 P2'
SO4 non-polymer 'SULFATE ION' 'O4 S -2'
#
# COMPACT_ATOMS: atom_id res chain seq x y z
N SER A 1 0.45 -57.56 -3.43
CA SER A 1 0.10 -58.94 -3.77
C SER A 1 0.63 -59.92 -2.73
N MET A 2 0.18 -61.16 -2.80
CA MET A 2 0.69 -62.19 -1.90
C MET A 2 2.21 -62.32 -2.03
N LEU A 3 2.70 -62.38 -3.26
CA LEU A 3 4.14 -62.49 -3.48
C LEU A 3 4.89 -61.25 -2.97
N ASN A 4 4.31 -60.07 -3.17
CA ASN A 4 4.92 -58.85 -2.64
C ASN A 4 5.10 -58.92 -1.12
N SER A 5 4.10 -59.46 -0.42
CA SER A 5 4.19 -59.55 1.04
C SER A 5 5.21 -60.59 1.49
N GLU A 6 5.40 -61.67 0.73
CA GLU A 6 6.34 -62.71 1.15
C GLU A 6 7.78 -62.23 1.03
N LEU A 7 8.10 -61.53 -0.06
CA LEU A 7 9.46 -61.00 -0.22
C LEU A 7 9.73 -59.90 0.79
N ASN A 8 8.73 -59.06 1.05
CA ASN A 8 8.87 -58.01 2.05
C ASN A 8 9.21 -58.61 3.41
N THR A 9 8.61 -59.75 3.74
CA THR A 9 8.91 -60.43 5.00
C THR A 9 10.38 -60.85 5.05
N LYS A 10 10.89 -61.39 3.95
CA LYS A 10 12.31 -61.74 3.90
C LYS A 10 13.20 -60.51 4.07
N ILE A 11 12.83 -59.39 3.45
CA ILE A 11 13.63 -58.18 3.55
C ILE A 11 13.60 -57.64 4.98
N VAL A 12 12.41 -57.56 5.57
CA VAL A 12 12.28 -57.05 6.93
C VAL A 12 13.06 -57.93 7.91
N ASN A 13 12.97 -59.25 7.76
CA ASN A 13 13.73 -60.13 8.62
C ASN A 13 15.23 -59.99 8.40
N ARG A 14 15.66 -59.70 7.16
CA ARG A 14 17.08 -59.43 6.94
C ARG A 14 17.49 -58.09 7.55
N GLY A 15 16.61 -57.08 7.48
CA GLY A 15 16.89 -55.84 8.16
C GLY A 15 16.92 -56.00 9.67
N LYS A 16 16.05 -56.86 10.21
CA LYS A 16 16.04 -57.10 11.64
C LYS A 16 17.30 -57.80 12.11
N GLU A 17 17.72 -58.84 11.37
CA GLU A 17 18.99 -59.49 11.67
C GLU A 17 20.15 -58.51 11.51
N PHE A 18 20.02 -57.57 10.57
CA PHE A 18 21.06 -56.56 10.39
C PHE A 18 21.18 -55.67 11.63
N PHE A 19 20.05 -55.14 12.11
CA PHE A 19 20.07 -54.30 13.30
C PHE A 19 20.50 -55.09 14.54
N GLY A 20 19.99 -56.32 14.68
CA GLY A 20 20.35 -57.14 15.83
C GLY A 20 21.84 -57.40 15.93
N SER A 21 22.52 -57.49 14.78
CA SER A 21 23.97 -57.69 14.79
C SER A 21 24.74 -56.44 15.17
N ILE A 22 24.08 -55.28 15.21
CA ILE A 22 24.76 -54.05 15.61
C ILE A 22 24.02 -53.40 16.78
N GLU A 25 25.03 -50.18 19.15
CA GLU A 25 26.22 -49.61 18.53
C GLU A 25 25.83 -48.55 17.50
N LYS A 26 26.59 -47.46 17.47
CA LYS A 26 26.26 -46.30 16.67
C LYS A 26 27.44 -45.87 15.80
N PRO A 27 27.17 -45.25 14.66
CA PRO A 27 28.26 -44.61 13.90
C PRO A 27 28.92 -43.53 14.74
N SER A 28 30.20 -43.29 14.47
CA SER A 28 30.98 -42.37 15.28
C SER A 28 30.41 -40.96 15.26
N LEU A 29 29.77 -40.55 14.15
CA LEU A 29 29.15 -39.22 14.10
C LEU A 29 28.02 -39.10 15.13
N PHE A 30 27.40 -40.22 15.51
CA PHE A 30 26.34 -40.20 16.51
C PHE A 30 26.83 -40.62 17.89
N ASN A 31 28.15 -40.60 18.11
CA ASN A 31 28.74 -40.90 19.41
C ASN A 31 28.84 -39.60 20.20
N LYS A 32 27.88 -39.37 21.08
CA LYS A 32 27.78 -38.10 21.80
C LYS A 32 28.78 -37.99 22.96
N GLY A 33 29.76 -38.88 23.03
CA GLY A 33 30.89 -38.68 23.91
C GLY A 33 31.95 -37.84 23.24
N ALA A 34 32.15 -38.08 21.94
CA ALA A 34 33.12 -37.34 21.14
C ALA A 34 32.58 -35.95 20.80
N TRP A 35 33.51 -35.05 20.46
CA TRP A 35 33.14 -33.65 20.24
C TRP A 35 32.23 -33.48 19.04
N MET A 36 32.53 -34.17 17.93
CA MET A 36 31.70 -34.03 16.75
C MET A 36 30.31 -34.62 16.99
N GLY A 37 30.21 -35.65 17.83
CA GLY A 37 28.89 -36.16 18.22
C GLY A 37 28.10 -35.19 19.07
N LYS A 38 28.78 -34.39 19.89
CA LYS A 38 28.09 -33.38 20.68
C LYS A 38 27.65 -32.21 19.80
N ALA A 39 28.52 -31.77 18.89
CA ALA A 39 28.17 -30.67 18.01
C ALA A 39 27.00 -31.05 17.10
N MET A 40 27.00 -32.30 16.62
CA MET A 40 25.91 -32.73 15.76
C MET A 40 24.62 -32.96 16.54
N ASP A 41 24.74 -33.46 17.77
CA ASP A 41 23.55 -33.66 18.60
C ASP A 41 22.83 -32.34 18.85
N TRP A 42 23.58 -31.28 19.16
CA TRP A 42 22.94 -30.00 19.38
C TRP A 42 22.45 -29.39 18.07
N SER A 43 23.13 -29.68 16.96
CA SER A 43 22.63 -29.22 15.66
C SER A 43 21.30 -29.87 15.32
N MET A 44 21.11 -31.13 15.70
CA MET A 44 19.87 -31.82 15.39
C MET A 44 18.73 -31.40 16.30
N GLN A 45 19.04 -30.90 17.50
CA GLN A 45 18.02 -30.39 18.40
C GLN A 45 17.66 -28.95 18.11
N ASN A 46 18.62 -28.14 17.67
CA ASN A 46 18.43 -26.70 17.49
C ASN A 46 18.80 -26.32 16.07
N GLU A 47 17.78 -26.12 15.22
CA GLU A 47 18.01 -25.79 13.82
C GLU A 47 18.75 -24.46 13.67
N GLN A 48 18.52 -23.51 14.58
CA GLN A 48 19.29 -22.26 14.55
C GLN A 48 20.77 -22.53 14.74
N PHE A 49 21.13 -23.41 15.68
CA PHE A 49 22.55 -23.70 15.88
C PHE A 49 23.10 -24.50 14.70
N LYS A 50 22.30 -25.43 14.15
CA LYS A 50 22.75 -26.18 12.98
C LYS A 50 23.16 -25.22 11.86
N ILE A 51 22.31 -24.23 11.58
CA ILE A 51 22.60 -23.25 10.53
C ILE A 51 23.91 -22.52 10.82
N GLN A 52 24.08 -22.03 12.05
CA GLN A 52 25.31 -21.35 12.43
C GLN A 52 26.52 -22.26 12.26
N MET A 53 26.45 -23.48 12.79
CA MET A 53 27.60 -24.37 12.79
C MET A 53 27.98 -24.80 11.37
N PHE A 54 26.99 -25.14 10.55
CA PHE A 54 27.29 -25.64 9.21
C PHE A 54 27.79 -24.52 8.30
N ARG A 55 27.22 -23.32 8.41
CA ARG A 55 27.76 -22.20 7.66
C ARG A 55 29.15 -21.83 8.15
N PHE A 56 29.44 -22.04 9.44
CA PHE A 56 30.79 -21.76 9.95
C PHE A 56 31.81 -22.72 9.37
N VAL A 57 31.48 -24.01 9.31
CA VAL A 57 32.42 -24.97 8.72
C VAL A 57 32.67 -24.61 7.26
N ASP A 58 31.62 -24.17 6.56
CA ASP A 58 31.78 -23.79 5.15
C ASP A 58 32.76 -22.63 4.99
N VAL A 59 32.65 -21.59 5.84
CA VAL A 59 33.51 -20.42 5.70
C VAL A 59 34.90 -20.67 6.31
N PHE A 60 35.00 -21.66 7.19
CA PHE A 60 36.23 -21.91 7.97
C PHE A 60 37.52 -21.89 7.17
N PRO A 61 37.64 -22.53 5.99
CA PRO A 61 38.94 -22.51 5.29
C PRO A 61 39.40 -21.13 4.84
N SER A 62 38.50 -20.15 4.72
CA SER A 62 38.88 -18.79 4.36
CA SER A 62 38.88 -18.79 4.36
C SER A 62 39.32 -17.97 5.55
N LEU A 63 39.25 -18.53 6.77
CA LEU A 63 39.58 -17.79 7.98
C LEU A 63 41.07 -17.92 8.27
N THR A 64 41.86 -17.25 7.42
CA THR A 64 43.29 -17.49 7.29
C THR A 64 44.16 -16.63 8.21
N THR A 65 43.58 -15.72 8.97
CA THR A 65 44.31 -14.97 9.98
C THR A 65 43.64 -15.13 11.34
N SER A 66 44.41 -14.83 12.39
CA SER A 66 43.87 -14.87 13.75
C SER A 66 42.69 -13.94 13.92
N LYS A 67 42.73 -12.78 13.24
CA LYS A 67 41.67 -11.80 13.40
C LYS A 67 40.39 -12.26 12.70
N LEU A 68 40.51 -12.70 11.44
CA LEU A 68 39.36 -13.27 10.74
C LEU A 68 38.69 -14.37 11.54
N LEU A 69 39.49 -15.25 12.15
CA LEU A 69 38.95 -16.42 12.83
C LEU A 69 38.22 -16.02 14.10
N THR A 70 38.87 -15.21 14.95
CA THR A 70 38.25 -14.77 16.20
C THR A 70 36.94 -14.04 15.93
N GLU A 71 36.94 -13.13 14.96
CA GLU A 71 35.74 -12.33 14.70
C GLU A 71 34.60 -13.19 14.15
N HIS A 72 34.92 -14.14 13.27
CA HIS A 72 33.87 -15.00 12.72
C HIS A 72 33.31 -15.91 13.81
N ILE A 73 34.16 -16.36 14.73
CA ILE A 73 33.66 -17.23 15.81
C ILE A 73 32.64 -16.47 16.65
N ARG A 74 32.96 -15.23 17.02
CA ARG A 74 32.02 -14.43 17.80
C ARG A 74 30.76 -14.12 17.00
N GLU A 75 30.89 -13.79 15.71
CA GLU A 75 29.72 -13.40 14.93
C GLU A 75 28.80 -14.57 14.66
N TYR A 76 29.35 -15.78 14.57
CA TYR A 76 28.53 -16.97 14.34
C TYR A 76 27.96 -17.56 15.63
N PHE A 77 28.73 -17.54 16.71
CA PHE A 77 28.35 -18.27 17.92
C PHE A 77 28.10 -17.37 19.12
N GLY A 78 28.31 -16.06 19.01
CA GLY A 78 28.18 -15.19 20.16
C GLY A 78 29.43 -15.23 21.04
N ASN A 79 29.26 -14.74 22.27
CA ASN A 79 30.37 -14.75 23.22
C ASN A 79 30.40 -16.07 23.98
N GLU A 80 31.38 -16.20 24.88
CA GLU A 80 31.52 -17.43 25.66
C GLU A 80 30.31 -17.68 26.57
N GLN A 81 29.47 -16.68 26.79
CA GLN A 81 28.27 -16.86 27.61
C GLN A 81 27.16 -17.58 26.86
N ASP A 82 26.92 -17.21 25.60
CA ASP A 82 25.82 -17.76 24.82
C ASP A 82 26.16 -19.07 24.12
N MET A 83 27.42 -19.52 24.18
CA MET A 83 27.84 -20.70 23.45
C MET A 83 27.35 -21.98 24.12
N PRO A 84 27.28 -23.09 23.37
CA PRO A 84 26.91 -24.37 23.97
C PRO A 84 28.01 -24.87 24.91
N ALA A 85 27.64 -25.89 25.70
CA ALA A 85 28.53 -26.39 26.74
C ALA A 85 29.82 -26.93 26.15
N PHE A 86 29.73 -27.73 25.07
CA PHE A 86 30.91 -28.32 24.46
C PHE A 86 31.80 -27.30 23.75
N MET A 87 31.41 -26.03 23.74
CA MET A 87 32.24 -24.97 23.17
C MET A 87 32.66 -23.98 24.25
N LEU A 105 39.03 -21.45 22.09
CA LEU A 105 38.17 -21.05 20.98
C LEU A 105 38.87 -21.26 19.64
N ASN A 106 39.87 -20.41 19.35
CA ASN A 106 40.64 -20.56 18.12
C ASN A 106 41.36 -21.90 18.04
N LYS A 107 41.55 -22.57 19.18
CA LYS A 107 42.12 -23.92 19.20
C LYS A 107 41.05 -24.99 19.39
N VAL A 108 40.03 -24.70 20.19
CA VAL A 108 38.97 -25.68 20.44
C VAL A 108 38.25 -26.03 19.15
N LEU A 109 37.93 -25.02 18.32
CA LEU A 109 37.19 -25.28 17.10
C LEU A 109 38.09 -25.75 15.97
N THR A 110 39.29 -25.16 15.84
CA THR A 110 40.15 -25.44 14.68
C THR A 110 40.59 -26.89 14.66
N SER A 111 41.06 -27.41 15.80
CA SER A 111 41.52 -28.79 15.80
C SER A 111 40.35 -29.76 15.67
N ASN A 112 39.21 -29.42 16.27
CA ASN A 112 38.06 -30.32 16.21
C ASN A 112 37.45 -30.33 14.80
N ILE A 113 37.38 -29.17 14.15
CA ILE A 113 36.82 -29.13 12.80
C ILE A 113 37.75 -29.82 11.81
N GLU A 114 39.05 -29.56 11.92
CA GLU A 114 40.00 -30.26 11.05
C GLU A 114 39.96 -31.76 11.27
N GLU A 115 39.80 -32.18 12.54
CA GLU A 115 39.69 -33.62 12.80
C GLU A 115 38.40 -34.20 12.22
N MET A 116 37.30 -33.45 12.26
CA MET A 116 36.07 -33.92 11.63
C MET A 116 36.28 -34.18 10.14
N ALA A 117 36.92 -33.23 9.45
CA ALA A 117 37.08 -33.34 8.01
C ALA A 117 37.95 -34.54 7.64
N ARG A 118 38.97 -34.84 8.47
CA ARG A 118 39.81 -35.99 8.19
C ARG A 118 39.09 -37.31 8.39
N GLN A 119 37.98 -37.32 9.12
CA GLN A 119 37.19 -38.54 9.25
C GLN A 119 36.72 -39.05 7.90
N PHE A 120 36.48 -38.17 6.92
CA PHE A 120 35.86 -38.54 5.66
C PHE A 120 36.81 -38.60 4.49
N ILE A 121 38.11 -38.35 4.70
CA ILE A 121 39.06 -38.38 3.59
C ILE A 121 40.16 -39.38 3.91
N VAL A 122 40.67 -40.00 2.85
CA VAL A 122 41.69 -41.05 3.00
C VAL A 122 43.11 -40.49 2.95
N GLY A 123 43.26 -39.18 2.83
CA GLY A 123 44.59 -38.58 2.82
C GLY A 123 44.55 -37.21 2.20
N GLU A 124 45.64 -36.48 2.41
CA GLU A 124 45.80 -35.15 1.83
C GLU A 124 46.76 -35.12 0.65
N THR A 125 47.56 -36.16 0.47
CA THR A 125 48.44 -36.29 -0.68
C THR A 125 48.20 -37.64 -1.34
N THR A 126 48.68 -37.78 -2.57
CA THR A 126 48.55 -39.03 -3.29
C THR A 126 49.28 -40.15 -2.56
N LYS A 127 50.50 -39.89 -2.10
CA LYS A 127 51.27 -40.92 -1.41
C LYS A 127 50.58 -41.37 -0.13
N GLU A 128 50.01 -40.43 0.62
CA GLU A 128 49.28 -40.80 1.84
C GLU A 128 48.02 -41.60 1.51
N ALA A 129 47.29 -41.17 0.47
CA ALA A 129 46.08 -41.87 0.06
C ALA A 129 46.37 -43.32 -0.30
N VAL A 130 47.39 -43.54 -1.14
CA VAL A 130 47.73 -44.90 -1.56
C VAL A 130 48.10 -45.76 -0.36
N LYS A 131 48.85 -45.21 0.59
CA LYS A 131 49.19 -45.98 1.78
C LYS A 131 47.95 -46.33 2.61
N ASN A 132 47.03 -45.37 2.75
CA ASN A 132 45.82 -45.65 3.52
C ASN A 132 44.85 -46.56 2.74
N LEU A 133 44.83 -46.46 1.41
CA LEU A 133 44.03 -47.39 0.62
C LEU A 133 44.53 -48.83 0.77
N GLU A 134 45.85 -49.00 0.89
CA GLU A 134 46.41 -50.33 1.13
C GLU A 134 46.02 -50.85 2.51
N LYS A 135 45.99 -49.99 3.53
CA LYS A 135 45.52 -50.39 4.84
C LYS A 135 44.07 -50.86 4.79
N LEU A 136 43.23 -50.16 4.04
CA LEU A 136 41.84 -50.55 3.93
C LEU A 136 41.69 -51.92 3.29
N ARG A 137 42.52 -52.22 2.28
CA ARG A 137 42.49 -53.53 1.65
C ARG A 137 42.75 -54.63 2.67
N LYS A 138 43.73 -54.43 3.56
CA LYS A 138 44.03 -55.46 4.54
C LYS A 138 42.92 -55.57 5.59
N ASP A 139 42.09 -54.54 5.75
CA ASP A 139 40.87 -54.68 6.53
C ASP A 139 39.74 -55.32 5.74
N GLY A 140 39.94 -55.65 4.47
CA GLY A 140 38.94 -56.33 3.67
C GLY A 140 38.07 -55.46 2.79
N PHE A 141 38.40 -54.19 2.62
CA PHE A 141 37.59 -53.23 1.86
C PHE A 141 38.22 -52.88 0.53
N ALA A 142 37.44 -52.95 -0.54
CA ALA A 142 37.83 -52.33 -1.81
C ALA A 142 37.63 -50.83 -1.72
N ALA A 143 38.03 -50.11 -2.77
CA ALA A 143 37.86 -48.67 -2.79
C ALA A 143 37.56 -48.19 -4.20
N VAL A 144 36.88 -47.05 -4.28
CA VAL A 144 36.85 -46.22 -5.48
C VAL A 144 37.36 -44.85 -5.06
N VAL A 145 38.43 -44.39 -5.72
CA VAL A 145 39.18 -43.22 -5.28
C VAL A 145 38.70 -41.98 -6.02
N ASP A 146 38.55 -40.89 -5.28
CA ASP A 146 38.07 -39.63 -5.83
C ASP A 146 39.01 -38.50 -5.40
N VAL A 147 39.15 -37.50 -6.26
CA VAL A 147 40.08 -36.39 -6.05
C VAL A 147 39.28 -35.16 -5.60
N LEU A 148 39.53 -34.70 -4.37
CA LEU A 148 38.94 -33.45 -3.91
C LEU A 148 39.49 -32.26 -4.71
N GLY A 149 38.64 -31.28 -4.96
CA GLY A 149 39.09 -30.06 -5.60
C GLY A 149 38.10 -28.93 -5.41
N GLU A 150 38.64 -27.73 -5.29
CA GLU A 150 37.80 -26.56 -5.48
C GLU A 150 37.18 -26.61 -6.88
N ALA A 151 36.11 -25.86 -7.09
CA ALA A 151 35.46 -25.83 -8.39
C ALA A 151 36.48 -25.48 -9.47
N THR A 152 36.36 -26.16 -10.61
CA THR A 152 37.19 -25.87 -11.78
C THR A 152 36.68 -24.60 -12.45
N LEU A 153 37.48 -23.53 -12.39
CA LEU A 153 37.10 -22.26 -13.00
C LEU A 153 37.96 -21.89 -14.20
N SER A 154 38.91 -22.73 -14.59
CA SER A 154 39.75 -22.41 -15.72
C SER A 154 40.21 -23.69 -16.40
N GLU A 155 40.81 -23.52 -17.58
CA GLU A 155 41.45 -24.65 -18.25
C GLU A 155 42.64 -25.16 -17.43
N GLU A 156 43.43 -24.27 -16.85
CA GLU A 156 44.56 -24.71 -16.04
C GLU A 156 44.07 -25.55 -14.86
N GLU A 157 43.00 -25.12 -14.20
CA GLU A 157 42.46 -25.89 -13.08
C GLU A 157 41.94 -27.24 -13.55
N ALA A 158 41.28 -27.30 -14.72
CA ALA A 158 40.85 -28.59 -15.25
C ALA A 158 42.05 -29.50 -15.53
N GLU A 159 43.16 -28.91 -16.01
CA GLU A 159 44.37 -29.71 -16.22
C GLU A 159 44.97 -30.20 -14.90
N VAL A 160 44.99 -29.34 -13.87
CA VAL A 160 45.50 -29.78 -12.57
C VAL A 160 44.71 -30.97 -12.06
N TYR A 161 43.38 -30.88 -12.11
CA TYR A 161 42.51 -31.97 -11.69
C TYR A 161 42.78 -33.23 -12.51
N THR A 162 42.87 -33.08 -13.83
CA THR A 162 43.12 -34.23 -14.70
C THR A 162 44.46 -34.88 -14.37
N ASN A 163 45.52 -34.07 -14.26
CA ASN A 163 46.84 -34.62 -13.99
C ASN A 163 46.94 -35.25 -12.61
N THR A 164 46.06 -34.87 -11.68
CA THR A 164 46.07 -35.53 -10.38
C THR A 164 45.58 -36.96 -10.50
N TYR A 165 44.52 -37.20 -11.28
CA TYR A 165 44.10 -38.58 -11.54
C TYR A 165 45.19 -39.35 -12.25
N LEU A 166 45.85 -38.73 -13.23
CA LEU A 166 46.94 -39.40 -13.94
C LEU A 166 48.08 -39.72 -12.98
N GLU A 167 48.35 -38.83 -12.03
CA GLU A 167 49.38 -39.09 -11.03
C GLU A 167 48.97 -40.21 -10.11
N LEU A 168 47.71 -40.20 -9.65
CA LEU A 168 47.19 -41.26 -8.80
C LEU A 168 47.27 -42.61 -9.50
N LEU A 169 46.86 -42.66 -10.77
CA LEU A 169 46.87 -43.91 -11.51
C LEU A 169 48.28 -44.43 -11.68
N GLU A 170 49.26 -43.53 -11.85
CA GLU A 170 50.64 -43.98 -11.99
C GLU A 170 51.15 -44.56 -10.68
N ALA A 171 50.81 -43.93 -9.54
CA ALA A 171 51.17 -44.49 -8.25
C ALA A 171 50.50 -45.84 -8.02
N LEU A 172 49.22 -45.97 -8.35
CA LEU A 172 48.50 -47.23 -8.15
C LEU A 172 49.01 -48.30 -9.10
N LYS A 173 49.39 -47.92 -10.32
CA LYS A 173 49.94 -48.89 -11.27
C LYS A 173 51.16 -49.59 -10.68
N LYS A 174 52.02 -48.84 -10.00
CA LYS A 174 53.24 -49.43 -9.45
C LYS A 174 52.99 -50.28 -8.21
N GLU A 175 51.81 -50.19 -7.59
CA GLU A 175 51.55 -50.93 -6.36
C GLU A 175 50.62 -52.13 -6.55
N GLN A 176 49.67 -52.09 -7.49
CA GLN A 176 48.59 -53.07 -7.48
C GLN A 176 49.12 -54.48 -7.74
N GLY A 177 50.23 -54.61 -8.46
CA GLY A 177 50.82 -55.92 -8.67
C GLY A 177 51.17 -56.64 -7.38
N SER A 178 51.40 -55.91 -6.31
CA SER A 178 51.75 -56.51 -5.02
C SER A 178 50.55 -56.75 -4.13
N TRP A 179 49.35 -56.33 -4.54
CA TRP A 179 48.15 -56.52 -3.74
C TRP A 179 47.56 -57.88 -4.05
N LYS A 180 47.25 -58.65 -3.01
CA LYS A 180 46.45 -59.85 -3.17
C LYS A 180 44.99 -59.45 -3.34
N GLY A 181 44.30 -60.11 -4.27
CA GLY A 181 42.88 -59.85 -4.43
C GLY A 181 42.12 -60.16 -3.14
N LEU A 182 41.11 -59.35 -2.86
CA LEU A 182 40.24 -59.63 -1.74
C LEU A 182 39.63 -61.02 -1.89
N PRO A 183 39.42 -61.76 -0.79
CA PRO A 183 39.02 -63.15 -0.92
C PRO A 183 37.62 -63.28 -1.49
N GLY A 184 37.46 -64.28 -2.36
CA GLY A 184 36.18 -64.54 -2.99
C GLY A 184 35.87 -66.03 -2.98
N LYS A 185 34.75 -66.38 -3.60
CA LYS A 185 34.28 -67.75 -3.67
C LYS A 185 34.86 -68.50 -4.86
N GLY A 186 35.68 -67.86 -5.67
CA GLY A 186 36.23 -68.49 -6.85
C GLY A 186 36.61 -67.44 -7.87
N GLY A 187 37.32 -67.90 -8.89
CA GLY A 187 37.77 -67.00 -9.94
C GLY A 187 39.25 -66.66 -9.84
N ASP A 188 39.60 -65.46 -10.25
CA ASP A 188 40.98 -65.02 -10.38
C ASP A 188 41.50 -64.53 -9.03
N PRO A 189 42.49 -65.21 -8.43
CA PRO A 189 43.04 -64.73 -7.14
C PRO A 189 43.78 -63.41 -7.26
N GLY A 190 44.09 -62.93 -8.46
CA GLY A 190 44.64 -61.60 -8.61
C GLY A 190 43.62 -60.48 -8.69
N LEU A 191 42.33 -60.81 -8.75
CA LEU A 191 41.26 -59.84 -8.83
C LEU A 191 40.47 -59.83 -7.51
N ASP A 192 39.84 -58.69 -7.22
CA ASP A 192 39.08 -58.60 -5.99
C ASP A 192 37.84 -59.47 -6.04
N TRP A 193 37.66 -60.31 -5.02
CA TRP A 193 36.61 -61.33 -4.96
C TRP A 193 36.66 -62.29 -6.13
N GLY A 194 37.76 -62.31 -6.88
CA GLY A 194 37.90 -63.18 -8.04
C GLY A 194 37.55 -62.54 -9.37
N HIS A 195 37.03 -61.30 -9.38
CA HIS A 195 36.56 -60.74 -10.64
C HIS A 195 36.75 -59.22 -10.74
N ALA A 196 36.83 -58.51 -9.61
CA ALA A 196 36.79 -57.06 -9.82
C ALA A 196 38.20 -56.48 -9.98
N PRO A 197 38.36 -55.51 -10.89
CA PRO A 197 39.61 -54.74 -10.96
C PRO A 197 39.97 -54.12 -9.61
N LYS A 198 41.24 -54.21 -9.26
CA LYS A 198 41.70 -53.66 -7.98
C LYS A 198 41.75 -52.13 -7.99
N VAL A 199 41.96 -51.50 -9.15
CA VAL A 199 42.00 -50.05 -9.24
C VAL A 199 40.68 -49.55 -9.81
N ASN A 200 40.05 -48.63 -9.09
CA ASN A 200 38.72 -48.13 -9.38
C ASN A 200 38.71 -46.67 -8.98
N ILE A 201 38.44 -45.77 -9.92
CA ILE A 201 38.45 -44.34 -9.65
C ILE A 201 37.12 -43.76 -10.12
N ALA A 202 36.73 -42.65 -9.49
CA ALA A 202 35.54 -41.90 -9.87
C ALA A 202 35.94 -40.48 -10.22
N VAL A 203 35.32 -39.93 -11.27
CA VAL A 203 35.64 -38.60 -11.75
C VAL A 203 34.36 -37.77 -11.82
N LYS A 204 34.45 -36.48 -11.43
CA LYS A 204 33.33 -35.56 -11.55
C LYS A 204 33.42 -34.84 -12.88
N PRO A 205 32.53 -35.12 -13.84
CA PRO A 205 32.70 -34.58 -15.20
C PRO A 205 32.83 -33.06 -15.31
N THR A 206 32.05 -32.28 -14.56
CA THR A 206 32.14 -30.82 -14.73
C THR A 206 33.44 -30.27 -14.18
N TRP A 207 34.14 -31.02 -13.31
CA TRP A 207 35.47 -30.60 -12.91
C TRP A 207 36.46 -30.63 -14.08
N LEU A 208 36.07 -31.17 -15.22
CA LEU A 208 36.91 -31.21 -16.41
C LEU A 208 36.67 -30.05 -17.37
N PHE A 209 35.71 -29.16 -17.10
CA PHE A 209 35.43 -28.06 -18.02
C PHE A 209 34.69 -26.96 -17.29
N CYS A 210 35.33 -25.79 -17.15
CA CYS A 210 34.78 -24.73 -16.30
C CYS A 210 33.56 -24.07 -16.90
N LEU A 211 33.29 -24.26 -18.19
CA LEU A 211 32.12 -23.65 -18.83
C LEU A 211 31.06 -24.70 -19.19
N ALA A 212 31.05 -25.86 -18.51
CA ALA A 212 30.06 -26.88 -18.80
C ALA A 212 28.65 -26.33 -18.60
N ASN A 213 27.82 -26.46 -19.63
CA ASN A 213 26.54 -25.75 -19.69
C ASN A 213 25.75 -26.31 -20.86
N PRO A 214 24.52 -26.80 -20.64
CA PRO A 214 23.76 -27.38 -21.77
C PRO A 214 23.33 -26.36 -22.81
N GLN A 215 23.47 -25.06 -22.50
CA GLN A 215 23.29 -24.05 -23.54
C GLN A 215 24.28 -24.23 -24.67
N ASP A 216 25.49 -24.72 -24.37
CA ASP A 216 26.43 -25.18 -25.39
C ASP A 216 26.68 -26.67 -25.18
N PHE A 217 25.68 -27.46 -25.56
CA PHE A 217 25.67 -28.88 -25.24
C PHE A 217 26.83 -29.60 -25.92
N GLU A 218 26.99 -29.42 -27.22
CA GLU A 218 28.05 -30.14 -27.92
C GLU A 218 29.42 -29.72 -27.41
N GLY A 219 29.64 -28.42 -27.28
CA GLY A 219 30.93 -27.95 -26.79
C GLY A 219 31.27 -28.49 -25.41
N SER A 220 30.25 -28.61 -24.55
CA SER A 220 30.47 -29.10 -23.19
C SER A 220 30.76 -30.59 -23.18
N VAL A 221 30.04 -31.36 -24.00
CA VAL A 221 30.28 -32.79 -24.11
C VAL A 221 31.71 -33.05 -24.59
N VAL A 222 32.14 -32.32 -25.63
CA VAL A 222 33.45 -32.57 -26.23
C VAL A 222 34.57 -32.19 -25.27
N ALA A 223 34.46 -31.04 -24.63
CA ALA A 223 35.52 -30.61 -23.72
C ALA A 223 35.69 -31.59 -22.57
N ILE A 224 34.57 -32.08 -22.02
CA ILE A 224 34.63 -33.05 -20.93
C ILE A 224 35.13 -34.39 -21.43
N LEU A 225 34.59 -34.86 -22.55
CA LEU A 225 34.96 -36.16 -23.09
C LEU A 225 36.46 -36.22 -23.39
N ASP A 226 37.03 -35.13 -23.92
CA ASP A 226 38.44 -35.15 -24.28
C ASP A 226 39.34 -35.36 -23.07
N ARG A 227 39.00 -34.73 -21.94
CA ARG A 227 39.78 -34.99 -20.73
C ARG A 227 39.43 -36.34 -20.12
N MET A 228 38.14 -36.72 -20.13
CA MET A 228 37.77 -38.02 -19.59
C MET A 228 38.45 -39.15 -20.36
N ARG A 229 38.62 -38.97 -21.68
CA ARG A 229 39.29 -39.98 -22.49
C ARG A 229 40.76 -40.12 -22.07
N ARG A 230 41.43 -39.00 -21.77
CA ARG A 230 42.83 -39.08 -21.36
C ARG A 230 42.97 -39.86 -20.06
N ILE A 231 42.06 -39.62 -19.10
CA ILE A 231 42.06 -40.40 -17.86
C ILE A 231 41.74 -41.87 -18.16
N PHE A 232 40.73 -42.11 -19.01
CA PHE A 232 40.28 -43.48 -19.26
C PHE A 232 41.36 -44.33 -19.91
N LYS A 233 42.12 -43.76 -20.86
CA LYS A 233 43.23 -44.51 -21.45
C LYS A 233 44.23 -44.96 -20.38
N LYS A 234 44.55 -44.09 -19.43
CA LYS A 234 45.44 -44.50 -18.35
C LYS A 234 44.80 -45.59 -17.51
N VAL A 235 43.50 -45.46 -17.24
CA VAL A 235 42.77 -46.51 -16.50
C VAL A 235 42.87 -47.85 -17.22
N MET A 236 42.69 -47.84 -18.55
CA MET A 236 42.69 -49.10 -19.28
C MET A 236 44.07 -49.72 -19.32
N GLU A 237 45.12 -48.90 -19.35
CA GLU A 237 46.48 -49.42 -19.22
C GLU A 237 46.68 -50.17 -17.91
N LEU A 238 45.98 -49.79 -16.85
CA LEU A 238 46.06 -50.45 -15.57
C LEU A 238 45.09 -51.62 -15.46
N ASN A 239 44.27 -51.86 -16.50
CA ASN A 239 43.12 -52.75 -16.42
C ASN A 239 42.23 -52.38 -15.22
N GLY A 240 41.99 -51.09 -15.05
CA GLY A 240 41.22 -50.58 -13.93
C GLY A 240 39.79 -50.24 -14.33
N PHE A 241 39.05 -49.72 -13.36
CA PHE A 241 37.65 -49.33 -13.53
C PHE A 241 37.55 -47.81 -13.40
N LEU A 242 36.80 -47.20 -14.32
CA LEU A 242 36.47 -45.78 -14.26
C LEU A 242 34.96 -45.63 -14.06
N CYS A 243 34.56 -44.90 -13.03
CA CYS A 243 33.16 -44.55 -12.82
C CYS A 243 32.98 -43.06 -13.08
N ILE A 244 32.04 -42.74 -13.96
CA ILE A 244 31.68 -41.35 -14.23
C ILE A 244 30.57 -40.96 -13.26
N ASP A 245 30.89 -40.08 -12.31
CA ASP A 245 29.92 -39.65 -11.31
C ASP A 245 28.85 -38.76 -11.95
N MET A 246 27.71 -38.66 -11.27
CA MET A 246 26.59 -37.87 -11.78
C MET A 246 26.43 -36.65 -10.88
N GLU A 247 26.26 -35.48 -11.49
CA GLU A 247 26.20 -34.24 -10.74
C GLU A 247 24.79 -33.64 -10.80
N SER A 248 24.68 -32.31 -10.88
CA SER A 248 23.34 -31.72 -10.76
C SER A 248 22.56 -31.90 -12.05
N TYR A 249 21.24 -31.67 -11.95
CA TYR A 249 20.34 -31.95 -13.08
C TYR A 249 20.73 -31.14 -14.32
N ARG A 250 21.26 -29.93 -14.11
CA ARG A 250 21.75 -29.09 -15.20
C ARG A 250 22.68 -29.84 -16.16
N HIS A 251 23.50 -30.76 -15.66
CA HIS A 251 24.47 -31.46 -16.49
C HIS A 251 24.17 -32.93 -16.71
N LYS A 252 23.00 -33.41 -16.28
CA LYS A 252 22.72 -34.85 -16.36
C LYS A 252 22.78 -35.36 -17.81
N GLU A 253 22.11 -34.66 -18.74
CA GLU A 253 22.13 -35.16 -20.11
C GLU A 253 23.51 -35.06 -20.72
N ILE A 254 24.25 -34.00 -20.40
CA ILE A 254 25.64 -33.88 -20.85
C ILE A 254 26.43 -35.11 -20.41
N ILE A 255 26.29 -35.47 -19.14
CA ILE A 255 27.10 -36.55 -18.58
C ILE A 255 26.71 -37.89 -19.19
N LEU A 256 25.41 -38.13 -19.38
CA LEU A 256 24.97 -39.35 -20.05
C LEU A 256 25.62 -39.46 -21.43
N GLU A 257 25.68 -38.35 -22.15
CA GLU A 257 26.20 -38.39 -23.52
C GLU A 257 27.71 -38.62 -23.51
N VAL A 258 28.42 -38.04 -22.54
CA VAL A 258 29.84 -38.34 -22.39
C VAL A 258 30.04 -39.84 -22.17
N PHE A 259 29.26 -40.43 -21.27
CA PHE A 259 29.39 -41.86 -21.00
C PHE A 259 29.14 -42.68 -22.25
N ARG A 260 28.07 -42.36 -22.99
CA ARG A 260 27.72 -43.15 -24.16
C ARG A 260 28.79 -43.04 -25.25
N ARG A 261 29.34 -41.85 -25.47
CA ARG A 261 30.39 -41.70 -26.49
C ARG A 261 31.64 -42.47 -26.09
N LEU A 262 32.08 -42.29 -24.85
CA LEU A 262 33.30 -42.96 -24.40
C LEU A 262 33.13 -44.47 -24.45
N LYS A 263 31.96 -44.96 -24.02
CA LYS A 263 31.69 -46.39 -24.06
C LYS A 263 31.80 -46.93 -25.49
N LEU A 264 31.23 -46.20 -26.46
CA LEU A 264 31.26 -46.70 -27.84
C LEU A 264 32.65 -46.61 -28.46
N GLU A 265 33.49 -45.68 -27.98
CA GLU A 265 34.88 -45.65 -28.46
C GLU A 265 35.66 -46.86 -27.99
N TYR A 266 35.29 -47.45 -26.85
CA TYR A 266 36.00 -48.59 -26.29
C TYR A 266 34.97 -49.67 -25.97
N ARG A 267 34.28 -50.11 -27.02
CA ARG A 267 33.07 -50.91 -26.84
C ARG A 267 33.36 -52.25 -26.18
N ASP A 268 34.59 -52.74 -26.25
CA ASP A 268 34.89 -54.03 -25.66
C ASP A 268 35.48 -53.92 -24.26
N TYR A 269 35.77 -52.72 -23.78
CA TYR A 269 36.35 -52.59 -22.44
C TYR A 269 35.25 -52.59 -21.40
N PRO A 270 35.24 -53.55 -20.46
CA PRO A 270 34.07 -53.73 -19.59
C PRO A 270 34.01 -52.80 -18.39
N HIS A 271 35.11 -52.20 -17.97
CA HIS A 271 35.20 -51.57 -16.64
C HIS A 271 34.95 -50.07 -16.72
N LEU A 272 33.76 -49.69 -17.18
CA LEU A 272 33.35 -48.31 -17.26
C LEU A 272 31.94 -48.19 -16.70
N GLY A 273 31.76 -47.31 -15.71
CA GLY A 273 30.49 -47.15 -15.04
C GLY A 273 29.96 -45.72 -15.10
N ILE A 274 28.67 -45.60 -14.80
CA ILE A 274 28.02 -44.30 -14.70
CA ILE A 274 27.97 -44.33 -14.74
C ILE A 274 27.08 -44.35 -13.50
N VAL A 275 26.95 -43.21 -12.84
CA VAL A 275 26.04 -43.04 -11.72
C VAL A 275 24.68 -42.64 -12.26
N LEU A 276 23.61 -43.24 -11.74
CA LEU A 276 22.24 -42.80 -11.98
C LEU A 276 21.55 -42.53 -10.65
N GLN A 277 20.73 -41.47 -10.61
CA GLN A 277 20.15 -40.97 -9.37
C GLN A 277 18.68 -41.34 -9.28
N ALA A 278 18.35 -42.21 -8.31
CA ALA A 278 16.96 -42.62 -8.11
C ALA A 278 16.07 -41.50 -7.59
N TYR A 279 16.63 -40.38 -7.13
CA TYR A 279 15.70 -39.34 -6.71
C TYR A 279 15.19 -38.51 -7.88
N LEU A 280 15.63 -38.77 -9.11
CA LEU A 280 15.13 -38.04 -10.28
C LEU A 280 13.91 -38.73 -10.85
N LYS A 281 12.84 -37.94 -11.06
CA LYS A 281 11.68 -38.45 -11.78
C LYS A 281 12.07 -39.01 -13.14
N ASP A 282 13.06 -38.40 -13.80
CA ASP A 282 13.56 -38.91 -15.08
C ASP A 282 14.19 -40.30 -15.00
N ASN A 283 14.58 -40.77 -13.81
CA ASN A 283 15.50 -41.91 -13.80
C ASN A 283 14.85 -43.21 -14.25
N ASP A 284 13.54 -43.40 -14.03
CA ASP A 284 12.90 -44.61 -14.54
C ASP A 284 13.12 -44.73 -16.05
N LYS A 285 12.90 -43.63 -16.76
CA LYS A 285 13.08 -43.60 -18.21
C LYS A 285 14.55 -43.64 -18.60
N ASP A 286 15.39 -42.85 -17.90
CA ASP A 286 16.81 -42.83 -18.24
C ASP A 286 17.43 -44.22 -18.09
N LEU A 287 17.06 -44.96 -17.05
CA LEU A 287 17.58 -46.32 -16.90
C LEU A 287 17.06 -47.24 -18.01
N ASP A 288 15.76 -47.17 -18.30
CA ASP A 288 15.22 -47.96 -19.42
C ASP A 288 15.96 -47.63 -20.71
N ASP A 289 16.15 -46.33 -20.99
CA ASP A 289 16.80 -45.90 -22.23
C ASP A 289 18.23 -46.42 -22.30
N LEU A 290 18.98 -46.30 -21.21
CA LEU A 290 20.39 -46.71 -21.21
C LEU A 290 20.52 -48.21 -21.41
N LEU A 291 19.63 -48.98 -20.77
CA LEU A 291 19.63 -50.43 -20.96
C LEU A 291 19.29 -50.79 -22.40
N ALA A 292 18.27 -50.13 -22.97
CA ALA A 292 17.92 -50.36 -24.38
C ALA A 292 19.05 -49.96 -25.30
N TRP A 293 19.70 -48.82 -25.01
CA TRP A 293 20.83 -48.36 -25.81
C TRP A 293 21.97 -49.35 -25.77
N ALA A 294 22.26 -49.93 -24.60
CA ALA A 294 23.35 -50.90 -24.50
C ALA A 294 23.02 -52.15 -25.30
N LYS A 295 21.76 -52.60 -25.25
CA LYS A 295 21.35 -53.76 -26.04
C LYS A 295 21.49 -53.48 -27.52
N GLU A 296 20.99 -52.31 -27.97
CA GLU A 296 21.08 -51.95 -29.38
C GLU A 296 22.53 -51.95 -29.87
N HIS A 297 23.44 -51.40 -29.09
CA HIS A 297 24.85 -51.32 -29.49
C HIS A 297 25.65 -52.56 -29.10
N LYS A 298 25.01 -53.56 -28.50
CA LYS A 298 25.65 -54.82 -28.14
C LYS A 298 26.85 -54.60 -27.23
N VAL A 299 26.73 -53.66 -26.30
CA VAL A 299 27.75 -53.42 -25.30
C VAL A 299 27.20 -53.79 -23.92
N GLN A 300 28.09 -53.87 -22.95
CA GLN A 300 27.72 -54.00 -21.55
C GLN A 300 28.02 -52.70 -20.83
N ILE A 301 27.36 -52.48 -19.68
CA ILE A 301 27.56 -51.27 -18.88
C ILE A 301 27.64 -51.64 -17.41
N SER A 302 27.93 -50.63 -16.59
CA SER A 302 27.90 -50.74 -15.15
C SER A 302 27.23 -49.47 -14.62
N VAL A 303 26.32 -49.64 -13.66
CA VAL A 303 25.61 -48.50 -13.07
C VAL A 303 25.84 -48.52 -11.57
N ARG A 304 26.31 -47.41 -11.03
CA ARG A 304 26.25 -47.19 -9.60
C ARG A 304 24.95 -46.45 -9.32
N LEU A 305 23.97 -47.15 -8.76
CA LEU A 305 22.70 -46.52 -8.43
C LEU A 305 22.81 -45.83 -7.08
N VAL A 306 22.52 -44.54 -7.05
CA VAL A 306 22.47 -43.74 -5.84
C VAL A 306 21.08 -43.12 -5.76
N LYS A 307 20.74 -42.59 -4.59
CA LYS A 307 19.54 -41.78 -4.52
C LYS A 307 19.80 -40.38 -5.09
N GLY A 308 20.75 -39.65 -4.53
CA GLY A 308 21.19 -38.41 -5.13
C GLY A 308 21.65 -37.40 -4.09
N ALA A 309 22.59 -36.53 -4.50
CA ALA A 309 23.30 -35.68 -3.55
C ALA A 309 22.85 -34.22 -3.54
N TYR A 310 21.94 -33.81 -4.43
CA TYR A 310 21.64 -32.39 -4.65
C TYR A 310 20.18 -32.05 -4.39
N TRP A 311 19.52 -32.78 -3.48
CA TRP A 311 18.07 -32.68 -3.36
C TRP A 311 17.61 -31.26 -3.06
N ASP A 312 18.14 -30.64 -2.00
CA ASP A 312 17.72 -29.28 -1.67
C ASP A 312 17.99 -28.33 -2.82
N TYR A 313 19.16 -28.43 -3.44
CA TYR A 313 19.53 -27.53 -4.53
C TYR A 313 18.55 -27.65 -5.69
N GLU A 314 18.24 -28.90 -6.10
CA GLU A 314 17.34 -29.08 -7.25
C GLU A 314 15.96 -28.52 -6.96
N THR A 315 15.48 -28.69 -5.73
CA THR A 315 14.15 -28.20 -5.40
C THR A 315 14.11 -26.68 -5.44
N VAL A 316 15.12 -26.05 -4.84
CA VAL A 316 15.21 -24.59 -4.81
C VAL A 316 15.36 -24.04 -6.22
N LYS A 317 16.32 -24.59 -6.98
CA LYS A 317 16.62 -24.05 -8.30
C LYS A 317 15.41 -24.13 -9.21
N ALA A 318 14.68 -25.25 -9.18
CA ALA A 318 13.49 -25.37 -10.02
C ALA A 318 12.43 -24.36 -9.60
N LYS A 319 12.22 -24.19 -8.28
CA LYS A 319 11.22 -23.23 -7.79
C LYS A 319 11.61 -21.80 -8.14
N GLN A 320 12.91 -21.51 -8.16
CA GLN A 320 13.36 -20.17 -8.54
C GLN A 320 13.11 -19.86 -10.01
N ASN A 321 12.83 -20.87 -10.84
CA ASN A 321 12.75 -20.66 -12.28
C ASN A 321 11.43 -21.14 -12.89
N ASP A 322 10.42 -21.43 -12.05
CA ASP A 322 9.15 -22.02 -12.50
C ASP A 322 9.37 -23.23 -13.42
N TRP A 323 10.35 -24.06 -13.08
CA TRP A 323 10.56 -25.35 -13.72
C TRP A 323 9.91 -26.44 -12.89
N GLU A 324 9.51 -27.52 -13.56
CA GLU A 324 9.09 -28.71 -12.83
C GLU A 324 10.23 -29.19 -11.96
N VAL A 325 9.93 -29.47 -10.70
CA VAL A 325 10.96 -29.96 -9.77
C VAL A 325 11.40 -31.34 -10.27
N PRO A 326 12.68 -31.53 -10.58
CA PRO A 326 13.11 -32.80 -11.19
C PRO A 326 13.23 -33.96 -10.21
N VAL A 327 13.24 -33.68 -8.91
CA VAL A 327 13.39 -34.71 -7.89
C VAL A 327 12.01 -35.04 -7.33
N TRP A 328 11.84 -36.29 -6.91
CA TRP A 328 10.76 -36.60 -5.97
C TRP A 328 10.90 -35.73 -4.73
N THR A 329 9.78 -35.36 -4.09
CA THR A 329 9.84 -34.52 -2.90
C THR A 329 9.28 -35.19 -1.64
N ILE A 330 8.85 -36.44 -1.71
CA ILE A 330 8.62 -37.26 -0.53
C ILE A 330 9.80 -38.23 -0.43
N LYS A 331 10.47 -38.25 0.72
CA LYS A 331 11.71 -39.01 0.81
C LYS A 331 11.48 -40.48 0.49
N ALA A 332 10.35 -41.04 0.93
CA ALA A 332 10.03 -42.43 0.63
C ALA A 332 9.88 -42.70 -0.86
N GLU A 333 9.57 -41.69 -1.66
CA GLU A 333 9.49 -41.89 -3.11
C GLU A 333 10.86 -42.19 -3.71
N SER A 334 11.92 -41.58 -3.18
CA SER A 334 13.28 -41.92 -3.62
C SER A 334 13.67 -43.32 -3.18
N ASP A 335 13.30 -43.72 -1.96
CA ASP A 335 13.55 -45.08 -1.50
C ASP A 335 12.83 -46.09 -2.38
N ALA A 336 11.55 -45.83 -2.67
CA ALA A 336 10.79 -46.74 -3.53
C ALA A 336 11.37 -46.79 -4.94
N ALA A 337 11.74 -45.63 -5.49
CA ALA A 337 12.37 -45.62 -6.81
C ALA A 337 13.66 -46.43 -6.82
N TYR A 338 14.46 -46.31 -5.76
CA TYR A 338 15.72 -47.07 -5.70
C TYR A 338 15.47 -48.56 -5.76
N GLU A 339 14.53 -49.05 -4.95
CA GLU A 339 14.28 -50.50 -4.93
C GLU A 339 13.71 -50.96 -6.26
N ARG A 340 12.86 -50.15 -6.89
CA ARG A 340 12.29 -50.49 -8.18
C ARG A 340 13.35 -50.48 -9.28
N GLN A 341 14.24 -49.49 -9.25
CA GLN A 341 15.30 -49.39 -10.25
C GLN A 341 16.42 -50.40 -10.00
N ALA A 342 16.74 -50.69 -8.74
CA ALA A 342 17.70 -51.77 -8.48
C ALA A 342 17.18 -53.11 -8.98
N ARG A 343 15.87 -53.36 -8.84
CA ARG A 343 15.32 -54.60 -9.40
C ARG A 343 15.51 -54.64 -10.91
N LYS A 344 15.25 -53.52 -11.59
CA LYS A 344 15.39 -53.48 -13.05
C LYS A 344 16.83 -53.78 -13.47
N ILE A 345 17.81 -53.21 -12.76
CA ILE A 345 19.20 -53.50 -13.07
C ILE A 345 19.51 -54.98 -12.83
N LEU A 346 19.05 -55.52 -11.70
CA LEU A 346 19.35 -56.90 -11.36
C LEU A 346 18.69 -57.87 -12.34
N GLU A 347 17.47 -57.56 -12.79
CA GLU A 347 16.85 -58.33 -13.85
C GLU A 347 17.74 -58.36 -15.09
N ASN A 348 18.43 -57.25 -15.37
CA ASN A 348 19.30 -57.12 -16.54
C ASN A 348 20.77 -57.37 -16.21
N HIS A 349 21.07 -58.24 -15.25
CA HIS A 349 22.46 -58.40 -14.81
C HIS A 349 23.38 -58.90 -15.90
N GLN A 350 22.86 -59.57 -16.94
CA GLN A 350 23.75 -60.02 -17.99
C GLN A 350 24.36 -58.85 -18.75
N ILE A 351 23.63 -57.74 -18.87
CA ILE A 351 24.14 -56.59 -19.58
C ILE A 351 24.64 -55.49 -18.65
N CYS A 352 24.18 -55.46 -17.39
CA CYS A 352 24.43 -54.30 -16.54
C CYS A 352 24.93 -54.75 -15.17
N HIS A 353 26.23 -54.53 -14.94
CA HIS A 353 26.82 -54.67 -13.63
C HIS A 353 26.25 -53.60 -12.69
N PHE A 354 26.13 -53.94 -11.40
CA PHE A 354 25.39 -53.13 -10.44
C PHE A 354 26.27 -52.79 -9.24
N ALA A 355 26.35 -51.49 -8.88
CA ALA A 355 26.94 -51.07 -7.61
C ALA A 355 25.84 -50.43 -6.77
N CYS A 356 25.45 -51.11 -5.69
CA CYS A 356 24.46 -50.59 -4.76
C CYS A 356 25.14 -49.60 -3.83
N ALA A 357 24.83 -48.32 -3.96
CA ALA A 357 25.49 -47.27 -3.19
C ALA A 357 24.47 -46.63 -2.26
N SER A 358 24.40 -47.13 -1.03
CA SER A 358 23.45 -46.65 -0.04
C SER A 358 23.95 -47.03 1.34
N HIS A 359 23.60 -46.22 2.32
CA HIS A 359 23.84 -46.54 3.72
C HIS A 359 22.59 -47.01 4.43
N ASN A 360 21.49 -47.15 3.71
CA ASN A 360 20.18 -47.46 4.26
C ASN A 360 20.03 -48.98 4.37
N ILE A 361 19.79 -49.47 5.59
CA ILE A 361 19.74 -50.92 5.83
C ILE A 361 18.54 -51.54 5.13
N ARG A 362 17.40 -50.84 5.11
CA ARG A 362 16.26 -51.32 4.32
C ARG A 362 16.65 -51.48 2.86
N THR A 363 17.26 -50.44 2.28
CA THR A 363 17.65 -50.45 0.88
C THR A 363 18.64 -51.57 0.59
N ILE A 364 19.65 -51.71 1.45
CA ILE A 364 20.64 -52.77 1.24
C ILE A 364 19.99 -54.13 1.36
N SER A 365 19.13 -54.31 2.37
CA SER A 365 18.49 -55.60 2.58
C SER A 365 17.57 -55.95 1.40
N ALA A 366 16.88 -54.94 0.85
CA ALA A 366 16.03 -55.17 -0.30
C ALA A 366 16.83 -55.65 -1.50
N VAL A 367 17.98 -55.01 -1.75
CA VAL A 367 18.82 -55.40 -2.87
C VAL A 367 19.35 -56.82 -2.68
N MET A 368 19.76 -57.16 -1.44
CA MET A 368 20.30 -58.50 -1.21
C MET A 368 19.25 -59.58 -1.47
N GLU A 369 18.01 -59.34 -1.08
CA GLU A 369 16.97 -60.36 -1.30
C GLU A 369 16.51 -60.41 -2.75
N MET A 370 16.42 -59.25 -3.41
CA MET A 370 16.10 -59.25 -4.83
C MET A 370 17.16 -60.00 -5.63
N ALA A 371 18.43 -59.85 -5.25
CA ALA A 371 19.49 -60.58 -5.94
C ALA A 371 19.33 -62.08 -5.74
N ARG A 372 18.92 -62.51 -4.55
CA ARG A 372 18.64 -63.92 -4.32
C ARG A 372 17.40 -64.38 -5.07
N GLU A 373 16.32 -63.57 -5.04
CA GLU A 373 15.11 -63.94 -5.78
C GLU A 373 15.41 -64.13 -7.25
N LEU A 374 16.21 -63.24 -7.84
CA LEU A 374 16.54 -63.29 -9.26
C LEU A 374 17.75 -64.17 -9.57
N ASN A 375 18.34 -64.79 -8.55
CA ASN A 375 19.49 -65.70 -8.71
C ASN A 375 20.64 -65.02 -9.47
N VAL A 376 20.91 -63.76 -9.11
CA VAL A 376 21.95 -62.99 -9.80
C VAL A 376 23.33 -63.49 -9.37
N PRO A 377 24.23 -63.79 -10.29
CA PRO A 377 25.61 -64.16 -9.90
C PRO A 377 26.27 -63.02 -9.13
N GLU A 378 27.08 -63.39 -8.14
CA GLU A 378 27.66 -62.38 -7.26
C GLU A 378 28.60 -61.44 -8.00
N ASP A 379 29.20 -61.89 -9.12
CA ASP A 379 30.11 -60.99 -9.82
C ASP A 379 29.39 -59.90 -10.59
N ARG A 380 28.06 -59.83 -10.52
CA ARG A 380 27.30 -58.78 -11.18
C ARG A 380 26.78 -57.71 -10.22
N TYR A 381 27.04 -57.83 -8.91
CA TYR A 381 26.68 -56.73 -8.01
C TYR A 381 27.63 -56.66 -6.83
N GLU A 382 27.86 -55.44 -6.36
CA GLU A 382 28.67 -55.13 -5.21
C GLU A 382 28.01 -54.00 -4.44
N PHE A 383 28.52 -53.71 -3.24
CA PHE A 383 27.97 -52.68 -2.38
C PHE A 383 29.01 -51.59 -2.11
N GLN A 384 28.55 -50.33 -2.05
CA GLN A 384 29.44 -49.19 -1.84
C GLN A 384 28.89 -48.27 -0.76
N VAL A 385 29.77 -47.79 0.10
CA VAL A 385 29.43 -46.76 1.08
C VAL A 385 30.53 -45.69 1.04
N LEU A 386 30.20 -44.53 1.59
CA LEU A 386 31.19 -43.46 1.67
C LEU A 386 32.15 -43.73 2.81
N TYR A 387 33.44 -43.51 2.55
CA TYR A 387 34.47 -43.59 3.59
C TYR A 387 34.06 -42.73 4.79
N GLY A 388 34.14 -43.31 5.98
CA GLY A 388 34.00 -42.55 7.20
C GLY A 388 32.60 -42.45 7.80
N MET A 389 31.60 -43.11 7.23
CA MET A 389 30.28 -43.05 7.84
C MET A 389 29.60 -44.41 7.81
N ALA A 390 28.52 -44.50 8.61
CA ALA A 390 27.68 -45.71 8.68
C ALA A 390 28.52 -46.97 8.95
N GLU A 391 29.54 -46.83 9.79
CA GLU A 391 30.45 -47.95 10.06
C GLU A 391 29.75 -49.25 10.44
N PRO A 392 28.73 -49.27 11.31
CA PRO A 392 28.09 -50.57 11.60
C PRO A 392 27.37 -51.15 10.40
N VAL A 393 26.79 -50.29 9.55
CA VAL A 393 26.21 -50.78 8.31
C VAL A 393 27.31 -51.32 7.39
N ARG A 394 28.45 -50.62 7.37
CA ARG A 394 29.61 -51.08 6.62
C ARG A 394 30.12 -52.43 7.13
N LYS A 395 30.30 -52.55 8.44
CA LYS A 395 30.78 -53.81 9.01
C LYS A 395 29.78 -54.94 8.73
N GLY A 396 28.49 -54.65 8.81
CA GLY A 396 27.49 -55.67 8.55
C GLY A 396 27.49 -56.14 7.11
N ILE A 397 27.62 -55.20 6.16
CA ILE A 397 27.73 -55.59 4.75
C ILE A 397 28.93 -56.48 4.55
N LEU A 398 30.08 -56.08 5.10
CA LEU A 398 31.28 -56.90 4.96
C LEU A 398 31.02 -58.31 5.50
N LYS A 399 30.33 -58.43 6.64
CA LYS A 399 30.13 -59.74 7.24
C LYS A 399 29.05 -60.55 6.52
N VAL A 400 28.03 -59.89 5.98
CA VAL A 400 26.92 -60.59 5.34
C VAL A 400 27.22 -60.83 3.86
N ALA A 401 27.53 -59.76 3.13
CA ALA A 401 27.77 -59.84 1.70
C ALA A 401 29.22 -60.14 1.35
N GLY A 402 30.16 -59.38 1.93
CA GLY A 402 31.56 -59.60 1.68
C GLY A 402 32.17 -58.77 0.59
N ARG A 403 31.35 -58.09 -0.23
CA ARG A 403 31.87 -57.32 -1.36
C ARG A 403 31.46 -55.86 -1.11
N ILE A 404 32.35 -55.11 -0.46
CA ILE A 404 32.05 -53.75 -0.03
C ILE A 404 33.22 -52.85 -0.44
N ARG A 405 32.91 -51.77 -1.16
CA ARG A 405 33.89 -50.83 -1.67
C ARG A 405 33.63 -49.45 -1.07
N LEU A 406 34.69 -48.82 -0.55
CA LEU A 406 34.57 -47.50 0.05
C LEU A 406 34.88 -46.41 -0.97
N TYR A 407 33.97 -45.45 -1.11
CA TYR A 407 34.24 -44.25 -1.89
C TYR A 407 35.17 -43.35 -1.07
N ALA A 408 36.38 -43.15 -1.56
CA ALA A 408 37.47 -42.62 -0.74
C ALA A 408 38.04 -41.36 -1.38
N PRO A 409 37.60 -40.18 -0.97
CA PRO A 409 38.17 -38.95 -1.51
C PRO A 409 39.48 -38.58 -0.80
N TYR A 410 40.33 -37.87 -1.53
CA TYR A 410 41.58 -37.41 -0.94
C TYR A 410 41.97 -36.08 -1.57
N GLY A 411 42.75 -35.30 -0.82
CA GLY A 411 43.26 -34.06 -1.34
C GLY A 411 43.27 -32.97 -0.30
N ASN A 412 43.19 -31.73 -0.78
CA ASN A 412 43.45 -30.56 0.04
C ASN A 412 42.32 -30.31 1.04
N MET A 413 42.69 -29.79 2.21
CA MET A 413 41.72 -29.54 3.27
C MET A 413 40.68 -28.47 2.88
N VAL A 414 40.96 -27.60 1.92
CA VAL A 414 39.99 -26.56 1.60
C VAL A 414 38.75 -27.22 0.97
N PRO A 415 38.86 -27.94 -0.14
CA PRO A 415 37.68 -28.69 -0.61
C PRO A 415 37.28 -29.83 0.32
N GLY A 416 38.20 -30.31 1.17
CA GLY A 416 37.83 -31.27 2.20
C GLY A 416 36.84 -30.71 3.20
N MET A 417 36.92 -29.40 3.47
CA MET A 417 35.95 -28.77 4.37
C MET A 417 34.57 -28.68 3.75
N GLY A 418 34.49 -28.29 2.46
CA GLY A 418 33.21 -28.31 1.79
C GLY A 418 32.61 -29.70 1.74
N TYR A 419 33.46 -30.71 1.50
CA TYR A 419 32.98 -32.09 1.52
C TYR A 419 32.42 -32.45 2.89
N LEU A 420 33.10 -32.01 3.96
CA LEU A 420 32.65 -32.28 5.31
C LEU A 420 31.25 -31.72 5.55
N VAL A 421 31.01 -30.47 5.14
CA VAL A 421 29.68 -29.87 5.28
C VAL A 421 28.62 -30.76 4.65
N ARG A 422 28.89 -31.23 3.42
CA ARG A 422 27.91 -32.07 2.74
C ARG A 422 27.65 -33.36 3.50
N ARG A 423 28.69 -33.94 4.10
CA ARG A 423 28.52 -35.15 4.89
C ARG A 423 27.76 -34.86 6.18
N LEU A 424 28.03 -33.72 6.82
CA LEU A 424 27.27 -33.36 8.03
C LEU A 424 25.81 -33.12 7.69
N LEU A 425 25.54 -32.44 6.56
CA LEU A 425 24.16 -32.28 6.11
C LEU A 425 23.50 -33.62 5.88
N GLU A 426 24.21 -34.54 5.22
CA GLU A 426 23.63 -35.84 4.90
C GLU A 426 23.26 -36.63 6.17
N ASN A 427 24.14 -36.62 7.17
CA ASN A 427 23.93 -37.47 8.35
C ASN A 427 22.91 -36.90 9.31
N THR A 428 22.72 -35.58 9.34
CA THR A 428 21.84 -34.93 10.32
C THR A 428 20.50 -34.52 9.72
N ALA A 429 20.24 -34.84 8.46
CA ALA A 429 18.97 -34.46 7.84
C ALA A 429 17.81 -35.14 8.56
N ASN A 430 16.68 -34.43 8.63
CA ASN A 430 15.50 -34.97 9.30
C ASN A 430 15.09 -36.32 8.75
N GLU A 431 15.23 -36.52 7.44
CA GLU A 431 14.78 -37.71 6.75
C GLU A 431 15.88 -38.76 6.58
N SER A 432 17.07 -38.53 7.12
CA SER A 432 18.17 -39.46 6.95
C SER A 432 17.88 -40.77 7.66
N PHE A 433 18.06 -41.89 6.94
CA PHE A 433 17.91 -43.19 7.57
C PHE A 433 18.89 -43.37 8.71
N LEU A 434 20.10 -42.81 8.58
CA LEU A 434 21.08 -42.93 9.65
C LEU A 434 20.63 -42.19 10.90
N ARG A 435 20.19 -40.94 10.75
CA ARG A 435 19.73 -40.16 11.90
C ARG A 435 18.55 -40.85 12.60
N GLN A 436 17.57 -41.30 11.82
CA GLN A 436 16.42 -41.99 12.41
C GLN A 436 16.85 -43.25 13.16
N SER A 437 17.80 -44.01 12.59
CA SER A 437 18.20 -45.27 13.21
C SER A 437 19.06 -45.07 14.45
N PHE A 438 19.90 -44.03 14.47
CA PHE A 438 20.94 -43.93 15.48
C PHE A 438 20.89 -42.67 16.31
N ALA A 439 19.93 -41.78 16.06
CA ALA A 439 19.74 -40.59 16.89
C ALA A 439 18.33 -40.45 17.42
N GLU A 440 17.32 -40.84 16.63
CA GLU A 440 15.92 -40.59 16.96
C GLU A 440 15.23 -41.78 17.62
N ASP A 441 15.93 -42.92 17.76
CA ASP A 441 15.34 -44.13 18.33
C ASP A 441 14.05 -44.51 17.63
N ALA A 442 14.08 -44.47 16.30
CA ALA A 442 12.91 -44.81 15.51
C ALA A 442 12.54 -46.27 15.71
N GLN A 443 11.26 -46.58 15.52
CA GLN A 443 10.80 -47.96 15.61
C GLN A 443 11.31 -48.76 14.43
N ILE A 444 11.88 -49.94 14.70
CA ILE A 444 12.52 -50.73 13.66
C ILE A 444 11.50 -51.17 12.59
N GLU A 445 10.25 -51.38 13.00
CA GLU A 445 9.20 -51.74 12.03
C GLU A 445 9.00 -50.63 11.01
N ARG A 446 8.91 -49.38 11.47
CA ARG A 446 8.74 -48.27 10.54
C ARG A 446 9.98 -48.08 9.68
N LEU A 447 11.16 -48.41 10.21
CA LEU A 447 12.40 -48.20 9.46
C LEU A 447 12.54 -49.20 8.32
N LEU A 448 12.12 -50.45 8.53
CA LEU A 448 12.25 -51.49 7.53
C LEU A 448 10.99 -51.66 6.68
N GLU A 449 10.05 -50.73 6.81
CA GLU A 449 8.83 -50.76 6.02
C GLU A 449 9.12 -50.71 4.53
N ASP A 450 8.30 -51.41 3.74
CA ASP A 450 8.34 -51.25 2.30
C ASP A 450 8.10 -49.79 1.97
N PRO A 451 9.06 -49.09 1.36
CA PRO A 451 8.88 -47.65 1.11
C PRO A 451 7.70 -47.34 0.20
N ALA A 452 7.26 -48.30 -0.60
CA ALA A 452 6.03 -48.08 -1.37
C ALA A 452 4.83 -47.90 -0.45
N VAL A 453 4.82 -48.59 0.70
CA VAL A 453 3.77 -48.39 1.69
C VAL A 453 3.89 -47.00 2.30
N THR A 454 5.12 -46.62 2.67
CA THR A 454 5.37 -45.27 3.18
C THR A 454 4.91 -44.21 2.19
N VAL A 455 5.20 -44.42 0.90
CA VAL A 455 4.77 -43.47 -0.13
C VAL A 455 3.25 -43.27 -0.06
N GLU A 456 2.49 -44.37 -0.12
CA GLU A 456 1.05 -44.25 -0.21
C GLU A 456 0.48 -43.56 1.02
N ARG A 457 1.06 -43.83 2.19
CA ARG A 457 0.59 -43.18 3.40
C ARG A 457 0.88 -41.67 3.36
N GLU A 458 2.10 -41.30 2.98
CA GLU A 458 2.46 -39.88 2.93
C GLU A 458 1.66 -39.12 1.88
N ARG A 459 1.39 -39.76 0.74
CA ARG A 459 0.61 -39.09 -0.31
C ARG A 459 -0.81 -38.83 0.16
N ALA A 460 -1.46 -39.85 0.75
CA ALA A 460 -2.83 -39.69 1.21
C ALA A 460 -2.95 -38.59 2.25
N ALA A 461 -2.01 -38.54 3.19
CA ALA A 461 -2.03 -37.47 4.20
C ALA A 461 -1.93 -36.10 3.55
N ARG A 462 -1.06 -35.96 2.54
CA ARG A 462 -0.94 -34.68 1.85
C ARG A 462 -2.20 -34.36 1.04
N ALA A 463 -2.93 -35.39 0.60
CA ALA A 463 -4.17 -35.17 -0.13
C ALA A 463 -5.31 -34.72 0.77
N ALA A 464 -5.11 -34.68 2.08
CA ALA A 464 -6.15 -34.27 3.02
C ALA A 464 -5.60 -33.31 4.07
N ARG A 470 -0.56 -20.61 -2.49
CA ARG A 470 -0.93 -19.21 -2.60
C ARG A 470 -2.12 -19.03 -3.53
N LYS A 471 -3.17 -18.39 -3.03
CA LYS A 471 -4.39 -18.18 -3.80
C LYS A 471 -4.30 -16.89 -4.61
N GLY A 472 -5.02 -16.86 -5.72
CA GLY A 472 -5.15 -15.67 -6.53
C GLY A 472 -6.33 -14.81 -6.09
N LEU A 473 -6.63 -13.81 -6.90
CA LEU A 473 -7.71 -12.87 -6.62
C LEU A 473 -8.59 -12.70 -7.85
N GLY A 474 -9.90 -12.75 -7.65
CA GLY A 474 -10.84 -12.49 -8.73
C GLY A 474 -10.85 -13.56 -9.81
N GLY A 475 -10.57 -14.80 -9.45
CA GLY A 475 -10.49 -15.88 -10.42
C GLY A 475 -9.19 -15.96 -11.19
N LEU A 476 -8.32 -14.96 -11.08
CA LEU A 476 -7.02 -15.07 -11.73
C LEU A 476 -6.04 -15.83 -10.84
N PRO A 477 -5.17 -16.65 -11.43
CA PRO A 477 -4.08 -17.25 -10.66
C PRO A 477 -3.22 -16.18 -10.02
N PRO A 478 -2.52 -16.49 -8.92
CA PRO A 478 -1.56 -15.53 -8.39
C PRO A 478 -0.44 -15.30 -9.39
N PHE A 479 0.29 -14.20 -9.21
CA PHE A 479 1.41 -13.92 -10.08
C PHE A 479 2.51 -14.95 -9.87
N ASN A 480 3.07 -15.44 -10.96
CA ASN A 480 4.30 -16.22 -10.97
C ASN A 480 5.12 -15.79 -12.16
N ASN A 481 6.43 -15.72 -11.99
CA ASN A 481 7.30 -15.35 -13.10
C ASN A 481 7.26 -16.42 -14.17
N GLU A 482 7.34 -16.00 -15.43
CA GLU A 482 7.31 -16.93 -16.55
C GLU A 482 8.58 -17.79 -16.53
N ALA A 483 8.43 -19.06 -16.84
CA ALA A 483 9.54 -20.00 -16.75
C ALA A 483 10.66 -19.62 -17.71
N MET A 484 11.89 -19.70 -17.20
CA MET A 484 13.07 -19.45 -18.01
C MET A 484 13.27 -20.60 -19.01
N VAL A 485 13.94 -20.29 -20.12
CA VAL A 485 14.31 -21.34 -21.06
C VAL A 485 15.15 -22.38 -20.32
N ASP A 486 14.97 -23.65 -20.68
CA ASP A 486 15.52 -24.79 -19.93
C ASP A 486 16.32 -25.64 -20.90
N PHE A 487 17.61 -25.37 -21.01
CA PHE A 487 18.41 -26.09 -21.98
C PHE A 487 18.78 -27.51 -21.54
N THR A 488 18.32 -27.99 -20.38
CA THR A 488 18.33 -29.44 -20.18
C THR A 488 17.41 -30.15 -21.18
N ARG A 489 16.51 -29.43 -21.83
CA ARG A 489 15.55 -30.04 -22.75
C ARG A 489 16.08 -30.02 -24.18
N ALA A 490 16.03 -31.16 -24.84
CA ALA A 490 16.42 -31.21 -26.25
C ALA A 490 15.57 -30.26 -27.10
N ASP A 491 14.28 -30.12 -26.81
CA ASP A 491 13.45 -29.26 -27.65
C ASP A 491 13.80 -27.79 -27.45
N HIS A 492 14.16 -27.37 -26.23
CA HIS A 492 14.59 -25.99 -26.06
C HIS A 492 15.93 -25.74 -26.75
N ARG A 493 16.86 -26.70 -26.68
CA ARG A 493 18.14 -26.55 -27.36
C ARG A 493 17.96 -26.43 -28.86
N ALA A 494 16.99 -27.17 -29.42
CA ALA A 494 16.79 -27.15 -30.86
C ALA A 494 16.02 -25.91 -31.31
N ALA A 495 15.28 -25.26 -30.40
CA ALA A 495 14.34 -24.23 -30.83
C ALA A 495 15.07 -23.00 -31.37
N PHE A 496 16.22 -22.62 -30.78
CA PHE A 496 16.84 -21.36 -31.21
C PHE A 496 17.40 -21.45 -32.62
N PRO A 497 18.17 -22.47 -33.01
CA PRO A 497 18.58 -22.53 -34.43
C PRO A 497 17.39 -22.55 -35.38
N LYS A 498 16.30 -23.21 -34.98
CA LYS A 498 15.10 -23.27 -35.79
C LYS A 498 14.47 -21.89 -35.96
N HIS A 499 14.29 -21.16 -34.86
CA HIS A 499 13.59 -19.89 -34.93
C HIS A 499 14.48 -18.76 -35.46
N ILE A 500 15.81 -18.84 -35.26
CA ILE A 500 16.67 -17.90 -35.94
C ILE A 500 16.58 -18.09 -37.46
N ALA A 501 16.58 -19.35 -37.90
CA ALA A 501 16.39 -19.60 -39.34
C ALA A 501 15.03 -19.09 -39.83
N GLN A 502 13.96 -19.31 -39.05
CA GLN A 502 12.64 -18.85 -39.48
C GLN A 502 12.58 -17.33 -39.54
N VAL A 503 13.24 -16.65 -38.61
CA VAL A 503 13.30 -15.19 -38.66
C VAL A 503 14.03 -14.73 -39.92
N ARG A 504 15.09 -15.44 -40.31
CA ARG A 504 15.82 -15.01 -41.49
C ARG A 504 15.01 -15.17 -42.79
N THR A 505 13.90 -15.91 -42.78
CA THR A 505 13.03 -15.92 -43.96
C THR A 505 12.12 -14.70 -44.05
N GLN A 506 12.07 -13.86 -43.02
CA GLN A 506 11.15 -12.72 -43.00
C GLN A 506 11.89 -11.40 -42.87
N LEU A 507 13.13 -11.33 -43.33
CA LEU A 507 13.87 -10.08 -43.29
C LEU A 507 13.54 -9.21 -44.50
N GLY A 508 13.98 -7.96 -44.44
CA GLY A 508 13.83 -7.05 -45.56
C GLY A 508 12.58 -6.21 -45.57
N LYS A 509 11.74 -6.28 -44.54
CA LYS A 509 10.50 -5.52 -44.55
C LYS A 509 10.76 -4.05 -44.22
N THR A 510 9.83 -3.22 -44.64
CA THR A 510 9.80 -1.81 -44.25
C THR A 510 8.76 -1.67 -43.14
N TYR A 511 9.19 -1.14 -41.99
CA TYR A 511 8.33 -1.04 -40.84
C TYR A 511 7.75 0.36 -40.75
N PRO A 512 6.43 0.52 -40.77
CA PRO A 512 5.84 1.86 -40.80
C PRO A 512 5.61 2.40 -39.41
N LEU A 513 5.22 3.66 -39.34
CA LEU A 513 4.63 4.15 -38.11
C LEU A 513 3.31 3.43 -37.88
N PHE A 514 2.85 3.43 -36.64
CA PHE A 514 1.52 2.93 -36.32
C PHE A 514 0.81 3.99 -35.50
N ILE A 515 -0.19 4.64 -36.09
CA ILE A 515 -0.85 5.79 -35.48
C ILE A 515 -2.34 5.62 -35.63
N ASN A 516 -3.05 5.58 -34.49
CA ASN A 516 -4.51 5.51 -34.49
C ASN A 516 -5.03 4.29 -35.24
N GLY A 517 -4.36 3.16 -35.09
CA GLY A 517 -4.80 1.91 -35.69
C GLY A 517 -4.42 1.72 -37.13
N LYS A 518 -3.67 2.65 -37.73
CA LYS A 518 -3.30 2.61 -39.14
C LYS A 518 -1.79 2.63 -39.28
N GLU A 519 -1.29 1.88 -40.26
CA GLU A 519 0.11 1.96 -40.65
C GLU A 519 0.34 3.20 -41.51
N VAL A 520 1.34 4.00 -41.16
CA VAL A 520 1.65 5.25 -41.85
C VAL A 520 3.09 5.16 -42.33
N ARG A 521 3.30 5.13 -43.65
CA ARG A 521 4.65 5.10 -44.20
C ARG A 521 5.18 6.52 -44.38
N THR A 522 6.48 6.69 -44.15
CA THR A 522 7.16 7.93 -44.49
C THR A 522 8.33 7.63 -45.41
N ASN A 523 8.86 8.68 -46.03
CA ASN A 523 9.94 8.52 -46.98
C ASN A 523 11.32 8.42 -46.33
N ASP A 524 11.43 8.66 -45.03
CA ASP A 524 12.71 8.65 -44.34
C ASP A 524 12.91 7.26 -43.71
N LEU A 525 13.85 6.49 -44.24
CA LEU A 525 14.11 5.13 -43.79
C LEU A 525 15.49 5.03 -43.16
N ILE A 526 15.57 4.31 -42.04
CA ILE A 526 16.84 3.98 -41.41
C ILE A 526 16.97 2.47 -41.36
N PRO A 527 18.03 1.89 -41.91
CA PRO A 527 18.19 0.44 -41.84
C PRO A 527 18.52 0.00 -40.42
N THR A 528 18.14 -1.23 -40.11
CA THR A 528 18.53 -1.86 -38.85
C THR A 528 19.27 -3.15 -39.19
N VAL A 529 20.48 -3.30 -38.64
CA VAL A 529 21.35 -4.38 -39.08
C VAL A 529 21.74 -5.24 -37.88
N ASN A 530 22.27 -6.42 -38.20
CA ASN A 530 22.81 -7.36 -37.21
C ASN A 530 24.14 -6.82 -36.68
N PRO A 531 24.26 -6.50 -35.39
CA PRO A 531 25.53 -5.98 -34.89
C PRO A 531 26.68 -6.97 -34.97
N ASN A 532 26.39 -8.26 -34.96
CA ASN A 532 27.45 -9.25 -35.13
C ASN A 532 27.78 -9.52 -36.59
N LYS A 533 26.95 -9.04 -37.51
CA LYS A 533 27.23 -9.15 -38.94
C LYS A 533 26.52 -8.01 -39.64
N PRO A 534 27.13 -6.82 -39.62
CA PRO A 534 26.41 -5.62 -40.08
C PRO A 534 26.01 -5.64 -41.55
N SER A 535 26.67 -6.46 -42.37
CA SER A 535 26.22 -6.63 -43.75
C SER A 535 24.85 -7.28 -43.83
N GLU A 536 24.34 -7.88 -42.73
CA GLU A 536 23.03 -8.49 -42.73
C GLU A 536 22.00 -7.45 -42.32
N VAL A 537 21.24 -6.95 -43.29
CA VAL A 537 20.24 -5.92 -43.05
C VAL A 537 18.92 -6.59 -42.70
N LEU A 538 18.39 -6.29 -41.52
CA LEU A 538 17.18 -6.97 -41.07
C LEU A 538 15.91 -6.28 -41.55
N GLY A 539 15.95 -4.97 -41.80
CA GLY A 539 14.78 -4.28 -42.32
C GLY A 539 15.06 -2.79 -42.39
N GLN A 540 14.04 -2.05 -42.82
CA GLN A 540 14.07 -0.60 -42.90
C GLN A 540 12.95 -0.02 -42.04
N ILE A 541 13.26 1.05 -41.29
CA ILE A 541 12.31 1.64 -40.34
C ILE A 541 11.94 3.05 -40.80
N CYS A 542 10.64 3.28 -41.04
CA CYS A 542 10.16 4.64 -41.31
C CYS A 542 10.35 5.53 -40.09
N GLN A 543 10.72 6.79 -40.34
CA GLN A 543 10.93 7.76 -39.27
C GLN A 543 9.81 8.79 -39.25
N ALA A 544 9.30 9.09 -38.05
CA ALA A 544 8.27 10.10 -37.90
C ALA A 544 8.89 11.50 -37.82
N GLY A 545 8.35 12.43 -38.61
CA GLY A 545 8.63 13.84 -38.41
C GLY A 545 7.77 14.40 -37.29
N THR A 546 7.93 15.71 -37.04
CA THR A 546 7.12 16.33 -35.99
C THR A 546 5.64 16.29 -36.35
N THR A 547 5.31 16.36 -37.63
CA THR A 547 3.91 16.24 -38.03
C THR A 547 3.33 14.90 -37.63
N GLU A 548 4.03 13.81 -37.94
CA GLU A 548 3.51 12.49 -37.56
C GLU A 548 3.47 12.32 -36.05
N VAL A 549 4.49 12.81 -35.34
CA VAL A 549 4.45 12.71 -33.88
C VAL A 549 3.26 13.48 -33.33
N GLY A 550 3.00 14.67 -33.87
CA GLY A 550 1.84 15.42 -33.45
C GLY A 550 0.54 14.70 -33.73
N ASP A 551 0.46 14.00 -34.88
CA ASP A 551 -0.72 13.18 -35.16
C ASP A 551 -0.86 12.07 -34.13
N ALA A 552 0.24 11.43 -33.75
CA ALA A 552 0.17 10.36 -32.76
C ALA A 552 -0.32 10.90 -31.42
N ILE A 553 0.21 12.05 -31.00
CA ILE A 553 -0.23 12.66 -29.74
C ILE A 553 -1.71 12.99 -29.82
N ALA A 554 -2.14 13.53 -30.95
CA ALA A 554 -3.56 13.87 -31.11
C ALA A 554 -4.42 12.62 -31.05
N ALA A 555 -3.97 11.53 -31.67
CA ALA A 555 -4.76 10.30 -31.64
C ALA A 555 -4.84 9.74 -30.24
N ALA A 556 -3.71 9.79 -29.50
CA ALA A 556 -3.70 9.36 -28.11
C ALA A 556 -4.60 10.24 -27.26
N LYS A 557 -4.57 11.54 -27.50
CA LYS A 557 -5.43 12.45 -26.75
C LYS A 557 -6.91 12.20 -27.05
N ALA A 558 -7.25 11.93 -28.31
CA ALA A 558 -8.64 11.66 -28.66
C ALA A 558 -9.12 10.32 -28.09
N ALA A 559 -8.24 9.33 -27.97
CA ALA A 559 -8.63 8.03 -27.42
C ALA A 559 -8.74 8.05 -25.90
N PHE A 560 -8.11 9.04 -25.26
CA PHE A 560 -7.94 9.03 -23.81
C PHE A 560 -9.26 9.05 -23.03
N PRO A 561 -10.23 9.93 -23.31
CA PRO A 561 -11.46 9.94 -22.48
C PRO A 561 -12.16 8.58 -22.41
N ALA A 562 -12.32 7.87 -23.52
CA ALA A 562 -13.01 6.60 -23.47
C ALA A 562 -12.13 5.51 -22.85
N TRP A 563 -10.82 5.59 -23.03
CA TRP A 563 -9.92 4.63 -22.39
C TRP A 563 -9.88 4.85 -20.89
N ARG A 564 -9.76 6.10 -20.45
CA ARG A 564 -9.82 6.39 -19.02
C ARG A 564 -11.12 5.87 -18.40
N ASP A 565 -12.25 5.98 -19.12
CA ASP A 565 -13.52 5.52 -18.58
C ASP A 565 -13.73 4.01 -18.74
N THR A 566 -12.74 3.29 -19.26
CA THR A 566 -12.85 1.84 -19.38
C THR A 566 -12.52 1.20 -18.02
N ASP A 567 -13.33 0.21 -17.64
CA ASP A 567 -13.19 -0.45 -16.35
C ASP A 567 -11.75 -0.97 -16.18
N PRO A 568 -11.12 -0.74 -15.01
CA PRO A 568 -9.75 -1.24 -14.78
C PRO A 568 -9.59 -2.74 -15.02
N ARG A 569 -10.60 -3.54 -14.67
CA ARG A 569 -10.53 -4.98 -14.94
C ARG A 569 -10.50 -5.25 -16.44
N THR A 570 -11.22 -4.43 -17.22
CA THR A 570 -11.21 -4.59 -18.67
C THR A 570 -9.87 -4.16 -19.27
N ARG A 571 -9.32 -3.03 -18.82
CA ARG A 571 -7.98 -2.65 -19.26
C ARG A 571 -6.97 -3.74 -18.93
N ALA A 572 -7.05 -4.31 -17.74
CA ALA A 572 -6.11 -5.37 -17.37
C ALA A 572 -6.25 -6.59 -18.28
N GLU A 573 -7.48 -6.88 -18.73
CA GLU A 573 -7.70 -8.01 -19.63
C GLU A 573 -6.89 -7.88 -20.92
N TYR A 574 -6.76 -6.65 -21.43
CA TYR A 574 -5.94 -6.45 -22.62
C TYR A 574 -4.48 -6.84 -22.37
N LEU A 575 -3.97 -6.52 -21.18
CA LEU A 575 -2.59 -6.90 -20.87
C LEU A 575 -2.44 -8.40 -20.76
N LEU A 576 -3.42 -9.07 -20.12
CA LEU A 576 -3.38 -10.54 -20.05
C LEU A 576 -3.44 -11.16 -21.44
N LYS A 577 -4.23 -10.56 -22.36
CA LYS A 577 -4.28 -11.09 -23.72
C LYS A 577 -2.96 -10.87 -24.44
N ALA A 578 -2.33 -9.71 -24.24
CA ALA A 578 -1.03 -9.46 -24.84
C ALA A 578 0.03 -10.40 -24.27
N ALA A 579 -0.07 -10.73 -22.97
CA ALA A 579 0.88 -11.66 -22.37
C ALA A 579 0.76 -13.06 -22.97
N GLN A 580 -0.47 -13.53 -23.19
CA GLN A 580 -0.63 -14.83 -23.83
C GLN A 580 -0.16 -14.78 -25.28
N ALA A 581 -0.33 -13.64 -25.96
CA ALA A 581 0.14 -13.52 -27.33
C ALA A 581 1.66 -13.62 -27.40
N ALA A 582 2.35 -13.03 -26.44
CA ALA A 582 3.82 -13.12 -26.39
C ALA A 582 4.26 -14.51 -25.94
N ARG A 583 3.55 -15.08 -24.96
CA ARG A 583 3.89 -16.43 -24.51
C ARG A 583 3.85 -17.44 -25.66
N LYS A 584 2.87 -17.30 -26.56
CA LYS A 584 2.79 -18.22 -27.69
C LYS A 584 3.88 -17.99 -28.71
N ARG A 585 4.57 -16.85 -28.66
CA ARG A 585 5.61 -16.51 -29.63
C ARG A 585 7.00 -16.44 -29.00
N LEU A 586 7.19 -17.09 -27.84
CA LEU A 586 8.36 -16.82 -27.01
C LEU A 586 9.67 -17.03 -27.76
N PHE A 587 9.84 -18.20 -28.41
CA PHE A 587 11.12 -18.43 -29.09
C PHE A 587 11.27 -17.56 -30.34
N GLU A 588 10.17 -17.28 -31.04
CA GLU A 588 10.22 -16.38 -32.19
C GLU A 588 10.66 -14.98 -31.78
N LEU A 589 10.01 -14.42 -30.76
CA LEU A 589 10.37 -13.08 -30.28
C LEU A 589 11.82 -13.03 -29.79
N SER A 590 12.29 -14.12 -29.18
CA SER A 590 13.67 -14.18 -28.70
C SER A 590 14.65 -14.16 -29.86
N ALA A 591 14.36 -14.94 -30.89
CA ALA A 591 15.27 -15.05 -32.04
C ALA A 591 15.48 -13.70 -32.71
N TRP A 592 14.43 -12.89 -32.78
CA TRP A 592 14.58 -11.53 -33.32
C TRP A 592 15.60 -10.73 -32.53
N GLN A 593 15.61 -10.88 -31.21
CA GLN A 593 16.54 -10.12 -30.39
C GLN A 593 17.98 -10.62 -30.58
N VAL A 594 18.15 -11.93 -30.78
CA VAL A 594 19.47 -12.47 -31.07
C VAL A 594 20.07 -11.75 -32.28
N LEU A 595 19.26 -11.60 -33.34
CA LEU A 595 19.78 -10.96 -34.55
C LEU A 595 19.78 -9.44 -34.49
N GLU A 596 18.73 -8.80 -33.95
CA GLU A 596 18.70 -7.34 -34.08
C GLU A 596 19.62 -6.63 -33.08
N ILE A 597 19.87 -7.20 -31.91
CA ILE A 597 20.69 -6.44 -30.96
C ILE A 597 21.75 -7.32 -30.31
N GLY A 598 21.96 -8.53 -30.84
CA GLY A 598 23.07 -9.32 -30.38
C GLY A 598 22.88 -9.94 -29.01
N LYS A 599 21.64 -10.25 -28.63
CA LYS A 599 21.39 -11.00 -27.40
C LYS A 599 21.85 -12.45 -27.56
N GLN A 600 22.48 -12.99 -26.52
CA GLN A 600 22.69 -14.43 -26.43
C GLN A 600 21.35 -15.12 -26.22
N TRP A 601 21.30 -16.43 -26.48
CA TRP A 601 20.02 -17.15 -26.47
C TRP A 601 19.28 -16.96 -25.15
N ASP A 602 19.97 -17.21 -24.03
CA ASP A 602 19.35 -17.03 -22.71
C ASP A 602 18.97 -15.58 -22.46
N GLN A 603 19.82 -14.64 -22.88
CA GLN A 603 19.53 -13.23 -22.66
C GLN A 603 18.30 -12.80 -23.45
N ALA A 604 18.15 -13.31 -24.67
CA ALA A 604 16.98 -12.97 -25.48
C ALA A 604 15.71 -13.52 -24.84
N TYR A 605 15.73 -14.80 -24.45
CA TYR A 605 14.54 -15.43 -23.88
C TYR A 605 14.13 -14.72 -22.58
N ALA A 606 15.12 -14.33 -21.76
CA ALA A 606 14.84 -13.65 -20.50
C ALA A 606 14.25 -12.26 -20.74
N ASP A 607 14.61 -11.62 -21.86
CA ASP A 607 13.98 -10.35 -22.20
C ASP A 607 12.49 -10.55 -22.50
N VAL A 608 12.14 -11.62 -23.20
CA VAL A 608 10.72 -11.81 -23.53
C VAL A 608 9.94 -12.24 -22.30
N THR A 609 10.53 -13.11 -21.46
CA THR A 609 9.81 -13.55 -20.26
C THR A 609 9.58 -12.38 -19.30
N GLU A 610 10.55 -11.45 -19.23
CA GLU A 610 10.35 -10.26 -18.41
C GLU A 610 9.20 -9.40 -18.95
N ALA A 611 9.14 -9.21 -20.27
CA ALA A 611 8.00 -8.53 -20.87
C ALA A 611 6.69 -9.21 -20.48
N ILE A 612 6.65 -10.54 -20.53
CA ILE A 612 5.44 -11.26 -20.14
C ILE A 612 5.14 -11.03 -18.67
N ASP A 613 6.17 -11.04 -17.83
CA ASP A 613 5.95 -10.82 -16.40
C ASP A 613 5.38 -9.44 -16.12
N PHE A 614 5.89 -8.40 -16.79
CA PHE A 614 5.33 -7.06 -16.62
C PHE A 614 3.83 -7.06 -16.92
N LEU A 615 3.45 -7.63 -18.06
CA LEU A 615 2.05 -7.68 -18.44
C LEU A 615 1.21 -8.39 -17.39
N GLU A 616 1.66 -9.58 -16.95
CA GLU A 616 0.89 -10.32 -15.95
C GLU A 616 0.86 -9.59 -14.61
N TYR A 617 1.97 -8.97 -14.23
CA TYR A 617 2.05 -8.31 -12.94
C TYR A 617 1.29 -6.99 -12.94
N TYR A 618 1.45 -6.17 -13.98
CA TYR A 618 0.74 -4.89 -14.01
C TYR A 618 -0.77 -5.08 -14.20
N ALA A 619 -1.19 -6.14 -14.91
CA ALA A 619 -2.62 -6.45 -14.96
C ALA A 619 -3.17 -6.67 -13.54
N ARG A 620 -2.48 -7.49 -12.76
CA ARG A 620 -2.95 -7.79 -11.40
C ARG A 620 -2.87 -6.57 -10.50
N GLU A 621 -1.83 -5.75 -10.65
CA GLU A 621 -1.71 -4.55 -9.85
C GLU A 621 -2.85 -3.57 -10.16
N MET A 622 -3.23 -3.44 -11.42
CA MET A 622 -4.32 -2.51 -11.72
C MET A 622 -5.65 -3.03 -11.16
N ILE A 623 -5.86 -4.35 -11.25
CA ILE A 623 -7.06 -4.93 -10.62
C ILE A 623 -7.07 -4.63 -9.13
N ARG A 624 -5.92 -4.77 -8.49
CA ARG A 624 -5.80 -4.53 -7.05
C ARG A 624 -6.08 -3.07 -6.72
N LEU A 625 -5.60 -2.16 -7.56
CA LEU A 625 -5.66 -0.72 -7.29
C LEU A 625 -6.88 -0.05 -7.88
N GLY A 626 -7.63 -0.75 -8.74
CA GLY A 626 -8.70 -0.11 -9.47
C GLY A 626 -10.00 0.08 -8.71
N GLN A 627 -10.16 -0.57 -7.54
CA GLN A 627 -11.45 -0.37 -6.87
C GLN A 627 -11.35 0.76 -5.85
N PRO A 628 -12.27 1.72 -5.83
CA PRO A 628 -12.21 2.76 -4.78
C PRO A 628 -12.35 2.13 -3.40
N GLN A 629 -11.61 2.68 -2.44
CA GLN A 629 -11.60 2.19 -1.07
C GLN A 629 -12.17 3.25 -0.15
N ARG A 630 -13.02 2.82 0.78
CA ARG A 630 -13.47 3.73 1.83
C ARG A 630 -12.30 4.09 2.74
N VAL A 631 -12.14 5.38 3.04
CA VAL A 631 -11.17 5.82 4.03
C VAL A 631 -11.89 6.64 5.10
N GLY A 632 -11.35 6.60 6.31
CA GLY A 632 -12.04 7.15 7.46
C GLY A 632 -13.17 6.24 7.93
N HIS A 633 -13.62 6.48 9.16
CA HIS A 633 -14.62 5.63 9.77
C HIS A 633 -15.77 6.41 10.39
N ALA A 634 -15.85 7.72 10.15
CA ALA A 634 -16.90 8.52 10.76
C ALA A 634 -18.25 8.19 10.13
N PRO A 635 -19.30 8.03 10.93
CA PRO A 635 -20.63 7.78 10.36
C PRO A 635 -21.18 9.05 9.71
N GLY A 636 -22.29 8.87 8.98
CA GLY A 636 -22.89 9.99 8.28
C GLY A 636 -22.05 10.53 7.14
N GLU A 637 -20.99 9.78 6.77
CA GLU A 637 -20.02 10.24 5.80
C GLU A 637 -19.40 9.04 5.09
N LEU A 638 -19.18 9.18 3.78
CA LEU A 638 -18.41 8.22 3.01
C LEU A 638 -17.35 8.97 2.27
N ASN A 639 -16.08 8.61 2.51
CA ASN A 639 -14.96 9.06 1.69
C ASN A 639 -14.43 7.88 0.90
N HIS A 640 -14.33 8.03 -0.40
CA HIS A 640 -13.70 7.01 -1.24
C HIS A 640 -12.46 7.59 -1.89
N TYR A 641 -11.36 6.86 -1.75
CA TYR A 641 -10.05 7.22 -2.28
C TYR A 641 -9.76 6.29 -3.45
N PHE A 642 -9.32 6.84 -4.58
CA PHE A 642 -9.11 6.07 -5.80
C PHE A 642 -8.17 6.86 -6.70
N TYR A 643 -7.86 6.31 -7.87
CA TYR A 643 -6.85 6.87 -8.76
C TYR A 643 -7.43 7.22 -10.12
N GLU A 644 -6.83 8.22 -10.77
CA GLU A 644 -7.14 8.77 -12.08
C GLU A 644 -5.91 8.72 -12.96
N PRO A 645 -6.04 8.41 -14.24
CA PRO A 645 -4.91 8.56 -15.15
C PRO A 645 -4.63 10.04 -15.44
N LYS A 646 -3.53 10.27 -16.16
CA LYS A 646 -3.03 11.60 -16.46
C LYS A 646 -3.36 12.06 -17.88
N GLY A 647 -3.23 11.20 -18.88
CA GLY A 647 -3.45 11.62 -20.25
C GLY A 647 -2.54 10.91 -21.24
N VAL A 648 -1.77 11.67 -22.00
CA VAL A 648 -0.86 11.08 -22.98
C VAL A 648 0.51 10.91 -22.36
N ALA A 649 1.06 9.71 -22.45
CA ALA A 649 2.40 9.40 -21.97
C ALA A 649 3.34 9.21 -23.15
N ALA A 650 4.45 9.94 -23.15
CA ALA A 650 5.55 9.63 -24.06
C ALA A 650 6.41 8.55 -23.42
N VAL A 651 6.67 7.49 -24.17
CA VAL A 651 7.44 6.35 -23.69
C VAL A 651 8.67 6.25 -24.58
N ILE A 652 9.84 6.53 -24.02
CA ILE A 652 11.09 6.60 -24.78
C ILE A 652 11.97 5.46 -24.29
N ALA A 653 12.12 4.43 -25.12
CA ALA A 653 12.59 3.13 -24.66
C ALA A 653 14.04 2.84 -25.06
N PRO A 654 14.75 2.00 -24.30
CA PRO A 654 16.15 1.68 -24.61
C PRO A 654 16.25 0.50 -25.58
N TRP A 655 17.45 0.33 -26.14
CA TRP A 655 17.72 -0.81 -27.00
C TRP A 655 18.22 -2.04 -26.24
N ASN A 656 18.72 -1.88 -25.01
CA ASN A 656 19.43 -2.98 -24.37
C ASN A 656 18.48 -4.02 -23.78
N PHE A 657 17.28 -3.61 -23.39
CA PHE A 657 16.19 -4.53 -23.05
C PHE A 657 15.00 -4.20 -23.94
N PRO A 658 15.07 -4.56 -25.21
CA PRO A 658 14.22 -3.90 -26.22
C PRO A 658 12.77 -4.31 -26.15
N LEU A 659 12.42 -5.47 -25.61
CA LEU A 659 11.01 -5.79 -25.39
C LEU A 659 10.61 -5.65 -23.93
N ALA A 660 11.45 -6.11 -23.00
CA ALA A 660 11.12 -6.07 -21.59
C ALA A 660 10.77 -4.66 -21.11
N ILE A 661 11.71 -3.72 -21.24
CA ILE A 661 11.51 -2.40 -20.65
C ILE A 661 10.52 -1.56 -21.46
N SER A 662 10.59 -1.65 -22.79
CA SER A 662 9.56 -1.06 -23.64
C SER A 662 8.16 -1.49 -23.22
N MET A 663 7.93 -2.81 -23.11
CA MET A 663 6.60 -3.29 -22.76
C MET A 663 6.25 -2.94 -21.31
N GLY A 664 7.22 -2.99 -20.41
CA GLY A 664 6.94 -2.60 -19.03
C GLY A 664 6.44 -1.17 -18.92
N MET A 665 7.18 -0.22 -19.50
CA MET A 665 6.80 1.19 -19.38
C MET A 665 5.50 1.46 -20.12
N ALA A 666 5.35 0.92 -21.32
CA ALA A 666 4.14 1.17 -22.10
C ALA A 666 2.92 0.53 -21.47
N SER A 667 3.03 -0.73 -21.04
CA SER A 667 1.85 -1.41 -20.51
C SER A 667 1.45 -0.84 -19.16
N ALA A 668 2.41 -0.39 -18.35
CA ALA A 668 2.07 0.28 -17.10
C ALA A 668 1.26 1.55 -17.39
N ALA A 669 1.73 2.36 -18.34
CA ALA A 669 0.98 3.57 -18.69
C ALA A 669 -0.41 3.23 -19.22
N ILE A 670 -0.51 2.21 -20.08
CA ILE A 670 -1.77 1.87 -20.72
C ILE A 670 -2.76 1.31 -19.71
N VAL A 671 -2.31 0.40 -18.83
CA VAL A 671 -3.29 -0.27 -17.96
C VAL A 671 -3.84 0.69 -16.91
N THR A 672 -3.08 1.73 -16.57
CA THR A 672 -3.55 2.71 -15.60
C THR A 672 -4.49 3.74 -16.24
N GLY A 673 -4.78 3.61 -17.52
CA GLY A 673 -5.74 4.49 -18.18
C GLY A 673 -5.16 5.60 -19.02
N ASN A 674 -3.85 5.62 -19.23
CA ASN A 674 -3.23 6.60 -20.12
C ASN A 674 -3.14 6.05 -21.53
N CYS A 675 -2.86 6.92 -22.48
CA CYS A 675 -2.56 6.51 -23.85
C CYS A 675 -1.12 6.89 -24.17
N VAL A 676 -0.50 6.09 -25.05
CA VAL A 676 0.96 6.07 -25.19
C VAL A 676 1.36 6.51 -26.59
N VAL A 677 2.39 7.35 -26.66
CA VAL A 677 3.14 7.60 -27.88
C VAL A 677 4.54 7.06 -27.64
N PHE A 678 4.92 6.04 -28.41
CA PHE A 678 6.07 5.20 -28.08
C PHE A 678 7.17 5.41 -29.11
N LYS A 679 8.35 5.83 -28.64
CA LYS A 679 9.53 5.96 -29.48
C LYS A 679 10.50 4.83 -29.15
N PRO A 680 10.61 3.80 -29.97
CA PRO A 680 11.63 2.76 -29.72
C PRO A 680 13.00 3.29 -30.08
N SER A 681 14.03 2.65 -29.54
CA SER A 681 15.38 3.00 -29.94
C SER A 681 15.54 2.81 -31.44
N GLY A 682 16.34 3.67 -32.06
CA GLY A 682 16.58 3.58 -33.49
C GLY A 682 17.34 2.33 -33.92
N ILE A 683 17.88 1.54 -33.00
CA ILE A 683 18.57 0.30 -33.39
C ILE A 683 17.82 -0.95 -32.93
N THR A 684 16.70 -0.81 -32.24
CA THR A 684 15.86 -1.97 -31.95
C THR A 684 14.40 -1.67 -32.29
N SER A 685 14.17 -1.10 -33.48
CA SER A 685 12.81 -0.71 -33.86
C SER A 685 11.97 -1.89 -34.33
N ILE A 686 12.59 -2.97 -34.83
CA ILE A 686 11.80 -4.18 -35.11
C ILE A 686 11.26 -4.77 -33.81
N ILE A 687 12.10 -4.88 -32.78
CA ILE A 687 11.56 -5.30 -31.49
C ILE A 687 10.46 -4.35 -31.03
N GLY A 688 10.65 -3.05 -31.26
CA GLY A 688 9.59 -2.10 -30.96
C GLY A 688 8.31 -2.41 -31.69
N TRP A 689 8.42 -2.85 -32.95
CA TRP A 689 7.23 -3.25 -33.71
C TRP A 689 6.52 -4.43 -33.06
N HIS A 690 7.25 -5.30 -32.35
CA HIS A 690 6.59 -6.40 -31.66
C HIS A 690 5.53 -5.91 -30.70
N LEU A 691 5.73 -4.72 -30.09
CA LEU A 691 4.69 -4.16 -29.24
C LEU A 691 3.44 -3.87 -30.03
N VAL A 692 3.59 -3.34 -31.25
CA VAL A 692 2.45 -3.10 -32.13
C VAL A 692 1.72 -4.41 -32.40
N GLU A 693 2.48 -5.45 -32.79
CA GLU A 693 1.87 -6.74 -33.08
C GLU A 693 1.13 -7.29 -31.87
N LEU A 694 1.72 -7.15 -30.68
CA LEU A 694 1.13 -7.78 -29.50
C LEU A 694 -0.14 -7.04 -29.06
N PHE A 695 -0.11 -5.70 -29.08
CA PHE A 695 -1.30 -4.96 -28.69
C PHE A 695 -2.40 -5.10 -29.72
N ARG A 696 -2.04 -5.20 -31.01
CA ARG A 696 -3.03 -5.45 -32.04
C ARG A 696 -3.69 -6.82 -31.84
N GLU A 697 -2.88 -7.85 -31.56
CA GLU A 697 -3.46 -9.16 -31.32
C GLU A 697 -4.36 -9.15 -30.09
N ALA A 698 -4.03 -8.32 -29.10
CA ALA A 698 -4.89 -8.20 -27.92
C ALA A 698 -6.16 -7.40 -28.20
N GLY A 699 -6.27 -6.76 -29.37
CA GLY A 699 -7.44 -5.98 -29.69
C GLY A 699 -7.51 -4.61 -29.02
N LEU A 700 -6.37 -4.04 -28.64
CA LEU A 700 -6.37 -2.78 -27.93
C LEU A 700 -7.03 -1.69 -28.77
N PRO A 701 -7.83 -0.80 -28.16
CA PRO A 701 -8.50 0.25 -28.95
C PRO A 701 -7.52 1.16 -29.66
N GLU A 702 -7.92 1.61 -30.84
CA GLU A 702 -7.08 2.45 -31.68
C GLU A 702 -6.69 3.73 -30.93
N GLY A 703 -5.43 4.15 -31.13
CA GLY A 703 -4.92 5.35 -30.51
C GLY A 703 -4.41 5.17 -29.10
N VAL A 704 -4.69 4.05 -28.45
CA VAL A 704 -4.21 3.87 -27.08
C VAL A 704 -2.71 3.60 -27.08
N PHE A 705 -2.20 3.00 -28.17
CA PHE A 705 -0.77 2.77 -28.35
C PHE A 705 -0.40 3.20 -29.77
N ASN A 706 0.57 4.10 -29.87
CA ASN A 706 1.05 4.61 -31.14
C ASN A 706 2.56 4.45 -31.19
N PHE A 707 3.06 4.04 -32.36
CA PHE A 707 4.44 3.62 -32.56
C PHE A 707 5.07 4.65 -33.50
N THR A 708 5.97 5.50 -32.97
CA THR A 708 6.59 6.57 -33.74
C THR A 708 8.10 6.56 -33.52
N PRO A 709 8.82 5.61 -34.13
CA PRO A 709 10.27 5.78 -34.25
C PRO A 709 10.57 7.06 -35.02
N GLY A 710 11.69 7.69 -34.67
CA GLY A 710 12.06 8.93 -35.30
C GLY A 710 13.44 9.36 -34.87
N ARG A 711 13.96 10.36 -35.56
CA ARG A 711 15.27 10.91 -35.25
C ARG A 711 15.14 11.91 -34.11
N GLY A 712 15.85 11.65 -33.00
CA GLY A 712 15.79 12.57 -31.88
C GLY A 712 16.14 13.99 -32.24
N SER A 713 17.09 14.17 -33.17
CA SER A 713 17.44 15.51 -33.64
C SER A 713 16.28 16.19 -34.36
N VAL A 714 15.32 15.44 -34.87
CA VAL A 714 14.17 16.01 -35.58
C VAL A 714 12.97 16.20 -34.64
N MET A 715 12.64 15.18 -33.84
CA MET A 715 11.39 15.17 -33.10
C MET A 715 11.55 14.87 -31.61
N GLY A 716 12.77 14.79 -31.11
CA GLY A 716 13.00 14.45 -29.71
C GLY A 716 12.48 15.48 -28.73
N ASP A 717 12.93 16.73 -28.86
CA ASP A 717 12.44 17.78 -27.98
C ASP A 717 10.97 18.05 -28.22
N TYR A 718 10.53 17.97 -29.48
CA TYR A 718 9.11 18.13 -29.81
C TYR A 718 8.25 17.20 -28.97
N LEU A 719 8.61 15.92 -28.91
CA LEU A 719 7.84 14.95 -28.14
C LEU A 719 7.83 15.30 -26.66
N VAL A 720 9.00 15.61 -26.10
CA VAL A 720 9.11 15.91 -24.67
C VAL A 720 8.47 17.25 -24.34
N ASP A 721 8.54 18.24 -25.23
CA ASP A 721 8.04 19.57 -24.94
C ASP A 721 6.53 19.70 -25.12
N HIS A 722 5.90 18.74 -25.79
CA HIS A 722 4.55 18.97 -26.29
C HIS A 722 3.60 19.24 -25.12
N PRO A 723 2.70 20.22 -25.25
CA PRO A 723 1.80 20.55 -24.12
C PRO A 723 0.76 19.49 -23.82
N ASP A 724 0.46 18.59 -24.74
CA ASP A 724 -0.51 17.53 -24.48
C ASP A 724 0.12 16.29 -23.84
N ILE A 725 1.43 16.29 -23.61
CA ILE A 725 2.08 15.20 -22.89
C ILE A 725 1.92 15.45 -21.39
N SER A 726 1.43 14.45 -20.66
CA SER A 726 1.32 14.57 -19.20
C SER A 726 2.33 13.72 -18.44
N LEU A 727 2.98 12.77 -19.10
CA LEU A 727 3.93 11.90 -18.41
C LEU A 727 4.98 11.45 -19.41
N ILE A 728 6.22 11.31 -18.94
CA ILE A 728 7.29 10.79 -19.78
C ILE A 728 7.92 9.62 -19.05
N ALA A 729 7.94 8.47 -19.69
CA ALA A 729 8.62 7.29 -19.15
C ALA A 729 9.85 7.04 -20.00
N PHE A 730 11.02 7.05 -19.35
CA PHE A 730 12.30 7.04 -20.02
C PHE A 730 13.23 6.05 -19.31
N THR A 731 13.94 5.26 -20.11
CA THR A 731 15.07 4.49 -19.58
C THR A 731 16.22 4.66 -20.57
N GLY A 732 17.36 5.15 -20.06
CA GLY A 732 18.50 5.40 -20.92
C GLY A 732 19.62 6.08 -20.16
N SER A 733 20.37 6.92 -20.87
CA SER A 733 21.57 7.52 -20.29
C SER A 733 21.23 8.63 -19.32
N MET A 734 22.14 8.87 -18.37
CA MET A 734 21.95 9.97 -17.43
C MET A 734 21.87 11.30 -18.16
N GLU A 735 22.75 11.53 -19.15
CA GLU A 735 22.76 12.80 -19.86
C GLU A 735 21.42 13.08 -20.54
N THR A 736 20.87 12.10 -21.23
CA THR A 736 19.55 12.31 -21.86
C THR A 736 18.45 12.42 -20.80
N GLY A 737 18.48 11.57 -19.78
CA GLY A 737 17.43 11.61 -18.78
C GLY A 737 17.36 12.94 -18.05
N LEU A 738 18.53 13.48 -17.66
CA LEU A 738 18.57 14.77 -16.98
C LEU A 738 18.09 15.88 -17.89
N ARG A 739 18.42 15.80 -19.17
CA ARG A 739 17.94 16.81 -20.11
C ARG A 739 16.41 16.73 -20.25
N ILE A 740 15.86 15.52 -20.33
CA ILE A 740 14.41 15.36 -20.38
C ILE A 740 13.77 15.94 -19.13
N ILE A 741 14.36 15.67 -17.96
CA ILE A 741 13.80 16.19 -16.72
C ILE A 741 13.78 17.71 -16.75
N GLU A 742 14.87 18.33 -17.22
CA GLU A 742 14.93 19.79 -17.24
C GLU A 742 13.86 20.37 -18.16
N ARG A 743 13.75 19.83 -19.38
CA ARG A 743 12.80 20.36 -20.34
C ARG A 743 11.36 20.12 -19.91
N ALA A 744 11.09 18.95 -19.32
CA ALA A 744 9.71 18.61 -18.98
C ALA A 744 9.16 19.44 -17.84
N ALA A 745 10.03 20.08 -17.07
CA ALA A 745 9.57 20.84 -15.91
C ALA A 745 8.78 22.08 -16.33
N LYS A 746 8.99 22.59 -17.55
CA LYS A 746 8.27 23.76 -18.01
C LYS A 746 6.81 23.42 -18.31
N VAL A 747 5.91 24.30 -17.88
CA VAL A 747 4.50 24.22 -18.26
C VAL A 747 4.28 25.20 -19.42
N HIS A 748 3.98 24.66 -20.61
CA HIS A 748 3.74 25.45 -21.81
C HIS A 748 2.27 25.88 -21.89
N PRO A 749 1.96 26.86 -22.75
CA PRO A 749 0.55 27.26 -22.91
C PRO A 749 -0.32 26.08 -23.31
N GLY A 750 -1.45 25.94 -22.63
CA GLY A 750 -2.37 24.86 -22.93
C GLY A 750 -2.00 23.54 -22.30
N GLN A 751 -0.92 23.48 -21.54
CA GLN A 751 -0.50 22.26 -20.88
C GLN A 751 -1.33 22.05 -19.62
N ALA A 752 -2.02 20.91 -19.56
CA ALA A 752 -2.97 20.68 -18.48
C ALA A 752 -2.28 20.38 -17.15
N ASN A 753 -1.13 19.68 -17.19
CA ASN A 753 -0.54 19.12 -15.98
C ASN A 753 0.94 19.50 -15.86
N VAL A 754 1.45 19.43 -14.63
CA VAL A 754 2.89 19.29 -14.43
C VAL A 754 3.30 17.91 -14.91
N LYS A 755 4.29 17.85 -15.80
CA LYS A 755 4.65 16.57 -16.39
C LYS A 755 5.29 15.66 -15.35
N LYS A 756 4.81 14.41 -15.28
CA LYS A 756 5.31 13.41 -14.36
C LYS A 756 6.47 12.67 -15.05
N ILE A 757 7.58 12.49 -14.33
CA ILE A 757 8.77 11.86 -14.88
C ILE A 757 8.93 10.50 -14.23
N ILE A 758 9.07 9.47 -15.06
CA ILE A 758 9.47 8.14 -14.63
C ILE A 758 10.74 7.86 -15.40
N SER A 759 11.86 7.81 -14.69
CA SER A 759 13.17 7.81 -15.33
C SER A 759 14.06 6.79 -14.64
N GLU A 760 14.79 6.04 -15.46
CA GLU A 760 15.82 5.12 -15.01
C GLU A 760 17.06 5.46 -15.83
N MET A 761 18.18 5.72 -15.16
CA MET A 761 19.32 6.32 -15.84
C MET A 761 20.64 5.59 -15.55
N GLY A 762 20.61 4.28 -15.38
CA GLY A 762 21.88 3.55 -15.33
C GLY A 762 22.73 3.72 -14.08
N GLY A 763 23.94 3.14 -14.13
CA GLY A 763 24.71 2.99 -12.90
C GLY A 763 26.18 2.77 -13.16
N LYS A 764 26.93 2.71 -12.05
CA LYS A 764 28.34 2.37 -12.04
C LYS A 764 28.51 1.38 -10.89
N ASN A 765 28.04 0.15 -11.12
CA ASN A 765 27.73 -0.79 -10.06
C ASN A 765 28.95 -1.61 -9.67
N ALA A 766 29.14 -1.75 -8.36
CA ALA A 766 30.26 -2.49 -7.81
C ALA A 766 29.80 -3.79 -7.17
N ILE A 767 30.67 -4.79 -7.23
CA ILE A 767 30.56 -5.98 -6.39
C ILE A 767 31.78 -5.99 -5.46
N ILE A 768 31.53 -6.16 -4.17
CA ILE A 768 32.60 -6.25 -3.17
C ILE A 768 32.94 -7.72 -2.94
N ILE A 769 34.23 -8.03 -2.94
CA ILE A 769 34.74 -9.37 -2.66
C ILE A 769 35.46 -9.30 -1.31
N ASP A 770 34.79 -9.75 -0.25
CA ASP A 770 35.30 -9.74 1.11
C ASP A 770 36.35 -10.85 1.30
N ASP A 771 37.19 -10.68 2.33
CA ASP A 771 38.25 -11.66 2.63
C ASP A 771 37.72 -13.08 2.69
N ASP A 772 36.52 -13.27 3.23
CA ASP A 772 35.98 -14.61 3.46
C ASP A 772 35.05 -15.06 2.35
N ALA A 773 35.08 -14.38 1.20
CA ALA A 773 34.18 -14.74 0.10
C ALA A 773 34.46 -16.16 -0.40
N ASP A 774 33.40 -16.82 -0.84
CA ASP A 774 33.54 -18.11 -1.52
C ASP A 774 33.90 -17.83 -2.97
N LEU A 775 35.19 -17.96 -3.31
CA LEU A 775 35.62 -17.56 -4.64
C LEU A 775 35.09 -18.49 -5.72
N ASP A 776 34.77 -19.76 -5.38
CA ASP A 776 34.15 -20.63 -6.37
C ASP A 776 32.82 -20.07 -6.86
N GLU A 777 32.13 -19.30 -6.02
CA GLU A 777 30.90 -18.61 -6.43
C GLU A 777 31.19 -17.22 -6.97
N ALA A 778 32.06 -16.49 -6.28
CA ALA A 778 32.27 -15.07 -6.59
C ALA A 778 32.79 -14.88 -8.00
N VAL A 779 33.75 -15.71 -8.42
CA VAL A 779 34.40 -15.52 -9.71
C VAL A 779 33.40 -15.67 -10.85
N PRO A 780 32.68 -16.80 -11.00
CA PRO A 780 31.74 -16.88 -12.13
C PRO A 780 30.62 -15.85 -12.04
N HIS A 781 30.13 -15.53 -10.84
CA HIS A 781 29.08 -14.52 -10.73
C HIS A 781 29.58 -13.14 -11.16
N VAL A 782 30.81 -12.76 -10.77
CA VAL A 782 31.36 -11.49 -11.20
C VAL A 782 31.55 -11.47 -12.71
N LEU A 783 32.04 -12.57 -13.28
CA LEU A 783 32.27 -12.63 -14.72
C LEU A 783 30.97 -12.42 -15.48
N TYR A 784 29.90 -13.10 -15.06
CA TYR A 784 28.61 -12.92 -15.70
C TYR A 784 28.05 -11.51 -15.47
N SER A 785 28.21 -10.98 -14.26
CA SER A 785 27.69 -9.64 -13.96
C SER A 785 28.35 -8.59 -14.83
N ALA A 786 29.64 -8.78 -15.14
CA ALA A 786 30.40 -7.81 -15.91
C ALA A 786 30.21 -7.98 -17.42
N PHE A 787 30.15 -9.23 -17.89
CA PHE A 787 30.24 -9.47 -19.32
C PHE A 787 29.00 -10.11 -19.93
N GLY A 788 27.99 -10.46 -19.12
CA GLY A 788 26.74 -10.93 -19.70
C GLY A 788 26.15 -9.86 -20.61
N PHE A 789 25.71 -10.26 -21.80
CA PHE A 789 25.26 -9.32 -22.82
C PHE A 789 26.30 -8.21 -23.04
N GLN A 790 27.57 -8.62 -23.04
CA GLN A 790 28.74 -7.77 -23.21
C GLN A 790 28.65 -6.49 -22.39
N GLY A 791 28.11 -6.59 -21.18
CA GLY A 791 28.14 -5.47 -20.25
C GLY A 791 27.12 -4.38 -20.51
N GLN A 792 26.17 -4.61 -21.42
CA GLN A 792 25.23 -3.58 -21.84
C GLN A 792 23.95 -3.60 -20.99
N LYS A 793 24.15 -3.48 -19.68
CA LYS A 793 23.04 -3.46 -18.73
C LYS A 793 23.24 -2.32 -17.74
N CYS A 794 22.18 -1.58 -17.44
CA CYS A 794 22.30 -0.55 -16.42
CA CYS A 794 22.30 -0.55 -16.42
C CYS A 794 22.70 -1.16 -15.07
N SER A 795 22.42 -2.44 -14.88
CA SER A 795 22.73 -3.19 -13.67
C SER A 795 24.12 -3.84 -13.69
N ALA A 796 24.85 -3.78 -14.81
CA ALA A 796 26.08 -4.55 -14.96
C ALA A 796 27.11 -4.18 -13.89
N CYS A 797 27.89 -5.18 -13.48
CA CYS A 797 29.06 -4.93 -12.65
C CYS A 797 30.16 -4.31 -13.50
N SER A 798 30.53 -3.05 -13.23
CA SER A 798 31.65 -2.40 -13.90
C SER A 798 32.80 -2.10 -12.95
N ARG A 799 32.62 -2.36 -11.66
CA ARG A 799 33.67 -2.22 -10.65
C ARG A 799 33.61 -3.45 -9.76
N VAL A 800 34.73 -4.15 -9.61
CA VAL A 800 34.80 -5.20 -8.61
C VAL A 800 35.82 -4.76 -7.58
N ILE A 801 35.37 -4.61 -6.35
CA ILE A 801 36.15 -4.03 -5.25
C ILE A 801 36.55 -5.17 -4.35
N VAL A 802 37.85 -5.49 -4.35
CA VAL A 802 38.38 -6.74 -3.82
C VAL A 802 39.24 -6.42 -2.61
N LEU A 803 38.97 -7.11 -1.51
CA LEU A 803 39.74 -6.88 -0.29
C LEU A 803 41.21 -7.27 -0.49
N ASP A 804 42.08 -6.50 0.17
CA ASP A 804 43.52 -6.55 -0.05
C ASP A 804 44.08 -7.97 0.01
N ALA A 805 43.74 -8.72 1.05
CA ALA A 805 44.42 -10.01 1.27
C ALA A 805 43.88 -11.14 0.40
N VAL A 806 42.82 -10.93 -0.35
CA VAL A 806 42.32 -11.93 -1.29
C VAL A 806 42.47 -11.47 -2.73
N TYR A 807 43.10 -10.32 -2.94
CA TYR A 807 43.14 -9.70 -4.27
C TYR A 807 43.86 -10.58 -5.29
N ASP A 808 45.11 -10.97 -4.97
CA ASP A 808 45.90 -11.71 -5.95
C ASP A 808 45.24 -13.03 -6.31
N LYS A 809 44.69 -13.73 -5.33
CA LYS A 809 44.05 -15.02 -5.60
C LYS A 809 42.79 -14.84 -6.45
N PHE A 810 41.95 -13.87 -6.10
CA PHE A 810 40.72 -13.61 -6.85
C PHE A 810 41.01 -13.22 -8.29
N ILE A 811 41.96 -12.28 -8.52
CA ILE A 811 42.12 -11.83 -9.91
C ILE A 811 42.77 -12.91 -10.76
N GLU A 812 43.62 -13.75 -10.16
CA GLU A 812 44.17 -14.86 -10.92
C GLU A 812 43.07 -15.80 -11.40
N ARG A 813 42.13 -16.14 -10.52
CA ARG A 813 41.06 -17.05 -10.93
C ARG A 813 40.08 -16.37 -11.88
N LEU A 814 39.79 -15.08 -11.63
CA LEU A 814 38.88 -14.35 -12.52
C LEU A 814 39.45 -14.25 -13.93
N VAL A 815 40.71 -13.84 -14.04
CA VAL A 815 41.34 -13.72 -15.35
C VAL A 815 41.47 -15.08 -16.02
N SER A 816 41.80 -16.11 -15.26
CA SER A 816 41.92 -17.44 -15.88
C SER A 816 40.57 -17.95 -16.38
N MET A 817 39.48 -17.67 -15.67
CA MET A 817 38.17 -18.04 -16.18
C MET A 817 37.81 -17.23 -17.42
N ALA A 818 38.11 -15.93 -17.39
CA ALA A 818 37.84 -15.08 -18.56
C ALA A 818 38.55 -15.62 -19.80
N LYS A 819 39.81 -16.05 -19.65
CA LYS A 819 40.57 -16.59 -20.77
C LYS A 819 39.92 -17.82 -21.39
N ALA A 820 39.10 -18.55 -20.65
CA ALA A 820 38.44 -19.71 -21.22
C ALA A 820 37.26 -19.33 -22.10
N THR A 821 36.71 -18.13 -21.94
CA THR A 821 35.52 -17.76 -22.71
C THR A 821 35.89 -17.21 -24.07
N LYS A 822 34.94 -17.29 -25.01
CA LYS A 822 35.13 -16.85 -26.38
C LYS A 822 34.19 -15.70 -26.68
N VAL A 823 34.66 -14.73 -27.46
CA VAL A 823 33.84 -13.62 -27.94
C VAL A 823 33.47 -13.88 -29.39
N GLY A 824 32.18 -13.75 -29.71
CA GLY A 824 31.73 -13.99 -31.07
C GLY A 824 30.23 -13.86 -31.23
N PRO A 825 29.73 -14.06 -32.46
CA PRO A 825 28.30 -13.86 -32.71
C PRO A 825 27.41 -14.55 -31.69
N SER A 826 26.36 -13.82 -31.27
CA SER A 826 25.47 -14.31 -30.21
C SER A 826 24.55 -15.41 -30.69
N GLU A 827 24.40 -15.59 -32.01
CA GLU A 827 23.59 -16.71 -32.48
C GLU A 827 24.28 -18.04 -32.27
N ASP A 828 25.60 -18.03 -32.07
CA ASP A 828 26.35 -19.24 -31.79
C ASP A 828 26.44 -19.40 -30.29
N PRO A 829 25.81 -20.41 -29.69
CA PRO A 829 25.75 -20.48 -28.23
C PRO A 829 27.09 -20.79 -27.57
N ALA A 830 28.14 -21.11 -28.34
CA ALA A 830 29.43 -21.36 -27.72
C ALA A 830 30.10 -20.09 -27.25
N ASN A 831 29.68 -18.93 -27.77
CA ASN A 831 30.30 -17.67 -27.40
C ASN A 831 29.68 -17.14 -26.12
N TYR A 832 30.54 -16.59 -25.25
CA TYR A 832 30.08 -16.06 -23.97
C TYR A 832 29.42 -14.69 -24.16
N MET A 833 30.04 -13.84 -24.98
CA MET A 833 29.52 -12.52 -25.30
C MET A 833 29.92 -12.21 -26.73
N GLY A 834 29.31 -11.18 -27.30
CA GLY A 834 29.56 -10.83 -28.69
C GLY A 834 29.65 -9.33 -28.94
N ALA A 835 29.34 -8.92 -30.18
CA ALA A 835 29.45 -7.53 -30.58
C ALA A 835 28.54 -6.63 -29.74
N VAL A 836 28.96 -5.37 -29.57
CA VAL A 836 28.14 -4.38 -28.88
C VAL A 836 27.15 -3.80 -29.88
N ALA A 837 26.32 -2.86 -29.42
CA ALA A 837 25.03 -2.58 -30.07
C ALA A 837 25.19 -2.03 -31.47
N ASP A 838 26.12 -1.09 -31.67
CA ASP A 838 26.30 -0.47 -32.97
C ASP A 838 27.68 0.19 -33.04
N ASP A 839 27.97 0.82 -34.18
CA ASP A 839 29.29 1.38 -34.39
C ASP A 839 29.59 2.49 -33.39
N LYS A 840 28.59 3.28 -33.02
CA LYS A 840 28.79 4.37 -32.06
C LYS A 840 29.19 3.82 -30.69
N ALA A 841 28.48 2.79 -30.23
CA ALA A 841 28.84 2.16 -28.96
C ALA A 841 30.25 1.60 -29.01
N MET A 842 30.61 0.95 -30.11
CA MET A 842 31.94 0.37 -30.24
C MET A 842 33.04 1.43 -30.12
N LYS A 843 32.88 2.54 -30.86
CA LYS A 843 33.86 3.62 -30.79
C LYS A 843 33.96 4.20 -29.39
N SER A 844 32.80 4.42 -28.75
CA SER A 844 32.79 5.01 -27.41
C SER A 844 33.39 4.07 -26.37
N ILE A 845 33.04 2.79 -26.42
CA ILE A 845 33.62 1.82 -25.48
C ILE A 845 35.12 1.70 -25.70
N LYS A 846 35.56 1.65 -26.96
CA LYS A 846 37.00 1.52 -27.21
C LYS A 846 37.76 2.73 -26.68
N GLU A 847 37.20 3.93 -26.81
CA GLU A 847 37.84 5.10 -26.22
C GLU A 847 37.95 4.95 -24.71
N TYR A 848 36.88 4.49 -24.05
CA TYR A 848 36.91 4.28 -22.62
C TYR A 848 37.93 3.22 -22.23
N ALA A 849 38.10 2.19 -23.05
CA ALA A 849 39.09 1.17 -22.74
C ALA A 849 40.50 1.74 -22.80
N GLU A 850 40.78 2.59 -23.78
CA GLU A 850 42.09 3.21 -23.85
C GLU A 850 42.31 4.16 -22.67
N ILE A 851 41.28 4.94 -22.30
CA ILE A 851 41.36 5.77 -21.10
C ILE A 851 41.67 4.91 -19.88
N GLY A 852 40.96 3.79 -19.74
CA GLY A 852 41.16 2.94 -18.57
C GLY A 852 42.53 2.30 -18.52
N LYS A 853 43.08 1.92 -19.68
CA LYS A 853 44.40 1.31 -19.70
C LYS A 853 45.50 2.33 -19.39
N ARG A 854 45.22 3.62 -19.52
CA ARG A 854 46.16 4.64 -19.05
C ARG A 854 45.97 4.95 -17.58
N GLU A 855 44.78 4.74 -17.04
CA GLU A 855 44.54 4.96 -15.61
C GLU A 855 45.05 3.80 -14.76
N GLY A 856 44.74 2.57 -15.17
CA GLY A 856 45.18 1.39 -14.46
C GLY A 856 46.08 0.52 -15.31
N HIS A 857 46.01 -0.79 -15.14
CA HIS A 857 46.86 -1.68 -15.91
C HIS A 857 46.04 -2.84 -16.40
N VAL A 858 46.24 -3.21 -17.67
CA VAL A 858 45.38 -4.22 -18.28
C VAL A 858 45.71 -5.59 -17.70
N LEU A 859 44.69 -6.29 -17.22
CA LEU A 859 44.83 -7.66 -16.74
C LEU A 859 44.41 -8.69 -17.78
N TYR A 860 43.45 -8.35 -18.63
CA TYR A 860 43.01 -9.26 -19.67
C TYR A 860 42.36 -8.44 -20.78
N GLU A 861 42.69 -8.79 -22.02
CA GLU A 861 42.06 -8.21 -23.20
C GLU A 861 41.86 -9.32 -24.22
N SER A 862 40.62 -9.77 -24.40
CA SER A 862 40.34 -10.98 -25.15
C SER A 862 40.64 -10.79 -26.63
N PRO A 863 40.91 -11.88 -27.35
CA PRO A 863 40.82 -11.83 -28.82
C PRO A 863 39.38 -11.55 -29.22
N VAL A 864 39.20 -11.05 -30.44
CA VAL A 864 37.88 -10.91 -31.04
C VAL A 864 37.94 -11.49 -32.45
N PRO A 865 36.79 -11.82 -33.04
CA PRO A 865 36.81 -12.37 -34.40
C PRO A 865 37.38 -11.37 -35.39
N ALA A 866 38.10 -11.87 -36.39
CA ALA A 866 38.49 -11.05 -37.52
C ALA A 866 37.27 -10.72 -38.37
N GLY A 867 37.34 -9.62 -39.12
CA GLY A 867 36.26 -9.29 -40.02
C GLY A 867 35.21 -8.37 -39.46
N GLU A 868 33.98 -8.44 -39.98
CA GLU A 868 32.96 -7.46 -39.63
C GLU A 868 32.27 -7.82 -38.33
N GLY A 869 31.66 -6.81 -37.72
CA GLY A 869 31.02 -6.95 -36.43
C GLY A 869 31.55 -5.95 -35.43
N TYR A 870 30.68 -5.42 -34.57
CA TYR A 870 31.06 -4.37 -33.62
C TYR A 870 31.67 -4.98 -32.36
N PHE A 871 32.81 -5.64 -32.54
CA PHE A 871 33.43 -6.36 -31.43
C PHE A 871 34.31 -5.45 -30.59
N VAL A 872 34.12 -5.55 -29.28
CA VAL A 872 35.01 -4.96 -28.29
C VAL A 872 35.54 -6.11 -27.45
N PRO A 873 36.85 -6.18 -27.18
CA PRO A 873 37.36 -7.29 -26.36
C PRO A 873 36.74 -7.31 -24.97
N MET A 874 36.55 -8.52 -24.45
CA MET A 874 36.36 -8.69 -23.02
C MET A 874 37.59 -8.16 -22.31
N THR A 875 37.42 -7.09 -21.52
CA THR A 875 38.53 -6.31 -21.00
C THR A 875 38.43 -6.20 -19.48
N ILE A 876 39.53 -6.54 -18.81
CA ILE A 876 39.65 -6.41 -17.36
C ILE A 876 40.88 -5.55 -17.07
N ILE A 877 40.68 -4.49 -16.29
CA ILE A 877 41.72 -3.52 -15.98
C ILE A 877 41.84 -3.39 -14.46
N GLY A 878 43.06 -3.54 -13.95
CA GLY A 878 43.32 -3.45 -12.52
C GLY A 878 43.98 -2.13 -12.13
N GLY A 879 44.20 -1.98 -10.83
CA GLY A 879 44.81 -0.76 -10.32
C GLY A 879 43.90 0.46 -10.33
N ILE A 880 42.61 0.27 -10.43
CA ILE A 880 41.71 1.41 -10.55
C ILE A 880 41.30 1.91 -9.16
N LYS A 881 41.23 3.23 -9.03
CA LYS A 881 40.92 3.93 -7.80
C LYS A 881 39.73 4.85 -8.03
N PRO A 882 39.05 5.30 -6.97
CA PRO A 882 37.84 6.12 -7.18
C PRO A 882 38.06 7.40 -7.99
N GLU A 883 39.26 7.98 -7.96
CA GLU A 883 39.57 9.18 -8.74
C GLU A 883 39.49 8.94 -10.25
N HIS A 884 39.61 7.69 -10.71
CA HIS A 884 39.76 7.42 -12.13
C HIS A 884 38.44 7.55 -12.87
N ARG A 885 38.53 7.95 -14.15
CA ARG A 885 37.32 8.09 -14.96
C ARG A 885 36.57 6.77 -15.11
N ILE A 886 37.27 5.65 -15.31
CA ILE A 886 36.53 4.40 -15.50
C ILE A 886 36.06 3.82 -14.18
N ALA A 887 36.35 4.49 -13.07
CA ALA A 887 35.72 4.20 -11.79
C ALA A 887 34.46 5.02 -11.55
N GLN A 888 34.15 5.95 -12.44
CA GLN A 888 33.06 6.91 -12.23
C GLN A 888 32.05 6.93 -13.37
N GLU A 889 32.50 6.81 -14.62
CA GLU A 889 31.63 7.03 -15.78
C GLU A 889 31.12 5.70 -16.32
N GLU A 890 29.82 5.66 -16.61
CA GLU A 890 29.19 4.44 -17.14
C GLU A 890 29.65 4.20 -18.57
N ILE A 891 30.34 3.07 -18.78
CA ILE A 891 30.87 2.74 -20.10
C ILE A 891 29.86 1.92 -20.91
N PHE A 892 29.03 1.12 -20.25
CA PHE A 892 28.01 0.32 -20.93
C PHE A 892 28.63 -0.65 -21.94
N GLY A 893 29.75 -1.25 -21.56
CA GLY A 893 30.45 -2.18 -22.42
C GLY A 893 31.26 -3.18 -21.62
N PRO A 894 31.97 -4.06 -22.31
CA PRO A 894 32.67 -5.16 -21.61
C PRO A 894 34.02 -4.72 -21.06
N VAL A 895 33.99 -3.73 -20.16
CA VAL A 895 35.20 -3.17 -19.53
C VAL A 895 34.98 -3.20 -18.01
N LEU A 896 35.74 -4.06 -17.33
CA LEU A 896 35.60 -4.26 -15.89
C LEU A 896 36.80 -3.64 -15.18
N ALA A 897 36.52 -2.76 -14.21
CA ALA A 897 37.55 -2.14 -13.38
C ALA A 897 37.70 -2.91 -12.08
N VAL A 898 38.94 -3.29 -11.75
CA VAL A 898 39.25 -4.01 -10.52
C VAL A 898 39.93 -3.05 -9.57
N MET A 899 39.40 -2.93 -8.36
CA MET A 899 39.82 -1.96 -7.36
C MET A 899 40.23 -2.70 -6.10
N ARG A 900 41.38 -2.31 -5.53
CA ARG A 900 41.98 -3.02 -4.40
C ARG A 900 41.76 -2.22 -3.11
N ALA A 901 40.83 -2.68 -2.27
CA ALA A 901 40.51 -1.98 -1.03
C ALA A 901 41.36 -2.48 0.12
N LYS A 902 41.83 -1.56 0.97
CA LYS A 902 42.75 -1.94 2.04
C LYS A 902 42.04 -2.63 3.20
N ASP A 903 40.76 -2.34 3.40
CA ASP A 903 39.98 -2.95 4.47
C ASP A 903 38.50 -2.81 4.11
N PHE A 904 37.63 -3.37 4.95
CA PHE A 904 36.23 -3.42 4.55
C PHE A 904 35.58 -2.05 4.61
N ASP A 905 36.01 -1.21 5.55
CA ASP A 905 35.49 0.17 5.57
C ASP A 905 35.79 0.87 4.25
N GLN A 906 37.01 0.73 3.73
CA GLN A 906 37.32 1.40 2.47
C GLN A 906 36.56 0.77 1.31
N ALA A 907 36.31 -0.54 1.38
CA ALA A 907 35.52 -1.18 0.33
C ALA A 907 34.14 -0.55 0.23
N ILE A 908 33.48 -0.33 1.37
CA ILE A 908 32.17 0.30 1.37
C ILE A 908 32.26 1.75 0.92
N GLU A 909 33.24 2.49 1.44
CA GLU A 909 33.46 3.87 1.02
C GLU A 909 33.66 3.96 -0.50
N TRP A 910 34.49 3.07 -1.06
CA TRP A 910 34.68 3.06 -2.50
C TRP A 910 33.42 2.65 -3.24
N ALA A 911 32.68 1.67 -2.71
CA ALA A 911 31.42 1.30 -3.36
C ALA A 911 30.50 2.50 -3.48
N ASN A 912 30.53 3.37 -2.48
CA ASN A 912 29.64 4.52 -2.42
C ASN A 912 30.24 5.77 -3.06
N SER A 913 31.33 5.66 -3.83
CA SER A 913 32.06 6.86 -4.25
C SER A 913 31.64 7.43 -5.61
N THR A 914 30.58 6.92 -6.22
CA THR A 914 30.14 7.42 -7.53
C THR A 914 28.89 8.26 -7.36
N GLN A 915 28.42 8.82 -8.50
CA GLN A 915 27.16 9.53 -8.58
C GLN A 915 25.95 8.60 -8.63
N PHE A 916 26.16 7.30 -8.81
CA PHE A 916 25.07 6.38 -9.10
C PHE A 916 24.74 5.51 -7.88
N ALA A 917 23.56 4.90 -7.92
CA ALA A 917 23.14 4.02 -6.83
C ALA A 917 22.13 3.00 -7.31
N LEU A 918 22.45 2.28 -8.38
CA LEU A 918 21.45 1.41 -9.03
C LEU A 918 21.52 0.00 -8.43
N THR A 919 22.57 -0.76 -8.76
CA THR A 919 22.75 -2.09 -8.19
C THR A 919 24.11 -2.20 -7.53
N GLY A 920 24.25 -3.27 -6.78
CA GLY A 920 25.50 -3.59 -6.11
C GLY A 920 25.45 -5.03 -5.63
N GLY A 921 26.63 -5.58 -5.39
CA GLY A 921 26.73 -6.92 -4.88
C GLY A 921 27.81 -7.01 -3.81
N ILE A 922 27.69 -8.05 -2.98
CA ILE A 922 28.76 -8.35 -2.03
C ILE A 922 28.85 -9.85 -1.85
N PHE A 923 30.06 -10.38 -1.96
CA PHE A 923 30.35 -11.76 -1.57
C PHE A 923 31.05 -11.71 -0.23
N SER A 924 30.35 -12.18 0.79
CA SER A 924 30.88 -12.17 2.15
C SER A 924 30.10 -13.19 2.95
N ARG A 925 30.79 -13.80 3.92
CA ARG A 925 30.16 -14.72 4.85
C ARG A 925 30.34 -14.23 6.29
N SER A 926 30.48 -12.91 6.44
CA SER A 926 30.59 -12.29 7.75
C SER A 926 29.27 -11.65 8.13
N PRO A 927 28.61 -12.07 9.20
CA PRO A 927 27.36 -11.38 9.60
C PRO A 927 27.54 -9.88 9.83
N GLU A 928 28.67 -9.48 10.39
CA GLU A 928 28.90 -8.05 10.64
C GLU A 928 29.07 -7.28 9.34
N HIS A 929 29.83 -7.83 8.38
CA HIS A 929 30.05 -7.10 7.14
C HIS A 929 28.79 -7.04 6.29
N LEU A 930 28.01 -8.12 6.30
CA LEU A 930 26.74 -8.12 5.58
C LEU A 930 25.77 -7.13 6.20
N ALA A 931 25.75 -7.02 7.53
CA ALA A 931 24.89 -6.03 8.17
C ALA A 931 25.31 -4.62 7.80
N LYS A 932 26.61 -4.36 7.77
CA LYS A 932 27.10 -3.04 7.38
C LYS A 932 26.75 -2.76 5.92
N ALA A 933 26.87 -3.77 5.04
CA ALA A 933 26.51 -3.57 3.64
C ALA A 933 25.02 -3.31 3.47
N ARG A 934 24.17 -4.07 4.18
CA ARG A 934 22.73 -3.83 4.10
C ARG A 934 22.39 -2.39 4.48
N ARG A 935 23.05 -1.87 5.52
CA ARG A 935 22.75 -0.52 5.97
C ARG A 935 23.33 0.54 5.03
N GLU A 936 24.62 0.40 4.67
CA GLU A 936 25.39 1.52 4.11
C GLU A 936 25.62 1.43 2.60
N PHE A 937 25.52 0.25 1.99
CA PHE A 937 25.76 0.10 0.56
C PHE A 937 24.41 0.38 -0.11
N ARG A 938 24.08 1.68 -0.19
CA ARG A 938 22.70 2.13 -0.42
C ARG A 938 22.37 2.23 -1.91
N VAL A 939 22.47 1.11 -2.61
CA VAL A 939 22.00 0.99 -3.98
C VAL A 939 20.53 0.58 -3.95
N GLY A 940 19.82 0.85 -5.05
CA GLY A 940 18.41 0.46 -5.12
C GLY A 940 18.19 -1.04 -5.06
N ASN A 941 19.12 -1.83 -5.57
CA ASN A 941 19.05 -3.29 -5.49
C ASN A 941 20.42 -3.79 -5.09
N LEU A 942 20.55 -4.22 -3.83
CA LEU A 942 21.77 -4.83 -3.31
C LEU A 942 21.60 -6.35 -3.33
N TYR A 943 22.59 -7.05 -3.87
CA TYR A 943 22.58 -8.50 -3.94
C TYR A 943 23.69 -9.09 -3.07
N ILE A 944 23.35 -10.12 -2.30
CA ILE A 944 24.29 -10.76 -1.38
C ILE A 944 24.58 -12.17 -1.89
N ASN A 945 25.86 -12.43 -2.20
CA ASN A 945 26.37 -13.76 -2.59
C ASN A 945 25.72 -14.28 -3.86
N ARG A 946 25.57 -13.41 -4.85
CA ARG A 946 25.13 -13.79 -6.18
C ARG A 946 25.40 -12.60 -7.09
N ASN A 947 25.19 -12.80 -8.38
CA ASN A 947 25.36 -11.71 -9.34
C ASN A 947 24.39 -10.57 -9.05
N ASN A 948 24.75 -9.37 -9.49
CA ASN A 948 23.94 -8.18 -9.24
C ASN A 948 23.09 -7.79 -10.45
N THR A 949 22.91 -8.70 -11.39
CA THR A 949 22.07 -8.49 -12.57
C THR A 949 20.89 -9.46 -12.54
N GLY A 950 20.01 -9.36 -13.52
CA GLY A 950 18.94 -10.33 -13.63
C GLY A 950 17.79 -10.19 -12.65
N ALA A 951 17.36 -8.98 -12.35
CA ALA A 951 16.22 -8.77 -11.47
C ALA A 951 14.94 -9.32 -12.10
N LEU A 952 14.06 -9.90 -11.27
CA LEU A 952 12.78 -10.46 -11.70
C LEU A 952 11.63 -9.64 -11.12
N VAL A 953 10.54 -9.56 -11.89
CA VAL A 953 9.35 -8.86 -11.43
C VAL A 953 8.88 -9.45 -10.10
N GLU A 954 8.50 -8.56 -9.18
CA GLU A 954 8.00 -8.80 -7.84
C GLU A 954 9.10 -9.24 -6.87
N ARG A 955 9.96 -10.16 -7.30
CA ARG A 955 11.07 -10.60 -6.44
C ARG A 955 12.10 -9.50 -6.26
N GLN A 956 12.48 -8.81 -7.34
CA GLN A 956 13.45 -7.72 -7.27
C GLN A 956 12.93 -6.51 -8.05
N PRO A 957 11.92 -5.82 -7.53
CA PRO A 957 11.55 -4.52 -8.12
C PRO A 957 12.78 -3.64 -8.25
N PHE A 958 12.95 -3.02 -9.42
CA PHE A 958 14.25 -2.55 -9.89
C PHE A 958 14.25 -1.03 -10.09
N GLY A 959 15.25 -0.36 -9.56
CA GLY A 959 15.42 1.07 -9.79
C GLY A 959 16.02 1.75 -8.58
N GLY A 960 16.60 2.93 -8.83
CA GLY A 960 17.36 3.62 -7.80
C GLY A 960 17.14 5.13 -7.80
N ALA A 961 17.85 5.78 -6.88
CA ALA A 961 17.85 7.23 -6.78
C ALA A 961 19.24 7.76 -7.11
N ARG A 962 19.68 8.83 -6.44
CA ARG A 962 20.88 9.56 -6.84
C ARG A 962 20.80 9.87 -8.33
N MET A 963 21.88 9.66 -9.09
CA MET A 963 21.79 9.92 -10.53
C MET A 963 21.33 8.70 -11.32
N SER A 964 20.89 7.64 -10.65
CA SER A 964 20.42 6.45 -11.33
C SER A 964 18.93 6.47 -11.63
N GLY A 965 18.18 7.42 -11.09
CA GLY A 965 16.75 7.44 -11.36
C GLY A 965 16.04 8.38 -10.40
N VAL A 966 14.72 8.32 -10.44
CA VAL A 966 13.91 9.16 -9.57
C VAL A 966 13.19 8.33 -8.52
N GLY A 967 13.71 7.15 -8.18
CA GLY A 967 13.12 6.33 -7.16
C GLY A 967 11.84 5.61 -7.56
N THR A 968 11.69 5.29 -8.84
CA THR A 968 10.57 4.48 -9.32
C THR A 968 11.09 3.07 -9.55
N LYS A 969 10.36 2.07 -9.07
CA LYS A 969 10.83 0.68 -9.16
C LYS A 969 9.86 -0.12 -10.03
N ALA A 970 10.20 -0.26 -11.30
CA ALA A 970 9.47 -1.15 -12.19
C ALA A 970 9.39 -2.56 -11.60
N GLY A 971 8.27 -3.21 -11.82
CA GLY A 971 8.09 -4.58 -11.37
C GLY A 971 7.81 -4.73 -9.90
N GLY A 972 7.38 -3.66 -9.23
CA GLY A 972 7.06 -3.68 -7.82
C GLY A 972 5.76 -2.99 -7.50
N PRO A 973 5.35 -3.09 -6.23
CA PRO A 973 3.99 -2.67 -5.85
C PRO A 973 3.78 -1.18 -5.69
N ASP A 974 4.80 -0.35 -5.96
CA ASP A 974 4.68 1.10 -5.90
C ASP A 974 4.66 1.74 -7.28
N TYR A 975 4.84 0.94 -8.34
CA TYR A 975 5.12 1.48 -9.66
C TYR A 975 3.90 2.11 -10.32
N LEU A 976 2.76 1.40 -10.33
CA LEU A 976 1.60 1.90 -11.09
C LEU A 976 1.10 3.25 -10.55
N LEU A 977 1.23 3.50 -9.25
CA LEU A 977 0.79 4.77 -8.69
C LEU A 977 1.47 5.94 -9.39
N HIS A 978 2.69 5.75 -9.89
CA HIS A 978 3.41 6.85 -10.54
C HIS A 978 2.75 7.29 -11.84
N PHE A 979 1.91 6.44 -12.43
CA PHE A 979 1.25 6.80 -13.67
C PHE A 979 -0.13 7.42 -13.45
N MET A 980 -0.49 7.73 -12.21
CA MET A 980 -1.83 8.16 -11.85
C MET A 980 -1.75 9.26 -10.81
N ASP A 981 -2.91 9.86 -10.50
CA ASP A 981 -3.04 10.79 -9.40
C ASP A 981 -4.23 10.38 -8.52
N PRO A 982 -4.12 10.52 -7.21
CA PRO A 982 -5.22 10.12 -6.34
C PRO A 982 -6.34 11.15 -6.37
N ARG A 983 -7.51 10.67 -5.99
CA ARG A 983 -8.69 11.51 -5.93
C ARG A 983 -9.55 10.99 -4.79
N VAL A 984 -10.25 11.90 -4.13
CA VAL A 984 -11.17 11.55 -3.05
C VAL A 984 -12.55 12.15 -3.34
N VAL A 985 -13.60 11.34 -3.13
CA VAL A 985 -14.96 11.83 -3.14
C VAL A 985 -15.52 11.65 -1.73
N THR A 986 -16.03 12.74 -1.16
CA THR A 986 -16.59 12.74 0.19
C THR A 986 -18.07 13.07 0.11
N GLU A 987 -18.91 12.22 0.69
CA GLU A 987 -20.37 12.43 0.62
C GLU A 987 -20.95 12.50 2.04
N ASN A 988 -21.64 13.60 2.33
CA ASN A 988 -22.52 13.70 3.48
C ASN A 988 -23.76 12.87 3.20
N THR A 989 -23.93 11.76 3.92
CA THR A 989 -25.04 10.84 3.67
C THR A 989 -26.28 11.11 4.52
N MET A 990 -26.24 12.13 5.38
CA MET A 990 -27.36 12.44 6.27
CA MET A 990 -27.37 12.41 6.25
C MET A 990 -28.39 13.31 5.55
N ARG A 991 -29.67 12.91 5.65
CA ARG A 991 -30.81 13.66 5.14
C ARG A 991 -31.87 13.65 6.22
N ARG A 992 -32.38 14.82 6.60
CA ARG A 992 -33.43 14.95 7.61
C ARG A 992 -33.08 14.19 8.89
N GLY A 993 -31.81 14.20 9.26
CA GLY A 993 -31.38 13.59 10.50
C GLY A 993 -31.16 12.09 10.48
N PHE A 994 -31.09 11.47 9.30
CA PHE A 994 -30.80 10.05 9.24
C PHE A 994 -29.83 9.77 8.10
N ALA A 995 -28.99 8.76 8.29
CA ALA A 995 -28.07 8.29 7.28
C ALA A 995 -28.05 6.77 7.32
N PRO A 996 -27.81 6.12 6.20
CA PRO A 996 -27.65 4.66 6.22
C PRO A 996 -26.44 4.29 7.05
N ILE A 997 -26.56 3.22 7.81
CA ILE A 997 -25.43 2.68 8.56
C ILE A 997 -24.60 1.83 7.61
N GLU A 998 -23.30 2.14 7.53
CA GLU A 998 -22.37 1.42 6.67
C GLU A 998 -21.50 0.51 7.53
N GLU A 999 -20.98 -0.56 6.90
CA GLU A 999 -20.40 -1.66 7.66
C GLU A 999 -19.28 -1.18 8.58
N ASP A 1000 -18.37 -0.37 8.07
CA ASP A 1000 -17.21 0.05 8.83
C ASP A 1000 -17.42 1.33 9.62
N ASP A 1001 -18.66 1.78 9.79
CA ASP A 1001 -18.90 2.99 10.58
C ASP A 1001 -18.44 2.78 12.02
N ASP A 1002 -17.80 3.79 12.58
CA ASP A 1002 -17.70 3.90 14.03
C ASP A 1002 -19.09 4.24 14.56
N TRP A 1003 -19.70 3.31 15.29
CA TRP A 1003 -21.07 3.51 15.77
C TRP A 1003 -21.12 3.18 17.26
N VAL A 1004 -22.34 2.93 17.77
CA VAL A 1004 -22.57 2.83 19.21
C VAL A 1004 -23.12 1.48 19.62
N ASP A 1005 -23.29 0.55 18.69
CA ASP A 1005 -23.77 -0.79 19.01
C ASP A 1005 -22.80 -1.50 19.95
N ASN B 4 -39.92 1.12 42.92
CA ASN B 4 -40.79 0.32 43.78
C ASN B 4 -41.48 -0.79 42.99
N SER B 5 -41.50 -2.00 43.55
CA SER B 5 -42.09 -3.13 42.84
C SER B 5 -43.62 -3.02 42.79
N GLU B 6 -44.24 -2.53 43.86
CA GLU B 6 -45.70 -2.38 43.87
C GLU B 6 -46.16 -1.32 42.88
N LEU B 7 -45.46 -0.18 42.84
CA LEU B 7 -45.74 0.83 41.83
C LEU B 7 -45.55 0.28 40.42
N ASN B 8 -44.49 -0.49 40.21
CA ASN B 8 -44.24 -1.04 38.88
C ASN B 8 -45.37 -1.98 38.45
N THR B 9 -45.89 -2.77 39.38
CA THR B 9 -47.02 -3.65 39.05
C THR B 9 -48.25 -2.82 38.69
N LYS B 10 -48.50 -1.73 39.40
CA LYS B 10 -49.62 -0.85 39.05
C LYS B 10 -49.42 -0.27 37.66
N ILE B 11 -48.17 0.06 37.31
CA ILE B 11 -47.89 0.62 35.99
C ILE B 11 -48.14 -0.43 34.91
N VAL B 12 -47.66 -1.66 35.12
CA VAL B 12 -47.84 -2.71 34.12
C VAL B 12 -49.32 -3.00 33.92
N ASN B 13 -50.09 -3.09 35.01
CA ASN B 13 -51.52 -3.33 34.87
C ASN B 13 -52.21 -2.15 34.16
N ARG B 14 -51.80 -0.92 34.47
CA ARG B 14 -52.36 0.22 33.77
C ARG B 14 -52.07 0.13 32.28
N GLY B 15 -50.84 -0.24 31.92
CA GLY B 15 -50.51 -0.43 30.52
C GLY B 15 -51.30 -1.56 29.87
N LYS B 16 -51.53 -2.65 30.62
CA LYS B 16 -52.28 -3.78 30.08
C LYS B 16 -53.73 -3.39 29.80
N GLU B 17 -54.34 -2.61 30.68
CA GLU B 17 -55.67 -2.09 30.42
C GLU B 17 -55.66 -1.19 29.19
N PHE B 18 -54.63 -0.36 29.07
CA PHE B 18 -54.51 0.53 27.91
C PHE B 18 -54.53 -0.27 26.61
N PHE B 19 -53.66 -1.29 26.50
CA PHE B 19 -53.63 -2.11 25.30
C PHE B 19 -54.96 -2.82 25.09
N GLY B 20 -55.61 -3.27 26.17
CA GLY B 20 -56.93 -3.86 26.05
C GLY B 20 -57.94 -2.89 25.47
N SER B 21 -57.93 -1.64 25.92
CA SER B 21 -58.92 -0.67 25.49
C SER B 21 -58.72 -0.21 24.05
N ILE B 22 -57.56 -0.50 23.45
CA ILE B 22 -57.26 -0.11 22.09
C ILE B 22 -57.96 -1.03 21.07
N SER B 23 -58.29 -2.25 21.46
CA SER B 23 -59.13 -3.16 20.67
C SER B 23 -58.45 -3.63 19.39
N GLY B 24 -57.12 -3.71 19.38
CA GLY B 24 -56.38 -4.12 18.20
C GLY B 24 -56.21 -3.05 17.14
N GLU B 25 -56.80 -1.87 17.33
CA GLU B 25 -56.66 -0.81 16.35
C GLU B 25 -55.19 -0.43 16.14
N LYS B 26 -54.84 -0.22 14.88
CA LYS B 26 -53.52 0.23 14.49
C LYS B 26 -53.57 1.69 14.05
N PRO B 27 -52.55 2.48 14.40
CA PRO B 27 -52.44 3.82 13.83
C PRO B 27 -52.42 3.74 12.30
N SER B 28 -52.87 4.82 11.65
CA SER B 28 -53.01 4.78 10.20
C SER B 28 -51.70 4.44 9.50
N LEU B 29 -50.56 4.84 10.08
CA LEU B 29 -49.29 4.53 9.45
C LEU B 29 -49.00 3.03 9.44
N PHE B 30 -49.63 2.27 10.33
CA PHE B 30 -49.49 0.82 10.36
C PHE B 30 -50.70 0.09 9.79
N ASN B 31 -51.62 0.81 9.14
CA ASN B 31 -52.79 0.21 8.50
C ASN B 31 -52.36 -0.26 7.12
N LYS B 32 -52.13 -1.56 6.97
CA LYS B 32 -51.71 -2.09 5.69
C LYS B 32 -52.82 -2.07 4.64
N GLY B 33 -54.03 -1.63 5.00
CA GLY B 33 -55.04 -1.41 3.99
C GLY B 33 -54.93 -0.09 3.27
N ALA B 34 -54.19 0.86 3.83
CA ALA B 34 -53.99 2.16 3.21
C ALA B 34 -52.63 2.23 2.53
N TRP B 35 -52.50 3.19 1.61
CA TRP B 35 -51.29 3.32 0.82
C TRP B 35 -50.08 3.63 1.70
N MET B 36 -50.24 4.57 2.62
CA MET B 36 -49.13 4.90 3.51
C MET B 36 -48.70 3.68 4.31
N GLY B 37 -49.67 2.89 4.77
CA GLY B 37 -49.33 1.69 5.53
C GLY B 37 -48.56 0.69 4.69
N LYS B 38 -48.93 0.54 3.41
CA LYS B 38 -48.20 -0.37 2.53
C LYS B 38 -46.79 0.13 2.27
N ALA B 39 -46.64 1.44 2.04
CA ALA B 39 -45.33 2.02 1.80
C ALA B 39 -44.43 1.87 3.02
N MET B 40 -44.98 2.12 4.22
CA MET B 40 -44.15 1.98 5.42
C MET B 40 -43.89 0.52 5.76
N ASP B 41 -44.84 -0.37 5.46
CA ASP B 41 -44.62 -1.80 5.66
C ASP B 41 -43.43 -2.27 4.85
N TRP B 42 -43.37 -1.88 3.58
CA TRP B 42 -42.26 -2.32 2.74
C TRP B 42 -40.97 -1.62 3.14
N SER B 43 -41.05 -0.35 3.56
CA SER B 43 -39.87 0.34 4.09
C SER B 43 -39.31 -0.38 5.29
N MET B 44 -40.18 -0.91 6.15
CA MET B 44 -39.74 -1.57 7.37
C MET B 44 -39.19 -2.97 7.12
N GLN B 45 -39.61 -3.63 6.05
CA GLN B 45 -39.07 -4.94 5.69
C GLN B 45 -37.81 -4.85 4.85
N ASN B 46 -37.59 -3.74 4.14
CA ASN B 46 -36.53 -3.63 3.14
C ASN B 46 -35.81 -2.30 3.37
N GLU B 47 -34.62 -2.36 3.98
CA GLU B 47 -33.90 -1.15 4.33
C GLU B 47 -33.53 -0.33 3.10
N GLN B 48 -33.21 -1.00 1.99
CA GLN B 48 -32.88 -0.26 0.76
C GLN B 48 -34.07 0.56 0.28
N PHE B 49 -35.28 0.00 0.35
CA PHE B 49 -36.46 0.75 -0.07
C PHE B 49 -36.75 1.90 0.87
N LYS B 50 -36.59 1.68 2.17
CA LYS B 50 -36.76 2.78 3.13
C LYS B 50 -35.88 3.96 2.74
N ILE B 51 -34.61 3.71 2.43
CA ILE B 51 -33.69 4.78 2.04
C ILE B 51 -34.19 5.47 0.78
N GLN B 52 -34.61 4.69 -0.23
CA GLN B 52 -35.14 5.27 -1.45
C GLN B 52 -36.39 6.11 -1.18
N MET B 53 -37.34 5.54 -0.46
CA MET B 53 -38.64 6.20 -0.28
C MET B 53 -38.50 7.44 0.61
N PHE B 54 -37.73 7.34 1.69
CA PHE B 54 -37.63 8.47 2.60
C PHE B 54 -36.80 9.59 1.97
N ARG B 55 -35.74 9.25 1.22
CA ARG B 55 -35.00 10.29 0.53
C ARG B 55 -35.83 10.89 -0.60
N PHE B 56 -36.72 10.09 -1.21
CA PHE B 56 -37.57 10.66 -2.24
C PHE B 56 -38.57 11.67 -1.66
N VAL B 57 -39.17 11.35 -0.51
CA VAL B 57 -40.11 12.29 0.09
C VAL B 57 -39.38 13.58 0.47
N ASP B 58 -38.12 13.47 0.90
CA ASP B 58 -37.32 14.65 1.20
C ASP B 58 -37.11 15.53 -0.03
N VAL B 59 -36.73 14.94 -1.18
CA VAL B 59 -36.48 15.75 -2.37
C VAL B 59 -37.78 16.21 -3.05
N PHE B 60 -38.89 15.51 -2.82
CA PHE B 60 -40.16 15.72 -3.53
C PHE B 60 -40.58 17.19 -3.69
N PRO B 61 -40.53 18.04 -2.66
CA PRO B 61 -41.03 19.42 -2.87
C PRO B 61 -40.16 20.24 -3.83
N SER B 62 -38.96 19.83 -4.14
CA SER B 62 -38.17 20.54 -5.15
C SER B 62 -38.41 20.01 -6.57
N LEU B 63 -39.26 19.00 -6.73
CA LEU B 63 -39.50 18.43 -8.06
C LEU B 63 -40.64 19.21 -8.73
N THR B 64 -40.31 20.45 -9.13
CA THR B 64 -41.31 21.44 -9.48
C THR B 64 -41.71 21.44 -10.97
N THR B 65 -41.05 20.65 -11.81
CA THR B 65 -41.46 20.50 -13.20
C THR B 65 -41.76 19.03 -13.48
N SER B 66 -42.43 18.80 -14.60
CA SER B 66 -42.80 17.44 -14.97
C SER B 66 -41.57 16.59 -15.24
N LYS B 67 -40.53 17.19 -15.83
CA LYS B 67 -39.33 16.45 -16.17
C LYS B 67 -38.55 16.06 -14.92
N LEU B 68 -38.33 17.02 -14.02
CA LEU B 68 -37.67 16.73 -12.74
C LEU B 68 -38.35 15.58 -12.02
N LEU B 69 -39.68 15.61 -12.00
CA LEU B 69 -40.45 14.62 -11.27
C LEU B 69 -40.30 13.23 -11.89
N THR B 70 -40.56 13.13 -13.19
CA THR B 70 -40.45 11.85 -13.89
C THR B 70 -39.06 11.26 -13.72
N GLU B 71 -38.03 12.08 -13.88
CA GLU B 71 -36.66 11.56 -13.82
C GLU B 71 -36.28 11.10 -12.42
N HIS B 72 -36.69 11.85 -11.39
CA HIS B 72 -36.36 11.45 -10.03
C HIS B 72 -37.09 10.17 -9.64
N ILE B 73 -38.34 10.02 -10.08
CA ILE B 73 -39.07 8.78 -9.78
C ILE B 73 -38.33 7.59 -10.36
N ARG B 74 -37.88 7.70 -11.61
CA ARG B 74 -37.16 6.60 -12.24
C ARG B 74 -35.82 6.35 -11.53
N GLU B 75 -35.11 7.42 -11.14
CA GLU B 75 -33.81 7.25 -10.52
C GLU B 75 -33.91 6.69 -9.10
N TYR B 76 -34.98 7.00 -8.38
CA TYR B 76 -35.13 6.48 -7.02
C TYR B 76 -35.79 5.10 -6.99
N PHE B 77 -36.72 4.82 -7.89
CA PHE B 77 -37.53 3.63 -7.78
C PHE B 77 -37.40 2.68 -8.97
N GLY B 78 -36.70 3.07 -10.04
CA GLY B 78 -36.63 2.26 -11.23
C GLY B 78 -37.85 2.41 -12.11
N ASN B 79 -37.92 1.55 -13.12
CA ASN B 79 -39.07 1.51 -14.01
C ASN B 79 -40.25 0.83 -13.33
N GLU B 80 -41.40 0.85 -14.00
CA GLU B 80 -42.64 0.32 -13.40
C GLU B 80 -42.47 -1.13 -12.96
N GLN B 81 -41.79 -1.95 -13.76
CA GLN B 81 -41.62 -3.35 -13.42
C GLN B 81 -40.77 -3.55 -12.17
N ASP B 82 -39.78 -2.69 -11.95
CA ASP B 82 -38.87 -2.80 -10.81
C ASP B 82 -39.50 -2.34 -9.48
N MET B 83 -40.79 -1.82 -9.50
CA MET B 83 -41.39 -1.19 -8.33
C MET B 83 -42.23 -2.20 -7.54
N PRO B 84 -42.39 -1.95 -6.24
CA PRO B 84 -43.33 -2.78 -5.45
C PRO B 84 -44.74 -2.62 -5.96
N ALA B 85 -45.58 -3.63 -5.65
CA ALA B 85 -46.93 -3.69 -6.18
C ALA B 85 -47.73 -2.44 -5.81
N PHE B 86 -47.62 -1.98 -4.57
CA PHE B 86 -48.43 -0.85 -4.12
C PHE B 86 -48.11 0.42 -4.91
N MET B 87 -46.97 0.49 -5.57
CA MET B 87 -46.62 1.65 -6.37
C MET B 87 -47.35 1.59 -7.71
N ASN B 106 -47.48 7.53 -11.73
CA ASN B 106 -46.77 8.74 -11.34
C ASN B 106 -47.67 9.73 -10.62
N LYS B 107 -48.79 10.10 -11.25
CA LYS B 107 -49.76 10.97 -10.57
C LYS B 107 -50.30 10.32 -9.30
N VAL B 108 -50.37 8.99 -9.30
CA VAL B 108 -50.74 8.26 -8.09
C VAL B 108 -49.71 8.49 -6.99
N LEU B 109 -48.44 8.55 -7.37
CA LEU B 109 -47.39 8.78 -6.37
C LEU B 109 -47.47 10.19 -5.80
N THR B 110 -47.63 11.20 -6.67
CA THR B 110 -47.69 12.58 -6.20
C THR B 110 -48.85 12.78 -5.22
N SER B 111 -50.03 12.26 -5.56
CA SER B 111 -51.19 12.51 -4.71
C SER B 111 -51.08 11.73 -3.39
N ASN B 112 -50.51 10.53 -3.43
CA ASN B 112 -50.37 9.76 -2.21
C ASN B 112 -49.38 10.40 -1.23
N ILE B 113 -48.28 10.96 -1.75
CA ILE B 113 -47.32 11.60 -0.87
C ILE B 113 -47.90 12.89 -0.30
N GLU B 114 -48.58 13.68 -1.13
CA GLU B 114 -49.23 14.88 -0.63
C GLU B 114 -50.27 14.55 0.43
N GLU B 115 -51.02 13.45 0.23
CA GLU B 115 -52.00 13.02 1.24
C GLU B 115 -51.30 12.58 2.54
N MET B 116 -50.17 11.89 2.43
CA MET B 116 -49.41 11.53 3.63
C MET B 116 -49.04 12.78 4.42
N ALA B 117 -48.57 13.81 3.73
CA ALA B 117 -48.10 15.00 4.44
C ALA B 117 -49.26 15.72 5.13
N ARG B 118 -50.43 15.75 4.48
CA ARG B 118 -51.59 16.40 5.10
C ARG B 118 -52.03 15.69 6.37
N GLN B 119 -51.72 14.39 6.49
CA GLN B 119 -52.08 13.62 7.68
C GLN B 119 -51.49 14.23 8.96
N PHE B 120 -50.33 14.88 8.86
CA PHE B 120 -49.63 15.37 10.04
C PHE B 120 -49.74 16.88 10.23
N ILE B 121 -50.52 17.56 9.38
CA ILE B 121 -50.56 19.03 9.34
C ILE B 121 -52.01 19.47 9.53
N VAL B 122 -52.23 20.46 10.42
CA VAL B 122 -53.60 20.87 10.73
C VAL B 122 -54.15 21.88 9.73
N GLY B 123 -53.31 22.38 8.83
CA GLY B 123 -53.78 23.31 7.80
C GLY B 123 -52.61 23.93 7.08
N GLU B 124 -52.94 24.60 5.96
CA GLU B 124 -51.94 25.31 5.18
C GLU B 124 -51.95 26.82 5.41
N THR B 125 -53.12 27.38 5.72
CA THR B 125 -53.27 28.78 6.03
C THR B 125 -53.70 28.93 7.48
N THR B 126 -53.55 30.16 7.99
CA THR B 126 -53.94 30.45 9.36
C THR B 126 -55.44 30.23 9.54
N LYS B 127 -56.26 30.71 8.59
CA LYS B 127 -57.70 30.51 8.67
C LYS B 127 -58.06 29.03 8.67
N GLU B 128 -57.42 28.23 7.80
CA GLU B 128 -57.72 26.80 7.78
C GLU B 128 -57.28 26.13 9.08
N ALA B 129 -56.09 26.48 9.58
CA ALA B 129 -55.61 25.91 10.83
C ALA B 129 -56.58 26.20 11.97
N VAL B 130 -57.03 27.46 12.06
CA VAL B 130 -57.96 27.82 13.13
C VAL B 130 -59.25 27.02 13.03
N LYS B 131 -59.78 26.89 11.82
CA LYS B 131 -61.01 26.10 11.64
C LYS B 131 -60.80 24.66 12.09
N ASN B 132 -59.65 24.07 11.77
CA ASN B 132 -59.46 22.67 12.10
C ASN B 132 -59.13 22.47 13.57
N LEU B 133 -58.53 23.46 14.22
CA LEU B 133 -58.32 23.40 15.66
C LEU B 133 -59.66 23.38 16.40
N GLU B 134 -60.66 24.10 15.89
CA GLU B 134 -61.98 24.08 16.51
C GLU B 134 -62.65 22.71 16.36
N LYS B 135 -62.50 22.08 15.19
CA LYS B 135 -63.01 20.71 15.05
C LYS B 135 -62.36 19.79 16.05
N LEU B 136 -61.06 19.97 16.31
CA LEU B 136 -60.36 19.14 17.28
C LEU B 136 -60.96 19.29 18.67
N ARG B 137 -61.28 20.54 19.06
CA ARG B 137 -61.91 20.80 20.34
C ARG B 137 -63.24 20.09 20.47
N LYS B 138 -64.03 20.08 19.39
CA LYS B 138 -65.33 19.42 19.44
C LYS B 138 -65.18 17.91 19.66
N ASP B 139 -64.06 17.33 19.24
CA ASP B 139 -63.77 15.93 19.51
C ASP B 139 -63.06 15.72 20.84
N GLY B 140 -62.84 16.78 21.62
CA GLY B 140 -62.29 16.65 22.95
C GLY B 140 -60.80 16.93 23.10
N PHE B 141 -60.11 17.35 22.04
CA PHE B 141 -58.66 17.54 22.08
C PHE B 141 -58.30 19.02 22.20
N ALA B 142 -57.36 19.31 23.10
CA ALA B 142 -56.67 20.59 23.12
C ALA B 142 -55.57 20.60 22.05
N ALA B 143 -54.90 21.74 21.89
CA ALA B 143 -53.85 21.85 20.88
C ALA B 143 -52.71 22.73 21.37
N VAL B 144 -51.51 22.46 20.85
CA VAL B 144 -50.41 23.42 20.87
C VAL B 144 -49.99 23.59 19.42
N VAL B 145 -50.00 24.83 18.94
CA VAL B 145 -49.87 25.10 17.50
C VAL B 145 -48.43 25.49 17.21
N ASP B 146 -47.91 24.95 16.10
CA ASP B 146 -46.55 25.21 15.65
C ASP B 146 -46.60 25.68 14.20
N VAL B 147 -45.65 26.53 13.82
CA VAL B 147 -45.60 27.10 12.49
C VAL B 147 -44.52 26.37 11.69
N LEU B 148 -44.92 25.75 10.58
CA LEU B 148 -43.95 25.13 9.69
C LEU B 148 -43.14 26.20 8.97
N GLY B 149 -41.85 25.92 8.75
CA GLY B 149 -41.05 26.84 7.97
C GLY B 149 -39.78 26.18 7.47
N GLU B 150 -39.34 26.59 6.29
CA GLU B 150 -37.98 26.28 5.90
C GLU B 150 -37.02 26.90 6.92
N ALA B 151 -35.79 26.37 6.96
CA ALA B 151 -34.80 26.89 7.87
C ALA B 151 -34.70 28.41 7.73
N THR B 152 -34.61 29.09 8.87
CA THR B 152 -34.43 30.54 8.86
C THR B 152 -32.99 30.84 8.50
N LEU B 153 -32.78 31.45 7.34
CA LEU B 153 -31.44 31.79 6.86
C LEU B 153 -31.19 33.29 6.80
N SER B 154 -32.11 34.10 7.29
CA SER B 154 -31.91 35.55 7.19
C SER B 154 -32.76 36.23 8.24
N GLU B 155 -32.53 37.53 8.41
CA GLU B 155 -33.38 38.30 9.29
C GLU B 155 -34.78 38.44 8.72
N GLU B 156 -34.88 38.58 7.41
CA GLU B 156 -36.21 38.66 6.81
C GLU B 156 -36.99 37.38 7.04
N GLU B 157 -36.34 36.23 6.92
CA GLU B 157 -37.06 34.98 7.16
C GLU B 157 -37.45 34.83 8.62
N ALA B 158 -36.57 35.29 9.54
CA ALA B 158 -36.95 35.28 10.96
C ALA B 158 -38.18 36.18 11.20
N GLU B 159 -38.24 37.32 10.52
CA GLU B 159 -39.39 38.21 10.70
C GLU B 159 -40.67 37.60 10.13
N VAL B 160 -40.57 36.90 8.99
CA VAL B 160 -41.74 36.21 8.44
C VAL B 160 -42.27 35.18 9.44
N TYR B 161 -41.36 34.40 10.02
CA TYR B 161 -41.74 33.38 10.99
C TYR B 161 -42.38 34.02 12.24
N THR B 162 -41.72 35.03 12.80
CA THR B 162 -42.26 35.76 13.94
C THR B 162 -43.64 36.30 13.64
N ASN B 163 -43.79 36.99 12.50
CA ASN B 163 -45.08 37.59 12.15
C ASN B 163 -46.14 36.55 11.86
N THR B 164 -45.76 35.32 11.49
CA THR B 164 -46.78 34.28 11.32
C THR B 164 -47.38 33.90 12.67
N TYR B 165 -46.54 33.77 13.71
CA TYR B 165 -47.09 33.56 15.06
C TYR B 165 -47.96 34.73 15.49
N LEU B 166 -47.52 35.95 15.22
CA LEU B 166 -48.35 37.10 15.58
C LEU B 166 -49.70 37.06 14.84
N GLU B 167 -49.68 36.64 13.57
CA GLU B 167 -50.93 36.55 12.81
C GLU B 167 -51.82 35.45 13.37
N LEU B 168 -51.23 34.30 13.71
CA LEU B 168 -52.00 33.22 14.30
C LEU B 168 -52.63 33.64 15.62
N LEU B 169 -51.86 34.33 16.47
CA LEU B 169 -52.39 34.70 17.78
C LEU B 169 -53.52 35.73 17.64
N GLU B 170 -53.40 36.65 16.70
CA GLU B 170 -54.50 37.58 16.47
C GLU B 170 -55.75 36.85 15.99
N ALA B 171 -55.59 35.80 15.17
CA ALA B 171 -56.77 35.05 14.75
C ALA B 171 -57.36 34.27 15.93
N LEU B 172 -56.51 33.65 16.75
CA LEU B 172 -57.02 32.92 17.91
C LEU B 172 -57.64 33.86 18.94
N LYS B 173 -57.05 35.03 19.13
CA LYS B 173 -57.63 36.01 20.05
C LYS B 173 -59.11 36.26 19.74
N LYS B 174 -59.45 36.37 18.46
CA LYS B 174 -60.83 36.65 18.05
C LYS B 174 -61.76 35.44 18.18
N GLU B 175 -61.23 34.23 18.20
CA GLU B 175 -62.05 33.02 18.25
C GLU B 175 -62.20 32.45 19.65
N GLN B 176 -61.22 32.62 20.52
CA GLN B 176 -61.19 31.80 21.74
C GLN B 176 -62.36 32.10 22.67
N GLY B 177 -62.84 33.35 22.69
CA GLY B 177 -63.97 33.68 23.53
C GLY B 177 -65.21 32.89 23.20
N SER B 178 -65.33 32.42 21.97
CA SER B 178 -66.48 31.64 21.53
C SER B 178 -66.30 30.14 21.76
N TRP B 179 -65.15 29.70 22.26
CA TRP B 179 -64.89 28.30 22.49
C TRP B 179 -65.28 27.93 23.92
N LYS B 180 -66.16 26.94 24.06
CA LYS B 180 -66.41 26.39 25.37
C LYS B 180 -65.17 25.64 25.84
N GLY B 181 -64.78 25.88 27.09
CA GLY B 181 -63.61 25.19 27.64
C GLY B 181 -63.86 23.69 27.71
N LEU B 182 -62.79 22.93 27.47
CA LEU B 182 -62.88 21.48 27.50
C LEU B 182 -63.32 21.01 28.89
N PRO B 183 -64.14 19.97 28.99
CA PRO B 183 -64.69 19.57 30.29
C PRO B 183 -63.62 19.08 31.25
N GLY B 184 -63.77 19.46 32.52
CA GLY B 184 -62.85 19.04 33.55
C GLY B 184 -63.60 18.56 34.78
N LYS B 185 -62.88 18.27 35.86
CA LYS B 185 -63.53 17.88 37.10
C LYS B 185 -63.74 19.06 38.05
N GLY B 186 -63.09 20.19 37.80
CA GLY B 186 -63.27 21.35 38.66
C GLY B 186 -62.48 22.53 38.11
N GLY B 187 -62.50 23.62 38.86
CA GLY B 187 -61.80 24.82 38.44
C GLY B 187 -62.65 25.83 37.72
N ASP B 188 -62.10 26.46 36.68
CA ASP B 188 -62.67 27.61 36.01
C ASP B 188 -63.37 27.17 34.74
N PRO B 189 -64.69 27.34 34.61
CA PRO B 189 -65.38 26.85 33.40
C PRO B 189 -64.95 27.53 32.12
N GLY B 190 -64.31 28.70 32.20
CA GLY B 190 -63.78 29.31 31.00
C GLY B 190 -62.42 28.80 30.53
N LEU B 191 -61.79 27.87 31.27
CA LEU B 191 -60.49 27.34 30.89
C LEU B 191 -60.59 25.85 30.56
N ASP B 192 -59.63 25.37 29.78
CA ASP B 192 -59.66 23.96 29.37
C ASP B 192 -59.40 23.05 30.56
N TRP B 193 -60.33 22.11 30.78
CA TRP B 193 -60.33 21.20 31.92
C TRP B 193 -60.44 21.94 33.25
N GLY B 194 -60.86 23.21 33.20
CA GLY B 194 -60.92 24.05 34.37
C GLY B 194 -59.65 24.84 34.68
N HIS B 195 -58.58 24.68 33.90
CA HIS B 195 -57.33 25.36 34.29
C HIS B 195 -56.41 25.69 33.13
N ALA B 196 -56.54 25.03 31.98
CA ALA B 196 -55.48 25.34 31.04
C ALA B 196 -55.91 26.44 30.06
N PRO B 197 -55.03 27.39 29.77
CA PRO B 197 -55.36 28.41 28.74
C PRO B 197 -55.70 27.73 27.42
N LYS B 198 -56.66 28.30 26.71
CA LYS B 198 -57.17 27.68 25.49
C LYS B 198 -56.19 27.82 24.32
N VAL B 199 -55.38 28.87 24.32
CA VAL B 199 -54.40 29.12 23.28
C VAL B 199 -53.01 28.75 23.80
N ASN B 200 -52.34 27.86 23.07
CA ASN B 200 -51.05 27.27 23.48
C ASN B 200 -50.26 27.16 22.19
N ILE B 201 -49.07 27.79 22.13
CA ILE B 201 -48.25 27.76 20.93
C ILE B 201 -46.84 27.33 21.28
N ALA B 202 -46.16 26.72 20.32
CA ALA B 202 -44.78 26.30 20.46
C ALA B 202 -43.95 27.00 19.38
N VAL B 203 -42.75 27.45 19.76
CA VAL B 203 -41.83 28.20 18.90
C VAL B 203 -40.49 27.49 18.91
N LYS B 204 -39.86 27.36 17.73
CA LYS B 204 -38.49 26.82 17.64
C LYS B 204 -37.48 27.96 17.75
N PRO B 205 -36.72 28.07 18.85
CA PRO B 205 -35.82 29.23 19.03
C PRO B 205 -34.88 29.52 17.86
N THR B 206 -34.21 28.53 17.26
CA THR B 206 -33.26 28.88 16.21
C THR B 206 -33.94 29.36 14.93
N TRP B 207 -35.25 29.14 14.77
CA TRP B 207 -35.92 29.76 13.65
C TRP B 207 -36.04 31.27 13.82
N LEU B 208 -35.64 31.80 14.97
CA LEU B 208 -35.69 33.23 15.24
C LEU B 208 -34.37 33.94 14.97
N PHE B 209 -33.31 33.20 14.62
CA PHE B 209 -32.00 33.82 14.36
C PHE B 209 -31.17 32.89 13.50
N CYS B 210 -30.86 33.35 12.28
CA CYS B 210 -30.18 32.51 11.31
C CYS B 210 -28.73 32.21 11.68
N LEU B 211 -28.11 32.98 12.59
CA LEU B 211 -26.72 32.73 12.97
C LEU B 211 -26.61 32.21 14.41
N ALA B 212 -27.66 31.61 14.95
CA ALA B 212 -27.63 31.02 16.29
C ALA B 212 -26.46 30.03 16.41
N ASN B 213 -25.55 30.31 17.34
CA ASN B 213 -24.29 29.58 17.41
C ASN B 213 -23.65 29.86 18.76
N PRO B 214 -23.38 28.84 19.59
CA PRO B 214 -22.79 29.11 20.91
C PRO B 214 -21.38 29.68 20.84
N GLN B 215 -20.76 29.70 19.66
CA GLN B 215 -19.51 30.46 19.50
C GLN B 215 -19.74 31.94 19.75
N ASP B 216 -20.93 32.45 19.42
CA ASP B 216 -21.38 33.78 19.85
C ASP B 216 -22.57 33.57 20.76
N PHE B 217 -22.29 33.13 21.99
CA PHE B 217 -23.34 32.73 22.92
C PHE B 217 -24.26 33.89 23.27
N GLU B 218 -23.68 35.02 23.70
CA GLU B 218 -24.51 36.16 24.13
C GLU B 218 -25.26 36.75 22.95
N GLY B 219 -24.58 36.90 21.80
CA GLY B 219 -25.26 37.43 20.63
C GLY B 219 -26.44 36.57 20.20
N SER B 220 -26.31 35.24 20.33
CA SER B 220 -27.38 34.34 19.93
C SER B 220 -28.55 34.39 20.90
N VAL B 221 -28.25 34.40 22.20
CA VAL B 221 -29.30 34.50 23.22
C VAL B 221 -30.12 35.76 23.01
N VAL B 222 -29.45 36.91 22.81
CA VAL B 222 -30.15 38.19 22.72
C VAL B 222 -31.05 38.22 21.48
N ALA B 223 -30.52 37.79 20.34
CA ALA B 223 -31.28 37.88 19.10
C ALA B 223 -32.53 37.01 19.17
N ILE B 224 -32.39 35.79 19.67
CA ILE B 224 -33.53 34.91 19.86
C ILE B 224 -34.49 35.49 20.90
N LEU B 225 -33.95 35.90 22.04
CA LEU B 225 -34.77 36.45 23.12
C LEU B 225 -35.61 37.64 22.64
N ASP B 226 -35.03 38.53 21.83
CA ASP B 226 -35.76 39.73 21.43
C ASP B 226 -36.98 39.38 20.58
N ARG B 227 -36.86 38.37 19.71
CA ARG B 227 -38.02 37.94 18.93
C ARG B 227 -38.98 37.11 19.77
N MET B 228 -38.44 36.23 20.63
CA MET B 228 -39.32 35.46 21.50
C MET B 228 -40.13 36.36 22.41
N ARG B 229 -39.54 37.47 22.85
CA ARG B 229 -40.26 38.40 23.72
C ARG B 229 -41.42 39.06 22.98
N ARG B 230 -41.21 39.39 21.70
CA ARG B 230 -42.30 39.97 20.91
C ARG B 230 -43.47 39.01 20.80
N ILE B 231 -43.19 37.73 20.56
CA ILE B 231 -44.24 36.72 20.50
C ILE B 231 -44.88 36.54 21.87
N PHE B 232 -44.06 36.47 22.92
CA PHE B 232 -44.57 36.24 24.27
C PHE B 232 -45.51 37.36 24.72
N LYS B 233 -45.19 38.61 24.40
CA LYS B 233 -46.06 39.72 24.77
C LYS B 233 -47.45 39.54 24.16
N LYS B 234 -47.52 39.10 22.91
CA LYS B 234 -48.82 38.86 22.28
C LYS B 234 -49.53 37.68 22.93
N VAL B 235 -48.77 36.63 23.31
CA VAL B 235 -49.35 35.50 24.03
C VAL B 235 -49.98 35.96 25.33
N MET B 236 -49.23 36.73 26.12
CA MET B 236 -49.74 37.21 27.40
C MET B 236 -50.97 38.07 27.22
N GLU B 237 -51.01 38.85 26.12
CA GLU B 237 -52.15 39.72 25.86
C GLU B 237 -53.45 38.93 25.75
N LEU B 238 -53.41 37.67 25.31
CA LEU B 238 -54.61 36.85 25.30
C LEU B 238 -54.59 35.75 26.35
N ASN B 239 -53.72 35.87 27.36
CA ASN B 239 -53.66 34.91 28.47
C ASN B 239 -53.39 33.49 27.94
N GLY B 240 -52.52 33.38 26.94
CA GLY B 240 -52.18 32.11 26.34
C GLY B 240 -50.93 31.51 26.95
N PHE B 241 -50.55 30.35 26.40
CA PHE B 241 -49.36 29.60 26.82
C PHE B 241 -48.33 29.61 25.69
N LEU B 242 -47.08 29.91 26.02
CA LEU B 242 -45.97 29.81 25.09
C LEU B 242 -45.04 28.71 25.56
N CYS B 243 -44.75 27.75 24.68
CA CYS B 243 -43.76 26.73 24.96
C CYS B 243 -42.54 26.97 24.07
N ILE B 244 -41.37 27.00 24.69
CA ILE B 244 -40.11 27.15 23.97
C ILE B 244 -39.61 25.73 23.70
N ASP B 245 -39.60 25.32 22.42
CA ASP B 245 -39.16 23.98 22.07
C ASP B 245 -37.64 23.86 22.21
N MET B 246 -37.15 22.63 22.30
CA MET B 246 -35.73 22.34 22.46
C MET B 246 -35.21 21.70 21.17
N GLU B 247 -34.08 22.21 20.66
CA GLU B 247 -33.58 21.71 19.40
C GLU B 247 -32.30 20.89 19.61
N SER B 248 -31.31 21.01 18.72
CA SER B 248 -30.17 20.10 18.86
C SER B 248 -29.25 20.55 20.00
N TYR B 249 -28.37 19.64 20.40
CA TYR B 249 -27.52 19.89 21.56
C TYR B 249 -26.67 21.14 21.41
N ARG B 250 -26.29 21.47 20.18
CA ARG B 250 -25.54 22.68 19.88
C ARG B 250 -26.16 23.94 20.49
N HIS B 251 -27.49 23.99 20.58
CA HIS B 251 -28.18 25.20 21.03
C HIS B 251 -28.87 25.03 22.37
N LYS B 252 -28.68 23.89 23.03
CA LYS B 252 -29.43 23.58 24.25
C LYS B 252 -29.17 24.62 25.35
N GLU B 253 -27.89 24.94 25.62
CA GLU B 253 -27.61 25.94 26.65
C GLU B 253 -28.13 27.32 26.26
N ILE B 254 -28.02 27.68 24.97
CA ILE B 254 -28.59 28.95 24.51
C ILE B 254 -30.08 29.02 24.82
N ILE B 255 -30.80 27.94 24.52
CA ILE B 255 -32.25 27.97 24.66
C ILE B 255 -32.66 27.98 26.12
N LEU B 256 -31.96 27.22 26.96
CA LEU B 256 -32.18 27.32 28.40
C LEU B 256 -32.01 28.75 28.89
N GLU B 257 -31.00 29.44 28.38
CA GLU B 257 -30.73 30.81 28.85
C GLU B 257 -31.78 31.78 28.33
N VAL B 258 -32.27 31.58 27.10
CA VAL B 258 -33.40 32.37 26.61
C VAL B 258 -34.62 32.18 27.53
N PHE B 259 -34.93 30.94 27.89
CA PHE B 259 -36.09 30.68 28.75
C PHE B 259 -35.94 31.34 30.12
N ARG B 260 -34.77 31.17 30.74
CA ARG B 260 -34.55 31.76 32.06
C ARG B 260 -34.68 33.28 32.03
N ARG B 261 -34.10 33.93 31.02
CA ARG B 261 -34.20 35.39 30.96
C ARG B 261 -35.65 35.84 30.75
N LEU B 262 -36.37 35.18 29.84
CA LEU B 262 -37.74 35.60 29.56
C LEU B 262 -38.64 35.35 30.77
N LYS B 263 -38.40 34.25 31.48
CA LYS B 263 -39.10 33.99 32.74
C LYS B 263 -38.88 35.13 33.73
N LEU B 264 -37.63 35.56 33.91
CA LEU B 264 -37.38 36.56 34.93
C LEU B 264 -37.91 37.93 34.53
N GLU B 265 -38.04 38.21 33.23
CA GLU B 265 -38.68 39.46 32.82
C GLU B 265 -40.19 39.45 33.10
N TYR B 266 -40.80 38.27 33.17
CA TYR B 266 -42.25 38.15 33.41
C TYR B 266 -42.47 37.09 34.48
N ARG B 267 -41.92 37.36 35.66
CA ARG B 267 -41.81 36.37 36.73
C ARG B 267 -43.17 35.96 37.28
N ASP B 268 -44.20 36.78 37.07
CA ASP B 268 -45.53 36.48 37.58
C ASP B 268 -46.43 35.82 36.55
N TYR B 269 -45.98 35.67 35.30
CA TYR B 269 -46.85 35.10 34.27
C TYR B 269 -46.67 33.58 34.23
N PRO B 270 -47.70 32.79 34.53
CA PRO B 270 -47.51 31.34 34.74
C PRO B 270 -47.32 30.51 33.48
N HIS B 271 -47.83 30.96 32.34
CA HIS B 271 -48.03 30.08 31.17
C HIS B 271 -46.85 30.20 30.20
N LEU B 272 -45.67 29.81 30.68
CA LEU B 272 -44.44 29.79 29.90
C LEU B 272 -43.75 28.44 30.14
N GLY B 273 -43.48 27.71 29.07
CA GLY B 273 -42.87 26.39 29.19
C GLY B 273 -41.56 26.22 28.44
N ILE B 274 -40.81 25.18 28.81
CA ILE B 274 -39.57 24.82 28.14
C ILE B 274 -39.59 23.31 27.93
N VAL B 275 -39.04 22.85 26.80
CA VAL B 275 -38.87 21.43 26.53
C VAL B 275 -37.53 20.97 27.10
N LEU B 276 -37.53 19.80 27.76
CA LEU B 276 -36.30 19.14 28.17
C LEU B 276 -36.30 17.71 27.65
N GLN B 277 -35.12 17.23 27.23
CA GLN B 277 -34.98 15.97 26.50
C GLN B 277 -34.34 14.92 27.41
N ALA B 278 -35.12 13.90 27.75
CA ALA B 278 -34.64 12.82 28.60
C ALA B 278 -33.60 11.95 27.92
N TYR B 279 -33.40 12.06 26.59
CA TYR B 279 -32.33 11.25 26.02
C TYR B 279 -30.96 11.87 26.22
N LEU B 280 -30.87 13.05 26.83
CA LEU B 280 -29.58 13.72 27.08
C LEU B 280 -29.02 13.28 28.42
N LYS B 281 -27.78 12.82 28.41
CA LYS B 281 -27.10 12.55 29.67
C LYS B 281 -27.11 13.77 30.58
N ASP B 282 -27.05 14.98 30.00
CA ASP B 282 -27.13 16.20 30.78
C ASP B 282 -28.46 16.42 31.50
N ASN B 283 -29.53 15.69 31.15
CA ASN B 283 -30.84 16.18 31.56
C ASN B 283 -31.10 15.99 33.05
N ASP B 284 -30.51 14.97 33.69
CA ASP B 284 -30.68 14.85 35.14
C ASP B 284 -30.17 16.12 35.84
N LYS B 285 -28.98 16.56 35.49
CA LYS B 285 -28.45 17.80 36.08
C LYS B 285 -29.24 19.02 35.62
N ASP B 286 -29.57 19.09 34.32
CA ASP B 286 -30.29 20.25 33.80
C ASP B 286 -31.64 20.40 34.48
N LEU B 287 -32.38 19.29 34.67
CA LEU B 287 -33.67 19.39 35.35
C LEU B 287 -33.49 19.83 36.80
N ASP B 288 -32.52 19.23 37.49
CA ASP B 288 -32.24 19.61 38.86
C ASP B 288 -31.84 21.08 38.96
N ASP B 289 -30.96 21.54 38.05
CA ASP B 289 -30.52 22.93 38.08
C ASP B 289 -31.70 23.88 37.87
N LEU B 290 -32.57 23.55 36.91
CA LEU B 290 -33.70 24.43 36.58
C LEU B 290 -34.70 24.50 37.73
N LEU B 291 -34.95 23.37 38.40
CA LEU B 291 -35.83 23.40 39.56
C LEU B 291 -35.23 24.22 40.69
N ALA B 292 -33.94 24.04 40.98
CA ALA B 292 -33.28 24.83 42.01
C ALA B 292 -33.27 26.31 41.64
N TRP B 293 -33.04 26.61 40.36
CA TRP B 293 -33.09 27.98 39.89
C TRP B 293 -34.46 28.59 40.12
N ALA B 294 -35.52 27.82 39.85
CA ALA B 294 -36.87 28.36 40.05
C ALA B 294 -37.16 28.57 41.53
N LYS B 295 -36.70 27.66 42.38
CA LYS B 295 -36.84 27.86 43.83
C LYS B 295 -36.05 29.09 44.28
N GLU B 296 -34.83 29.26 43.77
CA GLU B 296 -34.02 30.40 44.20
C GLU B 296 -34.69 31.72 43.83
N HIS B 297 -35.27 31.79 42.64
CA HIS B 297 -35.90 33.01 42.16
C HIS B 297 -37.37 33.11 42.51
N LYS B 298 -37.92 32.11 43.22
CA LYS B 298 -39.31 32.11 43.66
C LYS B 298 -40.25 32.34 42.47
N VAL B 299 -40.01 31.58 41.40
CA VAL B 299 -40.88 31.54 40.24
C VAL B 299 -41.33 30.09 40.03
N GLN B 300 -42.34 29.94 39.19
CA GLN B 300 -42.81 28.63 38.76
C GLN B 300 -42.43 28.43 37.30
N ILE B 301 -42.38 27.16 36.88
CA ILE B 301 -42.03 26.82 35.50
C ILE B 301 -42.98 25.76 35.00
N SER B 302 -42.95 25.52 33.69
CA SER B 302 -43.60 24.39 33.05
C SER B 302 -42.57 23.69 32.18
N VAL B 303 -42.57 22.36 32.24
CA VAL B 303 -41.63 21.56 31.44
C VAL B 303 -42.45 20.58 30.61
N ARG B 304 -42.24 20.60 29.30
CA ARG B 304 -42.70 19.52 28.44
C ARG B 304 -41.56 18.53 28.36
N LEU B 305 -41.68 17.41 29.06
CA LEU B 305 -40.62 16.41 29.02
C LEU B 305 -40.82 15.54 27.78
N VAL B 306 -39.79 15.48 26.96
CA VAL B 306 -39.74 14.61 25.80
C VAL B 306 -38.54 13.68 25.96
N LYS B 307 -38.49 12.65 25.12
CA LYS B 307 -37.25 11.90 25.00
C LYS B 307 -36.26 12.64 24.11
N GLY B 308 -36.63 12.90 22.88
CA GLY B 308 -35.83 13.80 22.06
C GLY B 308 -35.83 13.42 20.59
N ALA B 309 -35.72 14.44 19.74
CA ALA B 309 -36.02 14.28 18.32
C ALA B 309 -34.79 14.14 17.42
N TYR B 310 -33.57 14.25 17.95
CA TYR B 310 -32.39 14.35 17.09
C TYR B 310 -31.38 13.24 17.33
N TRP B 311 -31.83 12.03 17.67
CA TRP B 311 -30.90 11.05 18.25
C TRP B 311 -29.81 10.64 17.26
N ASP B 312 -30.20 10.28 16.02
CA ASP B 312 -29.21 9.89 15.03
C ASP B 312 -28.23 11.02 14.75
N TYR B 313 -28.74 12.24 14.64
CA TYR B 313 -27.90 13.41 14.37
C TYR B 313 -26.87 13.61 15.48
N GLU B 314 -27.30 13.57 16.74
CA GLU B 314 -26.36 13.83 17.82
C GLU B 314 -25.27 12.75 17.89
N THR B 315 -25.64 11.49 17.64
CA THR B 315 -24.63 10.43 17.66
C THR B 315 -23.64 10.61 16.51
N VAL B 316 -24.14 10.93 15.32
CA VAL B 316 -23.27 11.13 14.17
C VAL B 316 -22.37 12.36 14.38
N LYS B 317 -22.97 13.47 14.81
CA LYS B 317 -22.20 14.72 14.94
C LYS B 317 -21.08 14.57 15.96
N ALA B 318 -21.37 13.91 17.09
CA ALA B 318 -20.33 13.72 18.09
C ALA B 318 -19.24 12.78 17.59
N LYS B 319 -19.62 11.68 16.94
CA LYS B 319 -18.61 10.77 16.40
C LYS B 319 -17.75 11.47 15.35
N GLN B 320 -18.32 12.40 14.59
CA GLN B 320 -17.56 13.09 13.56
C GLN B 320 -16.57 14.09 14.13
N ASN B 321 -16.66 14.40 15.42
CA ASN B 321 -15.81 15.42 16.02
C ASN B 321 -15.08 14.93 17.26
N ASP B 322 -15.07 13.61 17.51
CA ASP B 322 -14.50 13.02 18.73
C ASP B 322 -15.00 13.72 19.99
N TRP B 323 -16.28 14.07 19.99
CA TRP B 323 -16.95 14.56 21.19
C TRP B 323 -17.65 13.40 21.89
N GLU B 324 -17.80 13.52 23.21
CA GLU B 324 -18.65 12.57 23.93
C GLU B 324 -20.06 12.65 23.37
N VAL B 325 -20.63 11.49 23.04
CA VAL B 325 -22.02 11.43 22.56
C VAL B 325 -22.92 11.97 23.66
N PRO B 326 -23.73 13.02 23.42
CA PRO B 326 -24.50 13.60 24.52
C PRO B 326 -25.80 12.87 24.84
N VAL B 327 -26.22 11.93 23.99
CA VAL B 327 -27.43 11.16 24.21
C VAL B 327 -27.06 9.80 24.78
N TRP B 328 -27.95 9.24 25.60
CA TRP B 328 -27.89 7.81 25.86
C TRP B 328 -27.91 7.07 24.53
N THR B 329 -27.26 5.91 24.47
CA THR B 329 -27.25 5.17 23.21
C THR B 329 -27.88 3.79 23.33
N ILE B 330 -28.43 3.44 24.49
CA ILE B 330 -29.34 2.31 24.64
C ILE B 330 -30.74 2.89 24.84
N LYS B 331 -31.70 2.44 24.03
CA LYS B 331 -32.98 3.13 23.97
C LYS B 331 -33.69 3.08 25.32
N ALA B 332 -33.58 1.96 26.02
CA ALA B 332 -34.19 1.85 27.34
C ALA B 332 -33.61 2.86 28.33
N GLU B 333 -32.36 3.31 28.11
CA GLU B 333 -31.80 4.33 28.99
C GLU B 333 -32.59 5.64 28.87
N SER B 334 -33.07 5.97 27.68
CA SER B 334 -33.90 7.15 27.53
C SER B 334 -35.27 6.95 28.19
N ASP B 335 -35.83 5.73 28.08
CA ASP B 335 -37.10 5.44 28.76
C ASP B 335 -36.94 5.53 30.27
N ALA B 336 -35.86 4.94 30.79
CA ALA B 336 -35.63 4.98 32.22
C ALA B 336 -35.38 6.40 32.70
N ALA B 337 -34.60 7.16 31.94
CA ALA B 337 -34.41 8.57 32.28
C ALA B 337 -35.74 9.32 32.26
N TYR B 338 -36.63 8.97 31.32
CA TYR B 338 -37.91 9.67 31.27
C TYR B 338 -38.72 9.43 32.55
N GLU B 339 -38.83 8.17 32.97
CA GLU B 339 -39.64 7.89 34.16
C GLU B 339 -39.03 8.51 35.40
N ARG B 340 -37.70 8.44 35.53
CA ARG B 340 -37.00 9.06 36.64
C ARG B 340 -37.23 10.57 36.68
N GLN B 341 -37.10 11.24 35.54
CA GLN B 341 -37.23 12.69 35.52
C GLN B 341 -38.68 13.13 35.61
N ALA B 342 -39.61 12.33 35.09
CA ALA B 342 -41.03 12.61 35.29
C ALA B 342 -41.39 12.51 36.76
N ARG B 343 -40.87 11.50 37.47
CA ARG B 343 -41.09 11.43 38.91
C ARG B 343 -40.56 12.68 39.60
N LYS B 344 -39.37 13.13 39.22
CA LYS B 344 -38.79 14.33 39.82
C LYS B 344 -39.69 15.54 39.57
N ILE B 345 -40.21 15.69 38.36
CA ILE B 345 -41.10 16.81 38.06
C ILE B 345 -42.37 16.72 38.90
N LEU B 346 -43.01 15.54 38.89
CA LEU B 346 -44.27 15.38 39.61
C LEU B 346 -44.09 15.62 41.11
N GLU B 347 -42.96 15.17 41.67
CA GLU B 347 -42.69 15.45 43.09
C GLU B 347 -42.60 16.95 43.33
N ASN B 348 -42.24 17.71 42.30
CA ASN B 348 -42.06 19.15 42.41
C ASN B 348 -43.21 19.90 41.73
N HIS B 349 -44.41 19.35 41.81
CA HIS B 349 -45.54 19.92 41.08
C HIS B 349 -45.90 21.32 41.57
N GLN B 350 -45.54 21.66 42.81
CA GLN B 350 -45.81 23.01 43.29
C GLN B 350 -45.07 24.05 42.47
N ILE B 351 -43.88 23.71 42.00
CA ILE B 351 -43.06 24.68 41.27
C ILE B 351 -43.13 24.42 39.76
N CYS B 352 -43.41 23.18 39.37
CA CYS B 352 -43.22 22.76 37.99
C CYS B 352 -44.46 22.08 37.44
N HIS B 353 -45.10 22.72 36.46
CA HIS B 353 -46.17 22.12 35.67
C HIS B 353 -45.57 21.17 34.65
N PHE B 354 -46.31 20.11 34.31
CA PHE B 354 -45.76 18.98 33.56
C PHE B 354 -46.61 18.68 32.34
N ALA B 355 -45.98 18.66 31.16
CA ALA B 355 -46.56 18.10 29.95
C ALA B 355 -45.80 16.81 29.62
N CYS B 356 -46.48 15.67 29.77
CA CYS B 356 -45.94 14.37 29.37
C CYS B 356 -46.12 14.20 27.86
N ALA B 357 -45.05 14.35 27.09
CA ALA B 357 -45.10 14.31 25.64
C ALA B 357 -44.50 12.99 25.16
N SER B 358 -45.35 12.00 24.92
CA SER B 358 -44.88 10.66 24.58
C SER B 358 -46.02 9.86 23.99
N HIS B 359 -45.69 8.98 23.04
CA HIS B 359 -46.63 8.04 22.45
C HIS B 359 -46.46 6.63 23.01
N ASN B 360 -45.63 6.47 24.02
CA ASN B 360 -45.26 5.17 24.56
C ASN B 360 -46.20 4.83 25.72
N ILE B 361 -46.94 3.72 25.59
CA ILE B 361 -47.96 3.35 26.56
C ILE B 361 -47.34 3.05 27.93
N ARG B 362 -46.14 2.45 27.94
CA ARG B 362 -45.45 2.25 29.21
C ARG B 362 -45.10 3.58 29.86
N THR B 363 -44.47 4.48 29.09
CA THR B 363 -44.15 5.80 29.61
C THR B 363 -45.40 6.52 30.12
N ILE B 364 -46.46 6.53 29.31
CA ILE B 364 -47.71 7.20 29.71
C ILE B 364 -48.27 6.57 30.97
N SER B 365 -48.28 5.24 31.02
CA SER B 365 -48.81 4.55 32.19
C SER B 365 -47.98 4.87 33.43
N ALA B 366 -46.66 4.96 33.26
CA ALA B 366 -45.79 5.29 34.39
C ALA B 366 -46.13 6.67 34.95
N VAL B 367 -46.26 7.66 34.07
CA VAL B 367 -46.61 9.01 34.52
C VAL B 367 -47.95 8.99 35.24
N MET B 368 -48.94 8.30 34.68
CA MET B 368 -50.27 8.26 35.30
C MET B 368 -50.21 7.68 36.70
N GLU B 369 -49.50 6.57 36.88
CA GLU B 369 -49.50 5.92 38.19
C GLU B 369 -48.64 6.68 39.19
N MET B 370 -47.52 7.23 38.76
CA MET B 370 -46.71 8.05 39.66
C MET B 370 -47.48 9.28 40.12
N ALA B 371 -48.20 9.94 39.20
CA ALA B 371 -49.00 11.10 39.59
C ALA B 371 -50.10 10.69 40.56
N ARG B 372 -50.71 9.53 40.33
CA ARG B 372 -51.74 9.06 41.25
C ARG B 372 -51.15 8.73 42.61
N GLU B 373 -49.97 8.10 42.66
CA GLU B 373 -49.37 7.76 43.94
C GLU B 373 -48.88 9.00 44.69
N LEU B 374 -48.41 10.02 43.97
CA LEU B 374 -48.02 11.27 44.60
C LEU B 374 -49.19 12.22 44.83
N ASN B 375 -50.41 11.81 44.48
CA ASN B 375 -51.61 12.64 44.62
C ASN B 375 -51.43 14.02 43.98
N VAL B 376 -50.78 14.06 42.83
CA VAL B 376 -50.53 15.34 42.14
C VAL B 376 -51.86 15.92 41.65
N PRO B 377 -52.14 17.20 41.88
CA PRO B 377 -53.37 17.80 41.34
C PRO B 377 -53.38 17.76 39.82
N GLU B 378 -54.55 17.45 39.25
CA GLU B 378 -54.64 17.24 37.80
C GLU B 378 -54.29 18.49 37.01
N ASP B 379 -54.45 19.67 37.61
CA ASP B 379 -54.05 20.89 36.93
C ASP B 379 -52.54 21.04 36.81
N ARG B 380 -51.75 20.13 37.39
CA ARG B 380 -50.30 20.22 37.29
C ARG B 380 -49.70 19.25 36.28
N TYR B 381 -50.51 18.46 35.56
CA TYR B 381 -49.95 17.62 34.51
C TYR B 381 -50.99 17.29 33.44
N GLU B 382 -50.53 17.28 32.19
CA GLU B 382 -51.33 16.94 31.03
C GLU B 382 -50.50 16.07 30.11
N PHE B 383 -51.14 15.55 29.06
CA PHE B 383 -50.52 14.64 28.12
C PHE B 383 -50.57 15.21 26.71
N GLN B 384 -49.50 14.98 25.94
CA GLN B 384 -49.37 15.55 24.61
C GLN B 384 -48.87 14.50 23.65
N VAL B 385 -49.40 14.52 22.43
CA VAL B 385 -48.96 13.65 21.34
C VAL B 385 -48.87 14.51 20.08
N LEU B 386 -48.22 13.98 19.06
CA LEU B 386 -48.15 14.71 17.79
C LEU B 386 -49.41 14.47 16.98
N TYR B 387 -49.92 15.53 16.37
CA TYR B 387 -51.06 15.46 15.47
C TYR B 387 -50.82 14.41 14.39
N GLY B 388 -51.84 13.60 14.13
CA GLY B 388 -51.85 12.70 12.99
C GLY B 388 -51.12 11.38 13.18
N MET B 389 -50.71 11.03 14.39
CA MET B 389 -50.07 9.74 14.57
C MET B 389 -50.50 9.13 15.89
N ALA B 390 -50.19 7.85 16.06
CA ALA B 390 -50.50 7.08 17.26
C ALA B 390 -51.97 7.26 17.66
N GLU B 391 -52.86 7.20 16.66
CA GLU B 391 -54.28 7.50 16.92
C GLU B 391 -54.88 6.68 18.05
N PRO B 392 -54.73 5.34 18.12
CA PRO B 392 -55.30 4.63 19.27
C PRO B 392 -54.70 5.07 20.60
N VAL B 393 -53.43 5.47 20.64
CA VAL B 393 -52.86 5.96 21.89
C VAL B 393 -53.53 7.27 22.29
N ARG B 394 -53.67 8.18 21.34
CA ARG B 394 -54.39 9.44 21.57
C ARG B 394 -55.77 9.19 22.16
N LYS B 395 -56.53 8.28 21.55
CA LYS B 395 -57.89 8.01 22.03
C LYS B 395 -57.88 7.37 23.41
N GLY B 396 -56.91 6.50 23.70
CA GLY B 396 -56.85 5.89 25.01
C GLY B 396 -56.52 6.88 26.12
N ILE B 397 -55.68 7.86 25.81
CA ILE B 397 -55.39 8.92 26.77
C ILE B 397 -56.65 9.74 27.02
N LEU B 398 -57.31 10.17 25.94
CA LEU B 398 -58.59 10.87 26.08
C LEU B 398 -59.53 10.12 27.02
N LYS B 399 -59.62 8.79 26.87
CA LYS B 399 -60.57 8.01 27.65
C LYS B 399 -60.15 7.91 29.12
N VAL B 400 -58.87 7.68 29.40
CA VAL B 400 -58.43 7.40 30.76
C VAL B 400 -58.06 8.67 31.52
N ALA B 401 -57.31 9.57 30.89
CA ALA B 401 -56.86 10.80 31.53
C ALA B 401 -57.75 12.00 31.23
N GLY B 402 -58.27 12.10 30.02
CA GLY B 402 -59.15 13.20 29.65
C GLY B 402 -58.47 14.48 29.24
N ARG B 403 -57.20 14.66 29.56
CA ARG B 403 -56.48 15.90 29.27
C ARG B 403 -55.37 15.59 28.28
N ILE B 404 -55.68 15.73 26.98
CA ILE B 404 -54.77 15.34 25.92
C ILE B 404 -54.69 16.48 24.92
N ARG B 405 -53.46 16.91 24.61
CA ARG B 405 -53.21 18.06 23.76
C ARG B 405 -52.43 17.59 22.53
N LEU B 406 -52.85 18.05 21.35
CA LEU B 406 -52.24 17.66 20.09
C LEU B 406 -51.28 18.74 19.61
N TYR B 407 -50.03 18.35 19.34
CA TYR B 407 -49.05 19.25 18.76
C TYR B 407 -49.34 19.32 17.27
N ALA B 408 -49.74 20.49 16.79
CA ALA B 408 -50.36 20.64 15.48
C ALA B 408 -49.60 21.67 14.64
N PRO B 409 -48.71 21.24 13.76
CA PRO B 409 -48.05 22.19 12.86
C PRO B 409 -48.99 22.61 11.74
N TYR B 410 -48.72 23.80 11.20
CA TYR B 410 -49.51 24.25 10.06
C TYR B 410 -48.63 25.12 9.18
N GLY B 411 -48.96 25.17 7.90
CA GLY B 411 -48.22 26.02 6.99
C GLY B 411 -47.90 25.40 5.65
N ASN B 412 -46.81 25.85 5.04
CA ASN B 412 -46.53 25.53 3.65
C ASN B 412 -46.09 24.08 3.49
N MET B 413 -46.46 23.48 2.36
CA MET B 413 -46.17 22.08 2.09
C MET B 413 -44.67 21.79 1.94
N VAL B 414 -43.85 22.78 1.58
CA VAL B 414 -42.44 22.48 1.40
C VAL B 414 -41.81 22.08 2.74
N PRO B 415 -41.87 22.89 3.81
CA PRO B 415 -41.42 22.36 5.11
C PRO B 415 -42.32 21.26 5.65
N GLY B 416 -43.58 21.20 5.20
CA GLY B 416 -44.45 20.09 5.60
C GLY B 416 -43.90 18.74 5.17
N MET B 417 -43.27 18.68 3.99
CA MET B 417 -42.66 17.43 3.53
C MET B 417 -41.47 17.03 4.41
N GLY B 418 -40.62 17.98 4.76
CA GLY B 418 -39.51 17.66 5.64
C GLY B 418 -39.99 17.16 6.99
N TYR B 419 -41.06 17.76 7.51
CA TYR B 419 -41.67 17.29 8.76
C TYR B 419 -42.24 15.88 8.59
N LEU B 420 -42.86 15.61 7.43
CA LEU B 420 -43.36 14.26 7.16
C LEU B 420 -42.24 13.22 7.24
N VAL B 421 -41.08 13.51 6.64
CA VAL B 421 -39.98 12.55 6.70
C VAL B 421 -39.60 12.25 8.14
N ARG B 422 -39.51 13.30 8.98
CA ARG B 422 -39.15 13.10 10.38
C ARG B 422 -40.16 12.21 11.08
N ARG B 423 -41.45 12.36 10.74
CA ARG B 423 -42.47 11.51 11.35
C ARG B 423 -42.37 10.08 10.86
N LEU B 424 -42.07 9.89 9.56
CA LEU B 424 -41.91 8.53 9.05
C LEU B 424 -40.70 7.85 9.66
N LEU B 425 -39.60 8.59 9.82
CA LEU B 425 -38.42 8.07 10.53
C LEU B 425 -38.77 7.67 11.95
N GLU B 426 -39.49 8.55 12.66
CA GLU B 426 -39.86 8.27 14.05
C GLU B 426 -40.71 7.01 14.15
N ASN B 427 -41.74 6.89 13.31
CA ASN B 427 -42.67 5.78 13.45
C ASN B 427 -42.07 4.44 13.02
N THR B 428 -41.09 4.44 12.10
CA THR B 428 -40.58 3.19 11.56
C THR B 428 -39.21 2.80 12.13
N ALA B 429 -38.69 3.56 13.09
CA ALA B 429 -37.41 3.21 13.70
C ALA B 429 -37.48 1.83 14.35
N ASN B 430 -36.35 1.10 14.31
CA ASN B 430 -36.31 -0.26 14.85
C ASN B 430 -36.71 -0.29 16.32
N GLU B 431 -36.27 0.69 17.09
CA GLU B 431 -36.54 0.80 18.52
C GLU B 431 -37.85 1.51 18.85
N SER B 432 -38.61 1.96 17.83
CA SER B 432 -39.82 2.72 18.11
C SER B 432 -40.84 1.87 18.86
N PHE B 433 -41.36 2.42 19.96
CA PHE B 433 -42.43 1.73 20.66
C PHE B 433 -43.63 1.48 19.74
N LEU B 434 -43.90 2.44 18.83
CA LEU B 434 -45.04 2.30 17.94
C LEU B 434 -44.80 1.19 16.92
N ARG B 435 -43.60 1.13 16.34
CA ARG B 435 -43.31 0.04 15.40
C ARG B 435 -43.39 -1.32 16.10
N GLN B 436 -42.83 -1.43 17.30
CA GLN B 436 -42.83 -2.70 18.02
C GLN B 436 -44.25 -3.13 18.39
N SER B 437 -45.09 -2.17 18.81
CA SER B 437 -46.46 -2.51 19.21
C SER B 437 -47.33 -2.83 18.02
N PHE B 438 -47.16 -2.12 16.90
CA PHE B 438 -48.16 -2.12 15.85
C PHE B 438 -47.69 -2.69 14.51
N ALA B 439 -46.39 -2.85 14.31
CA ALA B 439 -45.90 -3.57 13.14
C ALA B 439 -45.30 -4.92 13.45
N GLU B 440 -44.67 -5.08 14.62
CA GLU B 440 -43.85 -6.26 14.92
C GLU B 440 -44.52 -7.24 15.88
N ASP B 441 -45.73 -6.95 16.35
CA ASP B 441 -46.44 -7.83 17.31
C ASP B 441 -45.55 -8.17 18.50
N ALA B 442 -44.81 -7.17 19.01
CA ALA B 442 -43.97 -7.42 20.17
C ALA B 442 -44.82 -7.82 21.37
N GLN B 443 -44.24 -8.62 22.26
CA GLN B 443 -44.96 -9.11 23.42
C GLN B 443 -45.28 -7.97 24.38
N ILE B 444 -46.49 -7.98 24.93
CA ILE B 444 -46.95 -6.90 25.80
C ILE B 444 -46.09 -6.82 27.06
N GLU B 445 -45.79 -7.97 27.67
CA GLU B 445 -44.97 -7.97 28.87
C GLU B 445 -43.60 -7.34 28.64
N ARG B 446 -43.01 -7.60 27.48
CA ARG B 446 -41.74 -6.96 27.15
C ARG B 446 -41.94 -5.47 26.92
N LEU B 447 -43.03 -5.09 26.23
CA LEU B 447 -43.26 -3.67 25.94
C LEU B 447 -43.46 -2.86 27.21
N LEU B 448 -44.06 -3.47 28.25
CA LEU B 448 -44.45 -2.77 29.46
C LEU B 448 -43.47 -2.97 30.61
N GLU B 449 -42.36 -3.66 30.36
CA GLU B 449 -41.34 -3.91 31.37
C GLU B 449 -40.78 -2.60 31.93
N ASP B 450 -40.44 -2.62 33.22
CA ASP B 450 -39.72 -1.50 33.80
C ASP B 450 -38.45 -1.25 32.99
N PRO B 451 -38.31 -0.10 32.33
CA PRO B 451 -37.14 0.10 31.48
C PRO B 451 -35.83 0.05 32.26
N ALA B 452 -35.85 0.31 33.56
CA ALA B 452 -34.65 0.11 34.36
C ALA B 452 -34.19 -1.35 34.31
N VAL B 453 -35.14 -2.29 34.32
CA VAL B 453 -34.78 -3.69 34.14
C VAL B 453 -34.26 -3.93 32.72
N THR B 454 -34.87 -3.27 31.74
CA THR B 454 -34.38 -3.38 30.36
C THR B 454 -32.94 -2.86 30.25
N VAL B 455 -32.64 -1.75 30.94
CA VAL B 455 -31.29 -1.16 30.89
C VAL B 455 -30.27 -2.14 31.43
N GLU B 456 -30.58 -2.78 32.56
CA GLU B 456 -29.62 -3.72 33.17
C GLU B 456 -29.39 -4.91 32.25
N ARG B 457 -30.46 -5.48 31.70
CA ARG B 457 -30.31 -6.59 30.77
C ARG B 457 -29.48 -6.19 29.55
N GLU B 458 -29.72 -4.99 29.03
CA GLU B 458 -29.00 -4.57 27.83
C GLU B 458 -27.55 -4.22 28.14
N ARG B 459 -27.30 -3.55 29.27
CA ARG B 459 -25.92 -3.25 29.64
C ARG B 459 -25.12 -4.52 29.87
N ALA B 460 -25.75 -5.55 30.45
CA ALA B 460 -25.07 -6.82 30.64
C ALA B 460 -24.71 -7.46 29.31
N ALA B 461 -25.64 -7.42 28.34
CA ALA B 461 -25.38 -8.02 27.03
C ALA B 461 -24.21 -7.33 26.34
N ARG B 462 -24.08 -6.01 26.51
CA ARG B 462 -22.96 -5.30 25.89
C ARG B 462 -21.61 -5.71 26.47
N ALA B 463 -21.60 -6.27 27.67
CA ALA B 463 -20.37 -6.75 28.29
C ALA B 463 -20.21 -8.26 28.08
N ARG B 470 -12.19 -0.76 16.78
CA ARG B 470 -10.98 -0.47 16.01
C ARG B 470 -9.73 -0.57 16.91
N LYS B 471 -8.78 -1.39 16.51
CA LYS B 471 -7.58 -1.62 17.30
C LYS B 471 -6.39 -0.88 16.71
N GLY B 472 -5.40 -0.61 17.57
CA GLY B 472 -4.16 -0.02 17.15
C GLY B 472 -3.08 -1.08 16.92
N LEU B 473 -1.87 -0.61 16.64
CA LEU B 473 -0.75 -1.47 16.31
C LEU B 473 0.46 -1.11 17.16
N GLY B 474 1.02 -2.11 17.83
CA GLY B 474 2.25 -1.91 18.60
C GLY B 474 2.07 -1.08 19.85
N GLY B 475 0.98 -1.30 20.58
CA GLY B 475 0.72 -0.56 21.81
C GLY B 475 0.21 0.84 21.60
N LEU B 476 0.12 1.33 20.36
CA LEU B 476 -0.49 2.64 20.19
C LEU B 476 -1.98 2.50 19.90
N PRO B 477 -2.80 3.38 20.43
CA PRO B 477 -4.21 3.40 20.02
C PRO B 477 -4.31 3.66 18.52
N PRO B 478 -5.43 3.30 17.90
CA PRO B 478 -5.61 3.65 16.48
C PRO B 478 -5.64 5.15 16.29
N PHE B 479 -5.46 5.59 15.05
CA PHE B 479 -5.55 7.01 14.76
C PHE B 479 -6.99 7.49 14.92
N ASN B 480 -7.15 8.63 15.58
CA ASN B 480 -8.41 9.35 15.66
C ASN B 480 -8.11 10.83 15.58
N ASN B 481 -8.96 11.59 14.89
CA ASN B 481 -8.75 13.03 14.79
C ASN B 481 -8.96 13.68 16.14
N GLU B 482 -8.12 14.66 16.46
CA GLU B 482 -8.22 15.40 17.71
C GLU B 482 -9.55 16.13 17.78
N ALA B 483 -10.18 16.09 18.95
CA ALA B 483 -11.52 16.64 19.11
C ALA B 483 -11.55 18.13 18.83
N MET B 484 -12.61 18.57 18.15
CA MET B 484 -12.77 19.97 17.82
C MET B 484 -13.17 20.75 19.07
N VAL B 485 -12.86 22.05 19.08
CA VAL B 485 -13.32 22.89 20.18
C VAL B 485 -14.85 22.82 20.22
N ASP B 486 -15.40 22.86 21.43
CA ASP B 486 -16.81 22.54 21.69
C ASP B 486 -17.40 23.70 22.48
N PHE B 487 -17.96 24.67 21.77
CA PHE B 487 -18.46 25.87 22.45
C PHE B 487 -19.82 25.66 23.12
N THR B 488 -20.35 24.43 23.14
CA THR B 488 -21.41 24.15 24.11
C THR B 488 -20.88 24.18 25.55
N ARG B 489 -19.57 24.10 25.74
CA ARG B 489 -18.97 24.12 27.07
C ARG B 489 -18.61 25.53 27.49
N ALA B 490 -19.01 25.91 28.71
CA ALA B 490 -18.64 27.22 29.23
C ALA B 490 -17.12 27.36 29.37
N ASP B 491 -16.40 26.28 29.66
CA ASP B 491 -14.95 26.43 29.82
C ASP B 491 -14.28 26.68 28.48
N HIS B 492 -14.77 26.06 27.40
CA HIS B 492 -14.19 26.35 26.09
C HIS B 492 -14.52 27.78 25.64
N ARG B 493 -15.74 28.25 25.94
CA ARG B 493 -16.10 29.63 25.61
C ARG B 493 -15.25 30.64 26.37
N ALA B 494 -14.90 30.33 27.63
CA ALA B 494 -14.08 31.24 28.43
C ALA B 494 -12.60 31.18 28.08
N ALA B 495 -12.14 30.11 27.41
CA ALA B 495 -10.70 29.89 27.24
C ALA B 495 -10.08 30.88 26.26
N PHE B 496 -10.80 31.23 25.19
CA PHE B 496 -10.19 32.09 24.18
C PHE B 496 -9.90 33.49 24.71
N PRO B 497 -10.84 34.20 25.35
CA PRO B 497 -10.48 35.52 25.88
C PRO B 497 -9.34 35.46 26.88
N LYS B 498 -9.32 34.43 27.73
CA LYS B 498 -8.21 34.28 28.68
C LYS B 498 -6.88 34.05 27.96
N HIS B 499 -6.87 33.19 26.94
CA HIS B 499 -5.59 32.90 26.30
C HIS B 499 -5.14 34.00 25.36
N ILE B 500 -6.07 34.72 24.72
CA ILE B 500 -5.70 35.90 23.95
C ILE B 500 -5.06 36.95 24.86
N ALA B 501 -5.63 37.15 26.06
CA ALA B 501 -5.03 38.11 26.98
C ALA B 501 -3.65 37.66 27.43
N GLN B 502 -3.46 36.35 27.65
CA GLN B 502 -2.12 35.87 28.00
C GLN B 502 -1.13 36.13 26.88
N VAL B 503 -1.56 35.92 25.63
CA VAL B 503 -0.67 36.15 24.49
C VAL B 503 -0.23 37.61 24.45
N ARG B 504 -1.15 38.53 24.79
CA ARG B 504 -0.78 39.94 24.80
C ARG B 504 0.21 40.29 25.90
N THR B 505 0.43 39.41 26.88
CA THR B 505 1.54 39.67 27.80
C THR B 505 2.88 39.22 27.22
N GLN B 506 2.86 38.60 26.05
CA GLN B 506 4.06 38.01 25.44
C GLN B 506 4.48 38.73 24.15
N LEU B 507 3.96 39.93 23.91
CA LEU B 507 4.27 40.64 22.67
C LEU B 507 5.60 41.37 22.79
N GLY B 508 6.20 41.64 21.63
CA GLY B 508 7.39 42.45 21.55
C GLY B 508 8.68 41.67 21.52
N LYS B 509 8.63 40.36 21.45
CA LYS B 509 9.86 39.59 21.44
C LYS B 509 10.50 39.63 20.07
N THR B 510 11.80 39.38 20.04
CA THR B 510 12.54 39.21 18.80
C THR B 510 12.77 37.72 18.60
N TYR B 511 12.39 37.23 17.42
CA TYR B 511 12.44 35.81 17.11
C TYR B 511 13.66 35.53 16.25
N PRO B 512 14.62 34.74 16.71
CA PRO B 512 15.84 34.51 15.94
C PRO B 512 15.68 33.31 15.02
N LEU B 513 16.69 33.10 14.16
CA LEU B 513 16.75 31.83 13.47
C LEU B 513 17.06 30.72 14.48
N PHE B 514 16.79 29.48 14.08
CA PHE B 514 17.13 28.33 14.90
C PHE B 514 17.85 27.32 14.00
N ILE B 515 19.14 27.15 14.22
CA ILE B 515 20.00 26.35 13.35
C ILE B 515 20.86 25.45 14.22
N ASN B 516 20.79 24.14 13.99
CA ASN B 516 21.64 23.17 14.67
C ASN B 516 21.52 23.29 16.19
N GLY B 517 20.28 23.49 16.66
CA GLY B 517 20.03 23.58 18.09
C GLY B 517 20.36 24.90 18.73
N LYS B 518 20.76 25.90 17.94
CA LYS B 518 21.22 27.18 18.50
C LYS B 518 20.42 28.33 17.88
N GLU B 519 20.25 29.38 18.67
CA GLU B 519 19.61 30.59 18.14
C GLU B 519 20.64 31.46 17.44
N VAL B 520 20.32 31.86 16.22
CA VAL B 520 21.21 32.68 15.40
C VAL B 520 20.46 33.96 15.08
N ARG B 521 21.01 35.08 15.52
CA ARG B 521 20.38 36.38 15.31
C ARG B 521 20.97 37.05 14.09
N THR B 522 20.11 37.69 13.29
CA THR B 522 20.60 38.57 12.24
C THR B 522 20.09 39.98 12.51
N ASN B 523 20.55 40.93 11.70
CA ASN B 523 20.19 42.33 11.95
C ASN B 523 19.17 42.86 10.95
N ASP B 524 18.57 41.99 10.14
CA ASP B 524 17.44 42.35 9.29
C ASP B 524 16.18 41.84 10.00
N LEU B 525 15.41 42.76 10.60
CA LEU B 525 14.21 42.41 11.35
C LEU B 525 12.96 42.88 10.60
N ILE B 526 11.96 42.01 10.53
CA ILE B 526 10.67 42.35 9.94
C ILE B 526 9.60 42.24 11.02
N PRO B 527 8.87 43.31 11.32
CA PRO B 527 7.80 43.19 12.32
C PRO B 527 6.67 42.32 11.81
N THR B 528 5.96 41.70 12.75
CA THR B 528 4.74 40.96 12.44
C THR B 528 3.61 41.57 13.25
N VAL B 529 2.52 41.93 12.58
CA VAL B 529 1.46 42.73 13.20
C VAL B 529 0.11 42.04 13.09
N ASN B 530 -0.83 42.52 13.89
CA ASN B 530 -2.19 42.03 13.91
C ASN B 530 -2.94 42.55 12.69
N PRO B 531 -3.41 41.69 11.78
CA PRO B 531 -4.09 42.20 10.58
C PRO B 531 -5.41 42.90 10.88
N ASN B 532 -6.06 42.56 11.99
CA ASN B 532 -7.26 43.30 12.37
C ASN B 532 -6.93 44.56 13.15
N LYS B 533 -5.67 44.77 13.51
CA LYS B 533 -5.27 46.00 14.20
C LYS B 533 -3.77 46.22 13.97
N PRO B 534 -3.38 46.72 12.80
CA PRO B 534 -1.95 46.73 12.43
C PRO B 534 -1.08 47.55 13.35
N SER B 535 -1.65 48.46 14.13
CA SER B 535 -0.85 49.19 15.11
C SER B 535 -0.38 48.28 16.25
N GLU B 536 -0.96 47.09 16.39
CA GLU B 536 -0.54 46.12 17.41
C GLU B 536 0.57 45.27 16.83
N VAL B 537 1.80 45.53 17.26
CA VAL B 537 2.98 44.78 16.83
C VAL B 537 3.18 43.58 17.74
N LEU B 538 3.15 42.38 17.17
CA LEU B 538 3.28 41.17 17.97
C LEU B 538 4.74 40.79 18.21
N GLY B 539 5.66 41.19 17.34
CA GLY B 539 7.06 40.84 17.51
C GLY B 539 7.89 41.22 16.30
N GLN B 540 9.18 40.88 16.38
CA GLN B 540 10.16 41.16 15.34
C GLN B 540 10.84 39.84 14.94
N ILE B 541 10.98 39.61 13.63
CA ILE B 541 11.49 38.33 13.12
C ILE B 541 12.83 38.56 12.42
N CYS B 542 13.87 37.85 12.87
CA CYS B 542 15.15 37.87 12.16
C CYS B 542 15.03 37.19 10.80
N GLN B 543 15.72 37.75 9.81
CA GLN B 543 15.72 37.22 8.44
C GLN B 543 17.05 36.54 8.14
N ALA B 544 16.99 35.34 7.58
CA ALA B 544 18.21 34.66 7.14
C ALA B 544 18.64 35.17 5.78
N GLY B 545 19.93 35.49 5.65
CA GLY B 545 20.56 35.65 4.35
C GLY B 545 20.97 34.29 3.78
N THR B 546 21.59 34.33 2.61
CA THR B 546 22.09 33.09 2.01
C THR B 546 23.12 32.42 2.91
N THR B 547 23.90 33.20 3.65
CA THR B 547 24.88 32.60 4.57
C THR B 547 24.18 31.71 5.59
N GLU B 548 23.17 32.25 6.27
CA GLU B 548 22.48 31.49 7.31
C GLU B 548 21.69 30.32 6.71
N VAL B 549 21.08 30.50 5.54
CA VAL B 549 20.40 29.38 4.90
C VAL B 549 21.40 28.30 4.54
N GLY B 550 22.57 28.70 4.01
CA GLY B 550 23.63 27.74 3.75
C GLY B 550 24.09 27.02 5.01
N ASP B 551 24.17 27.74 6.13
CA ASP B 551 24.53 27.12 7.40
C ASP B 551 23.47 26.11 7.83
N ALA B 552 22.19 26.47 7.67
CA ALA B 552 21.14 25.54 8.07
C ALA B 552 21.14 24.29 7.20
N ILE B 553 21.34 24.46 5.89
CA ILE B 553 21.46 23.29 5.01
C ILE B 553 22.65 22.43 5.42
N ALA B 554 23.78 23.07 5.76
CA ALA B 554 24.94 22.30 6.18
C ALA B 554 24.67 21.55 7.48
N ALA B 555 23.93 22.17 8.40
CA ALA B 555 23.62 21.50 9.67
C ALA B 555 22.68 20.33 9.47
N ALA B 556 21.68 20.50 8.61
CA ALA B 556 20.77 19.40 8.29
C ALA B 556 21.52 18.27 7.61
N LYS B 557 22.41 18.61 6.68
CA LYS B 557 23.18 17.58 6.00
C LYS B 557 24.09 16.84 6.96
N ALA B 558 24.64 17.55 7.96
CA ALA B 558 25.52 16.87 8.93
C ALA B 558 24.73 15.99 9.89
N ALA B 559 23.49 16.37 10.23
CA ALA B 559 22.65 15.58 11.12
C ALA B 559 22.01 14.40 10.41
N PHE B 560 21.95 14.44 9.08
CA PHE B 560 21.20 13.45 8.32
C PHE B 560 21.70 12.02 8.51
N PRO B 561 23.01 11.71 8.49
CA PRO B 561 23.39 10.28 8.59
C PRO B 561 22.91 9.61 9.87
N ALA B 562 23.08 10.24 11.04
CA ALA B 562 22.62 9.61 12.27
C ALA B 562 21.09 9.62 12.37
N TRP B 563 20.44 10.65 11.81
CA TRP B 563 18.97 10.67 11.83
C TRP B 563 18.40 9.58 10.93
N ARG B 564 18.95 9.46 9.72
CA ARG B 564 18.57 8.35 8.83
C ARG B 564 18.76 6.99 9.51
N ASP B 565 19.83 6.83 10.29
CA ASP B 565 20.08 5.55 10.94
C ASP B 565 19.27 5.36 12.23
N THR B 566 18.46 6.34 12.62
CA THR B 566 17.60 6.19 13.79
C THR B 566 16.40 5.32 13.46
N ASP B 567 16.08 4.41 14.37
CA ASP B 567 14.97 3.46 14.14
C ASP B 567 13.68 4.22 13.81
N PRO B 568 12.92 3.77 12.82
CA PRO B 568 11.66 4.49 12.49
C PRO B 568 10.71 4.64 13.67
N ARG B 569 10.59 3.62 14.52
CA ARG B 569 9.72 3.75 15.68
C ARG B 569 10.22 4.84 16.63
N THR B 570 11.55 5.01 16.72
CA THR B 570 12.10 6.08 17.55
C THR B 570 11.86 7.45 16.93
N ARG B 571 12.02 7.57 15.60
CA ARG B 571 11.65 8.82 14.94
C ARG B 571 10.17 9.12 15.14
N ALA B 572 9.32 8.11 15.01
CA ALA B 572 7.89 8.32 15.23
C ALA B 572 7.60 8.81 16.66
N GLU B 573 8.40 8.36 17.63
CA GLU B 573 8.18 8.78 19.01
C GLU B 573 8.38 10.28 19.19
N TYR B 574 9.28 10.90 18.41
CA TYR B 574 9.44 12.35 18.55
C TYR B 574 8.18 13.08 18.08
N LEU B 575 7.55 12.59 17.01
CA LEU B 575 6.30 13.19 16.56
C LEU B 575 5.21 13.04 17.62
N LEU B 576 5.13 11.87 18.26
CA LEU B 576 4.13 11.67 19.29
C LEU B 576 4.34 12.60 20.47
N LYS B 577 5.59 12.81 20.87
CA LYS B 577 5.85 13.75 21.96
C LYS B 577 5.52 15.17 21.54
N ALA B 578 5.82 15.53 20.28
CA ALA B 578 5.47 16.86 19.81
C ALA B 578 3.96 17.06 19.80
N ALA B 579 3.20 16.03 19.45
CA ALA B 579 1.75 16.14 19.44
C ALA B 579 1.22 16.33 20.86
N GLN B 580 1.77 15.60 21.83
CA GLN B 580 1.35 15.80 23.22
C GLN B 580 1.74 17.18 23.71
N ALA B 581 2.93 17.67 23.32
CA ALA B 581 3.29 19.04 23.70
C ALA B 581 2.29 20.04 23.14
N ALA B 582 1.85 19.85 21.88
CA ALA B 582 0.87 20.77 21.29
C ALA B 582 -0.50 20.62 21.93
N ARG B 583 -0.90 19.39 22.23
CA ARG B 583 -2.20 19.15 22.85
C ARG B 583 -2.30 19.86 24.20
N LYS B 584 -1.21 19.88 24.97
CA LYS B 584 -1.18 20.58 26.24
C LYS B 584 -1.20 22.10 26.09
N ARG B 585 -0.96 22.64 24.90
CA ARG B 585 -0.94 24.08 24.68
C ARG B 585 -2.02 24.53 23.71
N LEU B 586 -3.10 23.75 23.59
CA LEU B 586 -4.02 23.90 22.45
C LEU B 586 -4.62 25.31 22.39
N PHE B 587 -5.18 25.81 23.50
CA PHE B 587 -5.80 27.14 23.42
C PHE B 587 -4.75 28.24 23.28
N GLU B 588 -3.58 28.06 23.90
CA GLU B 588 -2.52 29.04 23.73
C GLU B 588 -2.07 29.15 22.28
N LEU B 589 -1.72 28.01 21.66
CA LEU B 589 -1.33 28.04 20.26
C LEU B 589 -2.44 28.63 19.39
N SER B 590 -3.70 28.34 19.74
CA SER B 590 -4.80 28.88 18.96
C SER B 590 -4.86 30.40 19.07
N ALA B 591 -4.70 30.92 20.29
CA ALA B 591 -4.82 32.36 20.51
C ALA B 591 -3.78 33.14 19.70
N TRP B 592 -2.56 32.62 19.60
CA TRP B 592 -1.53 33.26 18.78
C TRP B 592 -2.00 33.43 17.34
N GLN B 593 -2.69 32.42 16.80
CA GLN B 593 -3.16 32.52 15.42
C GLN B 593 -4.30 33.54 15.27
N VAL B 594 -5.15 33.66 16.30
CA VAL B 594 -6.19 34.70 16.25
C VAL B 594 -5.56 36.06 16.00
N LEU B 595 -4.48 36.37 16.75
CA LEU B 595 -3.86 37.68 16.65
C LEU B 595 -2.89 37.80 15.48
N GLU B 596 -2.08 36.78 15.19
CA GLU B 596 -1.06 37.00 14.16
C GLU B 596 -1.63 36.95 12.75
N ILE B 597 -2.68 36.17 12.50
CA ILE B 597 -3.13 36.05 11.12
C ILE B 597 -4.64 36.19 10.98
N GLY B 598 -5.32 36.55 12.07
CA GLY B 598 -6.74 36.85 11.96
C GLY B 598 -7.62 35.63 11.83
N LYS B 599 -7.21 34.50 12.42
CA LYS B 599 -8.10 33.34 12.50
C LYS B 599 -9.24 33.62 13.47
N GLN B 600 -10.45 33.23 13.08
CA GLN B 600 -11.54 33.12 14.04
C GLN B 600 -11.25 32.01 15.04
N TRP B 601 -11.93 32.04 16.19
CA TRP B 601 -11.64 31.10 17.28
C TRP B 601 -11.66 29.65 16.79
N ASP B 602 -12.72 29.27 16.08
CA ASP B 602 -12.84 27.90 15.59
C ASP B 602 -11.77 27.59 14.55
N GLN B 603 -11.50 28.52 13.65
CA GLN B 603 -10.49 28.32 12.62
C GLN B 603 -9.11 28.14 13.24
N ALA B 604 -8.81 28.93 14.26
CA ALA B 604 -7.50 28.82 14.92
C ALA B 604 -7.35 27.46 15.60
N TYR B 605 -8.36 27.08 16.40
CA TYR B 605 -8.31 25.78 17.07
C TYR B 605 -8.20 24.65 16.05
N ALA B 606 -8.95 24.74 14.95
CA ALA B 606 -8.89 23.68 13.94
C ALA B 606 -7.53 23.61 13.27
N ASP B 607 -6.83 24.74 13.15
CA ASP B 607 -5.47 24.72 12.64
C ASP B 607 -4.56 23.91 13.55
N VAL B 608 -4.69 24.11 14.87
CA VAL B 608 -3.81 23.42 15.81
C VAL B 608 -4.16 21.94 15.89
N THR B 609 -5.48 21.60 15.90
CA THR B 609 -5.83 20.19 15.95
C THR B 609 -5.39 19.47 14.68
N GLU B 610 -5.36 20.16 13.54
CA GLU B 610 -4.89 19.51 12.32
C GLU B 610 -3.39 19.25 12.41
N ALA B 611 -2.64 20.20 12.98
CA ALA B 611 -1.21 19.96 13.21
C ALA B 611 -1.01 18.72 14.08
N ILE B 612 -1.81 18.61 15.15
CA ILE B 612 -1.75 17.43 15.99
C ILE B 612 -2.09 16.18 15.20
N ASP B 613 -3.12 16.25 14.35
CA ASP B 613 -3.49 15.08 13.55
C ASP B 613 -2.35 14.64 12.64
N PHE B 614 -1.70 15.58 11.95
CA PHE B 614 -0.55 15.21 11.11
C PHE B 614 0.50 14.48 11.93
N LEU B 615 0.82 15.00 13.11
CA LEU B 615 1.84 14.36 13.93
C LEU B 615 1.44 12.95 14.32
N GLU B 616 0.19 12.77 14.78
CA GLU B 616 -0.27 11.45 15.20
C GLU B 616 -0.39 10.50 14.01
N TYR B 617 -0.85 11.01 12.86
CA TYR B 617 -1.05 10.15 11.69
C TYR B 617 0.28 9.75 11.06
N TYR B 618 1.18 10.71 10.82
CA TYR B 618 2.45 10.38 10.18
C TYR B 618 3.35 9.54 11.08
N ALA B 619 3.25 9.70 12.40
CA ALA B 619 3.95 8.78 13.30
C ALA B 619 3.49 7.35 13.07
N ARG B 620 2.18 7.14 13.01
CA ARG B 620 1.66 5.80 12.77
C ARG B 620 2.02 5.29 11.36
N GLU B 621 1.99 6.19 10.38
CA GLU B 621 2.33 5.78 9.02
C GLU B 621 3.79 5.35 8.92
N MET B 622 4.70 6.05 9.60
CA MET B 622 6.10 5.64 9.54
C MET B 622 6.30 4.30 10.23
N ILE B 623 5.60 4.09 11.35
CA ILE B 623 5.68 2.79 12.02
C ILE B 623 5.20 1.70 11.07
N ARG B 624 4.13 1.98 10.33
CA ARG B 624 3.60 0.99 9.38
C ARG B 624 4.57 0.74 8.23
N LEU B 625 5.22 1.79 7.73
CA LEU B 625 6.09 1.67 6.58
C LEU B 625 7.53 1.35 6.94
N GLY B 626 7.90 1.44 8.23
CA GLY B 626 9.29 1.32 8.63
C GLY B 626 9.83 -0.10 8.66
N GLN B 627 8.96 -1.09 8.66
CA GLN B 627 9.47 -2.46 8.70
C GLN B 627 9.72 -2.98 7.29
N PRO B 628 10.92 -3.48 7.00
CA PRO B 628 11.14 -4.13 5.69
C PRO B 628 10.20 -5.31 5.52
N GLN B 629 9.68 -5.45 4.31
CA GLN B 629 8.76 -6.53 3.99
C GLN B 629 9.42 -7.51 3.04
N ARG B 630 9.24 -8.80 3.28
CA ARG B 630 9.68 -9.80 2.31
C ARG B 630 8.82 -9.68 1.06
N VAL B 631 9.45 -9.64 -0.10
CA VAL B 631 8.72 -9.67 -1.37
C VAL B 631 9.21 -10.88 -2.16
N GLY B 632 8.30 -11.45 -2.95
CA GLY B 632 8.55 -12.73 -3.59
C GLY B 632 8.48 -13.88 -2.62
N HIS B 633 8.43 -15.09 -3.17
CA HIS B 633 8.22 -16.31 -2.38
C HIS B 633 9.16 -17.44 -2.78
N ALA B 634 10.16 -17.18 -3.60
CA ALA B 634 11.03 -18.26 -4.02
C ALA B 634 11.95 -18.68 -2.87
N PRO B 635 12.18 -19.98 -2.69
CA PRO B 635 13.10 -20.44 -1.65
C PRO B 635 14.54 -20.17 -2.04
N GLY B 636 15.44 -20.34 -1.07
CA GLY B 636 16.86 -20.05 -1.29
C GLY B 636 17.18 -18.59 -1.45
N GLU B 637 16.22 -17.71 -1.17
CA GLU B 637 16.30 -16.31 -1.52
C GLU B 637 15.43 -15.51 -0.56
N LEU B 638 15.98 -14.38 -0.11
CA LEU B 638 15.23 -13.41 0.67
C LEU B 638 15.35 -12.06 -0.01
N ASN B 639 14.21 -11.50 -0.44
CA ASN B 639 14.15 -10.12 -0.89
C ASN B 639 13.39 -9.31 0.14
N HIS B 640 13.99 -8.21 0.61
CA HIS B 640 13.29 -7.29 1.50
C HIS B 640 13.22 -5.92 0.83
N TYR B 641 12.01 -5.37 0.82
CA TYR B 641 11.67 -4.11 0.19
C TYR B 641 11.39 -3.12 1.32
N PHE B 642 12.02 -1.96 1.25
CA PHE B 642 11.90 -0.99 2.33
C PHE B 642 12.25 0.38 1.76
N TYR B 643 12.25 1.41 2.61
CA TYR B 643 12.40 2.78 2.11
C TYR B 643 13.58 3.48 2.76
N GLU B 644 14.16 4.42 2.00
CA GLU B 644 15.29 5.23 2.42
C GLU B 644 14.91 6.71 2.35
N PRO B 645 15.36 7.54 3.29
CA PRO B 645 15.15 8.99 3.14
C PRO B 645 16.06 9.55 2.05
N LYS B 646 15.84 10.82 1.74
CA LYS B 646 16.54 11.50 0.65
C LYS B 646 17.69 12.37 1.13
N GLY B 647 17.52 13.12 2.23
CA GLY B 647 18.55 14.03 2.64
C GLY B 647 17.96 15.27 3.26
N VAL B 648 18.33 16.45 2.74
CA VAL B 648 17.84 17.71 3.27
C VAL B 648 16.61 18.13 2.47
N ALA B 649 15.54 18.45 3.19
CA ALA B 649 14.29 18.89 2.60
C ALA B 649 14.09 20.36 2.91
N ALA B 650 13.85 21.15 1.87
CA ALA B 650 13.41 22.53 2.06
C ALA B 650 11.90 22.52 2.23
N VAL B 651 11.41 23.15 3.29
CA VAL B 651 9.98 23.20 3.57
C VAL B 651 9.55 24.66 3.54
N ILE B 652 8.71 25.01 2.58
CA ILE B 652 8.31 26.40 2.34
C ILE B 652 6.81 26.50 2.58
N ALA B 653 6.44 27.11 3.71
CA ALA B 653 5.08 26.94 4.23
C ALA B 653 4.24 28.20 4.03
N PRO B 654 2.92 28.04 3.97
CA PRO B 654 2.02 29.18 3.75
C PRO B 654 1.65 29.84 5.08
N TRP B 655 1.05 31.03 4.97
CA TRP B 655 0.54 31.75 6.15
C TRP B 655 -0.90 31.39 6.50
N ASN B 656 -1.65 30.75 5.59
CA ASN B 656 -3.09 30.62 5.82
C ASN B 656 -3.45 29.42 6.69
N PHE B 657 -2.61 28.38 6.71
CA PHE B 657 -2.68 27.31 7.70
C PHE B 657 -1.32 27.21 8.38
N PRO B 658 -1.00 28.18 9.24
CA PRO B 658 0.41 28.43 9.58
C PRO B 658 1.00 27.43 10.54
N LEU B 659 0.21 26.72 11.35
CA LEU B 659 0.75 25.60 12.09
C LEU B 659 0.45 24.27 11.42
N ALA B 660 -0.79 24.09 10.94
CA ALA B 660 -1.22 22.82 10.39
C ALA B 660 -0.33 22.38 9.23
N ILE B 661 -0.22 23.20 8.19
CA ILE B 661 0.49 22.75 7.01
C ILE B 661 2.00 22.80 7.22
N SER B 662 2.48 23.80 7.97
CA SER B 662 3.90 23.81 8.36
C SER B 662 4.27 22.51 9.06
N MET B 663 3.49 22.13 10.07
CA MET B 663 3.82 20.94 10.84
C MET B 663 3.62 19.69 10.01
N GLY B 664 2.60 19.67 9.16
CA GLY B 664 2.37 18.52 8.31
C GLY B 664 3.54 18.27 7.37
N MET B 665 3.96 19.30 6.63
CA MET B 665 5.05 19.11 5.70
C MET B 665 6.37 18.84 6.44
N ALA B 666 6.64 19.57 7.52
CA ALA B 666 7.91 19.38 8.22
C ALA B 666 7.97 18.02 8.90
N SER B 667 6.91 17.64 9.62
CA SER B 667 6.95 16.38 10.38
C SER B 667 6.98 15.18 9.45
N ALA B 668 6.37 15.28 8.27
CA ALA B 668 6.43 14.16 7.33
C ALA B 668 7.86 13.95 6.83
N ALA B 669 8.55 15.04 6.47
CA ALA B 669 9.94 14.94 6.05
C ALA B 669 10.82 14.40 7.18
N ILE B 670 10.57 14.85 8.41
CA ILE B 670 11.41 14.46 9.54
C ILE B 670 11.18 12.99 9.89
N VAL B 671 9.91 12.56 9.98
CA VAL B 671 9.67 11.20 10.44
C VAL B 671 10.19 10.17 9.43
N THR B 672 10.26 10.54 8.14
CA THR B 672 10.77 9.62 7.14
C THR B 672 12.28 9.58 7.11
N GLY B 673 12.96 10.32 7.98
CA GLY B 673 14.41 10.27 8.07
C GLY B 673 15.14 11.38 7.35
N ASN B 674 14.43 12.39 6.84
CA ASN B 674 15.09 13.56 6.27
C ASN B 674 15.32 14.61 7.36
N CYS B 675 16.13 15.61 7.00
CA CYS B 675 16.35 16.79 7.84
C CYS B 675 15.85 18.03 7.13
N VAL B 676 15.33 18.99 7.89
CA VAL B 676 14.46 20.03 7.34
C VAL B 676 15.09 21.40 7.54
N VAL B 677 15.09 22.20 6.48
CA VAL B 677 15.32 23.64 6.56
C VAL B 677 13.99 24.29 6.23
N PHE B 678 13.41 25.01 7.21
CA PHE B 678 12.01 25.42 7.19
C PHE B 678 11.91 26.93 7.07
N LYS B 679 11.24 27.41 6.01
CA LYS B 679 10.97 28.83 5.82
C LYS B 679 9.49 29.08 6.09
N PRO B 680 9.12 29.61 7.25
CA PRO B 680 7.74 30.01 7.44
C PRO B 680 7.44 31.25 6.62
N SER B 681 6.15 31.49 6.41
CA SER B 681 5.73 32.73 5.78
C SER B 681 6.23 33.93 6.58
N GLY B 682 6.62 34.99 5.87
CA GLY B 682 7.01 36.22 6.53
C GLY B 682 5.93 36.86 7.39
N ILE B 683 4.67 36.47 7.26
CA ILE B 683 3.63 37.08 8.10
C ILE B 683 3.08 36.13 9.15
N THR B 684 3.59 34.90 9.23
CA THR B 684 3.21 33.99 10.32
C THR B 684 4.45 33.32 10.89
N SER B 685 5.49 34.11 11.13
CA SER B 685 6.74 33.55 11.61
C SER B 685 6.70 33.22 13.10
N ILE B 686 5.88 33.93 13.88
CA ILE B 686 5.73 33.50 15.27
C ILE B 686 5.07 32.14 15.34
N ILE B 687 4.01 31.91 14.56
CA ILE B 687 3.43 30.56 14.52
C ILE B 687 4.50 29.56 14.07
N GLY B 688 5.35 29.97 13.12
CA GLY B 688 6.43 29.08 12.72
C GLY B 688 7.39 28.76 13.84
N TRP B 689 7.62 29.72 14.74
CA TRP B 689 8.47 29.49 15.91
C TRP B 689 7.86 28.44 16.84
N HIS B 690 6.55 28.24 16.79
CA HIS B 690 5.92 27.17 17.55
C HIS B 690 6.48 25.81 17.15
N LEU B 691 6.89 25.63 15.89
CA LEU B 691 7.52 24.37 15.50
C LEU B 691 8.85 24.19 16.24
N VAL B 692 9.61 25.28 16.40
CA VAL B 692 10.84 25.21 17.19
C VAL B 692 10.52 24.77 18.61
N GLU B 693 9.52 25.42 19.23
CA GLU B 693 9.16 25.09 20.61
C GLU B 693 8.71 23.64 20.74
N LEU B 694 7.87 23.20 19.82
CA LEU B 694 7.32 21.85 19.92
C LEU B 694 8.40 20.79 19.68
N PHE B 695 9.22 20.96 18.65
CA PHE B 695 10.26 19.97 18.41
C PHE B 695 11.34 20.01 19.48
N ARG B 696 11.63 21.19 20.02
CA ARG B 696 12.62 21.22 21.10
C ARG B 696 12.07 20.54 22.35
N GLU B 697 10.79 20.76 22.67
CA GLU B 697 10.20 20.08 23.82
C GLU B 697 10.19 18.57 23.62
N ALA B 698 9.95 18.11 22.39
CA ALA B 698 10.04 16.69 22.09
C ALA B 698 11.45 16.13 22.18
N GLY B 699 12.47 16.99 22.24
CA GLY B 699 13.85 16.55 22.30
C GLY B 699 14.46 16.15 20.96
N LEU B 700 13.93 16.68 19.85
CA LEU B 700 14.43 16.31 18.54
C LEU B 700 15.92 16.65 18.42
N PRO B 701 16.75 15.76 17.87
CA PRO B 701 18.18 16.03 17.81
C PRO B 701 18.50 17.28 16.98
N GLU B 702 19.58 17.95 17.36
CA GLU B 702 19.93 19.21 16.70
C GLU B 702 20.21 19.01 15.21
N GLY B 703 19.80 19.99 14.39
CA GLY B 703 20.03 19.94 12.96
C GLY B 703 18.95 19.21 12.18
N VAL B 704 18.13 18.39 12.83
CA VAL B 704 17.04 17.71 12.14
C VAL B 704 15.97 18.71 11.72
N PHE B 705 15.73 19.74 12.54
CA PHE B 705 14.79 20.80 12.20
C PHE B 705 15.46 22.15 12.37
N ASN B 706 15.46 22.96 11.31
CA ASN B 706 16.08 24.28 11.31
C ASN B 706 15.08 25.32 10.82
N PHE B 707 15.01 26.45 11.53
CA PHE B 707 14.01 27.50 11.34
C PHE B 707 14.72 28.70 10.73
N THR B 708 14.45 28.98 9.46
CA THR B 708 15.11 30.07 8.73
C THR B 708 14.09 30.90 7.95
N PRO B 709 13.27 31.69 8.63
CA PRO B 709 12.55 32.76 7.92
C PRO B 709 13.54 33.63 7.18
N GLY B 710 13.15 34.10 6.00
CA GLY B 710 13.99 34.98 5.23
C GLY B 710 13.19 35.66 4.14
N ARG B 711 13.83 36.65 3.49
CA ARG B 711 13.22 37.32 2.35
C ARG B 711 13.41 36.47 1.10
N GLY B 712 12.31 36.13 0.43
CA GLY B 712 12.43 35.34 -0.79
C GLY B 712 13.32 36.00 -1.82
N SER B 713 13.28 37.33 -1.89
CA SER B 713 14.12 38.04 -2.85
C SER B 713 15.59 37.96 -2.50
N VAL B 714 15.94 37.60 -1.26
CA VAL B 714 17.34 37.40 -0.89
C VAL B 714 17.74 35.93 -1.02
N MET B 715 16.93 35.02 -0.50
CA MET B 715 17.37 33.64 -0.32
C MET B 715 16.39 32.61 -0.88
N GLY B 716 15.34 33.03 -1.59
CA GLY B 716 14.36 32.10 -2.10
C GLY B 716 14.91 31.14 -3.13
N ASP B 717 15.47 31.67 -4.22
CA ASP B 717 16.08 30.80 -5.22
C ASP B 717 17.28 30.07 -4.64
N TYR B 718 18.02 30.71 -3.74
CA TYR B 718 19.19 30.07 -3.14
C TYR B 718 18.81 28.78 -2.44
N LEU B 719 17.70 28.81 -1.69
CA LEU B 719 17.25 27.60 -0.99
C LEU B 719 16.85 26.52 -1.99
N VAL B 720 16.10 26.89 -3.03
CA VAL B 720 15.59 25.92 -4.00
C VAL B 720 16.72 25.38 -4.89
N ASP B 721 17.68 26.24 -5.24
CA ASP B 721 18.76 25.88 -6.16
C ASP B 721 19.86 25.04 -5.52
N HIS B 722 19.96 25.03 -4.19
CA HIS B 722 21.17 24.55 -3.54
C HIS B 722 21.42 23.08 -3.85
N PRO B 723 22.68 22.68 -4.13
CA PRO B 723 22.92 21.28 -4.52
C PRO B 723 22.65 20.28 -3.42
N ASP B 724 22.72 20.67 -2.15
CA ASP B 724 22.48 19.72 -1.07
C ASP B 724 21.01 19.52 -0.72
N ILE B 725 20.09 20.23 -1.40
CA ILE B 725 18.66 20.00 -1.23
C ILE B 725 18.25 18.81 -2.11
N SER B 726 17.54 17.84 -1.50
CA SER B 726 17.03 16.69 -2.25
C SER B 726 15.51 16.68 -2.39
N LEU B 727 14.80 17.47 -1.61
CA LEU B 727 13.35 17.46 -1.65
C LEU B 727 12.88 18.86 -1.31
N ILE B 728 11.80 19.30 -1.97
CA ILE B 728 11.20 20.60 -1.69
C ILE B 728 9.72 20.37 -1.46
N ALA B 729 9.24 20.73 -0.27
CA ALA B 729 7.83 20.65 0.08
C ALA B 729 7.29 22.07 0.13
N PHE B 730 6.33 22.36 -0.74
CA PHE B 730 5.86 23.72 -0.93
C PHE B 730 4.33 23.74 -0.96
N THR B 731 3.75 24.72 -0.27
CA THR B 731 2.32 25.02 -0.42
C THR B 731 2.17 26.52 -0.60
N GLY B 732 1.51 26.93 -1.68
CA GLY B 732 1.38 28.36 -1.98
C GLY B 732 0.84 28.58 -3.37
N SER B 733 1.26 29.70 -3.96
CA SER B 733 0.66 30.13 -5.22
C SER B 733 1.15 29.29 -6.39
N MET B 734 0.33 29.25 -7.45
CA MET B 734 0.74 28.53 -8.66
C MET B 734 1.99 29.11 -9.27
N GLU B 735 2.09 30.46 -9.30
CA GLU B 735 3.24 31.09 -9.92
C GLU B 735 4.54 30.67 -9.24
N THR B 736 4.56 30.69 -7.91
CA THR B 736 5.78 30.31 -7.19
C THR B 736 6.03 28.81 -7.29
N GLY B 737 4.98 28.00 -7.16
CA GLY B 737 5.16 26.56 -7.26
C GLY B 737 5.74 26.14 -8.60
N LEU B 738 5.24 26.72 -9.69
CA LEU B 738 5.75 26.39 -11.01
C LEU B 738 7.17 26.88 -11.20
N ARG B 739 7.52 28.02 -10.58
CA ARG B 739 8.90 28.48 -10.61
C ARG B 739 9.81 27.49 -9.92
N ILE B 740 9.39 27.02 -8.73
CA ILE B 740 10.19 26.05 -7.97
C ILE B 740 10.40 24.79 -8.78
N ILE B 741 9.32 24.29 -9.41
CA ILE B 741 9.40 23.07 -10.21
C ILE B 741 10.43 23.24 -11.33
N GLU B 742 10.38 24.39 -12.00
CA GLU B 742 11.32 24.67 -13.07
C GLU B 742 12.77 24.72 -12.56
N ARG B 743 13.03 25.49 -11.49
CA ARG B 743 14.41 25.65 -11.03
C ARG B 743 14.94 24.37 -10.39
N ALA B 744 14.09 23.60 -9.72
CA ALA B 744 14.55 22.41 -9.02
C ALA B 744 14.91 21.26 -9.94
N ALA B 745 14.46 21.29 -11.20
CA ALA B 745 14.73 20.20 -12.12
C ALA B 745 16.21 20.16 -12.53
N LYS B 746 16.90 21.29 -12.46
CA LYS B 746 18.32 21.33 -12.79
C LYS B 746 19.14 20.56 -11.76
N VAL B 747 20.11 19.79 -12.25
CA VAL B 747 21.09 19.11 -11.41
C VAL B 747 22.39 19.91 -11.47
N HIS B 748 22.77 20.53 -10.36
CA HIS B 748 23.97 21.34 -10.25
C HIS B 748 25.17 20.49 -9.85
N PRO B 749 26.39 20.97 -10.08
CA PRO B 749 27.58 20.22 -9.64
C PRO B 749 27.51 19.85 -8.17
N GLY B 750 27.79 18.60 -7.85
CA GLY B 750 27.76 18.12 -6.48
C GLY B 750 26.39 17.81 -5.94
N GLN B 751 25.34 17.96 -6.73
CA GLN B 751 23.99 17.62 -6.29
C GLN B 751 23.80 16.11 -6.31
N ALA B 752 23.37 15.55 -5.17
CA ALA B 752 23.32 14.09 -5.06
C ALA B 752 22.11 13.49 -5.76
N ASN B 753 20.94 14.15 -5.69
CA ASN B 753 19.70 13.58 -6.17
C ASN B 753 19.03 14.50 -7.19
N VAL B 754 18.18 13.89 -8.01
CA VAL B 754 17.14 14.65 -8.69
C VAL B 754 16.13 15.10 -7.65
N LYS B 755 15.85 16.40 -7.61
CA LYS B 755 15.04 16.94 -6.54
C LYS B 755 13.58 16.52 -6.65
N LYS B 756 13.03 16.05 -5.54
CA LYS B 756 11.65 15.60 -5.46
C LYS B 756 10.76 16.76 -5.05
N ILE B 757 9.67 16.98 -5.81
CA ILE B 757 8.77 18.10 -5.60
C ILE B 757 7.51 17.58 -4.93
N ILE B 758 7.15 18.17 -3.80
CA ILE B 758 5.87 17.94 -3.16
C ILE B 758 5.21 19.30 -3.08
N SER B 759 4.20 19.52 -3.91
CA SER B 759 3.74 20.87 -4.22
C SER B 759 2.21 20.88 -4.23
N GLU B 760 1.65 21.90 -3.58
CA GLU B 760 0.22 22.16 -3.58
C GLU B 760 0.05 23.63 -3.93
N MET B 761 -0.73 23.92 -4.96
CA MET B 761 -0.70 25.24 -5.59
C MET B 761 -2.10 25.86 -5.75
N GLY B 762 -3.02 25.59 -4.86
CA GLY B 762 -4.27 26.34 -4.89
C GLY B 762 -5.26 25.94 -5.99
N GLY B 763 -6.32 26.72 -6.09
CA GLY B 763 -7.44 26.29 -6.91
C GLY B 763 -8.39 27.43 -7.19
N LYS B 764 -9.44 27.10 -7.98
CA LYS B 764 -10.53 28.03 -8.33
C LYS B 764 -11.79 27.18 -8.20
N ASN B 765 -12.20 26.95 -6.96
CA ASN B 765 -13.08 25.84 -6.64
C ASN B 765 -14.54 26.22 -6.79
N ALA B 766 -15.31 25.35 -7.42
CA ALA B 766 -16.73 25.58 -7.65
C ALA B 766 -17.58 24.65 -6.79
N ILE B 767 -18.73 25.17 -6.36
CA ILE B 767 -19.82 24.36 -5.81
C ILE B 767 -20.99 24.47 -6.76
N ILE B 768 -21.53 23.32 -7.21
CA ILE B 768 -22.69 23.28 -8.10
C ILE B 768 -23.96 23.19 -7.26
N ILE B 769 -24.95 24.03 -7.59
CA ILE B 769 -26.27 24.00 -6.93
C ILE B 769 -27.26 23.48 -7.97
N ASP B 770 -27.63 22.21 -7.87
CA ASP B 770 -28.54 21.55 -8.81
C ASP B 770 -29.99 21.99 -8.55
N ASP B 771 -30.86 21.74 -9.55
CA ASP B 771 -32.28 22.11 -9.41
C ASP B 771 -32.90 21.56 -8.13
N ASP B 772 -32.57 20.33 -7.77
CA ASP B 772 -33.18 19.67 -6.62
C ASP B 772 -32.39 19.84 -5.32
N ALA B 773 -31.44 20.78 -5.28
CA ALA B 773 -30.64 20.99 -4.08
C ALA B 773 -31.53 21.38 -2.90
N ASP B 774 -31.17 20.90 -1.71
CA ASP B 774 -31.76 21.38 -0.47
C ASP B 774 -31.12 22.72 -0.14
N LEU B 775 -31.83 23.81 -0.39
CA LEU B 775 -31.23 25.13 -0.21
C LEU B 775 -31.03 25.48 1.26
N ASP B 776 -31.84 24.89 2.16
CA ASP B 776 -31.59 25.10 3.59
C ASP B 776 -30.18 24.66 3.98
N GLU B 777 -29.65 23.63 3.32
CA GLU B 777 -28.27 23.17 3.52
C GLU B 777 -27.29 23.90 2.62
N ALA B 778 -27.64 24.08 1.35
CA ALA B 778 -26.70 24.60 0.38
C ALA B 778 -26.25 26.02 0.73
N VAL B 779 -27.19 26.89 1.11
CA VAL B 779 -26.88 28.30 1.33
C VAL B 779 -25.87 28.50 2.46
N PRO B 780 -26.09 28.00 3.69
CA PRO B 780 -25.05 28.20 4.71
C PRO B 780 -23.74 27.47 4.41
N HIS B 781 -23.77 26.33 3.72
CA HIS B 781 -22.51 25.65 3.37
C HIS B 781 -21.72 26.45 2.32
N VAL B 782 -22.40 27.04 1.35
CA VAL B 782 -21.73 27.88 0.37
C VAL B 782 -21.15 29.13 1.04
N LEU B 783 -21.93 29.78 1.91
CA LEU B 783 -21.43 30.95 2.61
C LEU B 783 -20.15 30.64 3.38
N TYR B 784 -20.17 29.53 4.13
CA TYR B 784 -18.99 29.16 4.91
C TYR B 784 -17.83 28.77 4.01
N SER B 785 -18.12 28.07 2.91
CA SER B 785 -17.08 27.67 1.98
C SER B 785 -16.42 28.89 1.33
N ALA B 786 -17.21 29.94 1.06
CA ALA B 786 -16.68 31.11 0.39
C ALA B 786 -16.02 32.08 1.36
N PHE B 787 -16.56 32.24 2.57
CA PHE B 787 -16.14 33.32 3.44
C PHE B 787 -15.55 32.89 4.78
N GLY B 788 -15.53 31.60 5.10
CA GLY B 788 -14.80 31.15 6.28
C GLY B 788 -13.35 31.56 6.20
N PHE B 789 -12.79 32.12 7.30
CA PHE B 789 -11.43 32.67 7.29
C PHE B 789 -11.26 33.63 6.12
N GLN B 790 -12.30 34.43 5.87
CA GLN B 790 -12.41 35.42 4.81
C GLN B 790 -11.89 34.90 3.47
N GLY B 791 -12.17 33.63 3.17
CA GLY B 791 -11.88 33.05 1.87
C GLY B 791 -10.43 32.71 1.61
N GLN B 792 -9.58 32.72 2.62
CA GLN B 792 -8.15 32.54 2.42
C GLN B 792 -7.75 31.07 2.57
N LYS B 793 -8.35 30.24 1.72
CA LYS B 793 -8.08 28.81 1.73
C LYS B 793 -7.93 28.35 0.29
N CYS B 794 -6.94 27.49 0.04
CA CYS B 794 -6.81 26.92 -1.29
CA CYS B 794 -6.81 26.91 -1.30
C CYS B 794 -8.04 26.13 -1.69
N SER B 795 -8.80 25.63 -0.71
CA SER B 795 -10.01 24.86 -0.91
C SER B 795 -11.28 25.72 -1.00
N ALA B 796 -11.17 27.04 -0.83
CA ALA B 796 -12.36 27.87 -0.67
C ALA B 796 -13.24 27.86 -1.92
N CYS B 797 -14.54 27.93 -1.72
CA CYS B 797 -15.46 28.10 -2.84
C CYS B 797 -15.37 29.53 -3.34
N SER B 798 -14.88 29.72 -4.56
CA SER B 798 -14.85 31.04 -5.18
C SER B 798 -15.81 31.15 -6.36
N ARG B 799 -16.41 30.04 -6.77
CA ARG B 799 -17.39 30.00 -7.86
C ARG B 799 -18.55 29.17 -7.36
N VAL B 800 -19.75 29.72 -7.37
CA VAL B 800 -20.93 28.91 -7.11
C VAL B 800 -21.74 28.89 -8.40
N ILE B 801 -21.91 27.69 -8.95
CA ILE B 801 -22.51 27.48 -10.26
C ILE B 801 -23.93 26.98 -10.01
N VAL B 802 -24.92 27.79 -10.38
CA VAL B 802 -26.28 27.59 -9.94
C VAL B 802 -27.15 27.30 -11.16
N LEU B 803 -27.94 26.22 -11.08
CA LEU B 803 -28.83 25.86 -12.18
C LEU B 803 -29.88 26.94 -12.37
N ASP B 804 -30.16 27.24 -13.64
CA ASP B 804 -31.06 28.29 -14.10
C ASP B 804 -32.31 28.44 -13.25
N ALA B 805 -33.07 27.36 -13.09
CA ALA B 805 -34.42 27.45 -12.53
C ALA B 805 -34.43 27.66 -11.02
N VAL B 806 -33.29 27.55 -10.35
CA VAL B 806 -33.22 27.82 -8.92
C VAL B 806 -32.32 29.03 -8.62
N TYR B 807 -31.83 29.70 -9.67
CA TYR B 807 -30.88 30.80 -9.49
C TYR B 807 -31.47 31.93 -8.65
N ASP B 808 -32.63 32.47 -9.06
CA ASP B 808 -33.15 33.64 -8.38
C ASP B 808 -33.43 33.34 -6.91
N LYS B 809 -33.95 32.16 -6.60
CA LYS B 809 -34.26 31.83 -5.22
C LYS B 809 -33.00 31.60 -4.41
N PHE B 810 -32.01 30.91 -4.99
CA PHE B 810 -30.77 30.65 -4.27
C PHE B 810 -30.04 31.95 -3.93
N ILE B 811 -29.92 32.86 -4.90
CA ILE B 811 -29.12 34.05 -4.62
C ILE B 811 -29.86 34.98 -3.66
N GLU B 812 -31.19 35.02 -3.68
CA GLU B 812 -31.92 35.81 -2.70
CA GLU B 812 -31.93 35.80 -2.69
C GLU B 812 -31.63 35.32 -1.28
N ARG B 813 -31.65 34.00 -1.07
CA ARG B 813 -31.40 33.48 0.27
C ARG B 813 -29.92 33.63 0.67
N LEU B 814 -28.99 33.41 -0.27
CA LEU B 814 -27.57 33.56 0.05
C LEU B 814 -27.23 35.00 0.40
N VAL B 815 -27.67 35.95 -0.43
CA VAL B 815 -27.40 37.35 -0.16
C VAL B 815 -28.06 37.78 1.15
N SER B 816 -29.29 37.33 1.40
CA SER B 816 -29.98 37.70 2.64
C SER B 816 -29.27 37.11 3.85
N MET B 817 -28.74 35.89 3.75
CA MET B 817 -27.94 35.38 4.86
C MET B 817 -26.65 36.17 5.02
N ALA B 818 -25.96 36.43 3.91
CA ALA B 818 -24.73 37.21 3.99
C ALA B 818 -24.95 38.54 4.68
N LYS B 819 -26.09 39.19 4.42
CA LYS B 819 -26.40 40.49 5.00
C LYS B 819 -26.51 40.44 6.52
N ALA B 820 -26.84 39.28 7.08
CA ALA B 820 -26.94 39.12 8.53
C ALA B 820 -25.57 39.02 9.21
N THR B 821 -24.52 38.66 8.47
CA THR B 821 -23.21 38.43 9.05
C THR B 821 -22.46 39.75 9.22
N LYS B 822 -21.53 39.78 10.18
CA LYS B 822 -20.75 40.97 10.47
C LYS B 822 -19.27 40.72 10.19
N VAL B 823 -18.61 41.74 9.64
CA VAL B 823 -17.18 41.71 9.35
C VAL B 823 -16.47 42.51 10.44
N GLY B 824 -15.46 41.91 11.06
CA GLY B 824 -14.72 42.58 12.10
C GLY B 824 -13.64 41.71 12.72
N PRO B 825 -12.89 42.27 13.67
CA PRO B 825 -11.79 41.52 14.31
C PRO B 825 -12.16 40.09 14.70
N SER B 826 -11.24 39.17 14.39
CA SER B 826 -11.47 37.76 14.67
C SER B 826 -11.39 37.44 16.16
N GLU B 827 -10.80 38.32 16.98
CA GLU B 827 -10.81 38.01 18.40
C GLU B 827 -12.20 38.19 19.00
N ASP B 828 -13.10 38.89 18.30
CA ASP B 828 -14.49 39.02 18.73
C ASP B 828 -15.29 37.92 18.06
N PRO B 829 -15.82 36.95 18.82
CA PRO B 829 -16.46 35.80 18.16
C PRO B 829 -17.77 36.15 17.47
N ALA B 830 -18.31 37.36 17.67
CA ALA B 830 -19.54 37.76 17.00
C ALA B 830 -19.34 37.94 15.50
N ASN B 831 -18.11 38.20 15.06
CA ASN B 831 -17.86 38.47 13.65
C ASN B 831 -17.73 37.17 12.88
N TYR B 832 -18.29 37.16 11.67
CA TYR B 832 -18.24 35.98 10.81
C TYR B 832 -16.87 35.82 10.17
N MET B 833 -16.31 36.91 9.67
CA MET B 833 -14.98 36.97 9.10
C MET B 833 -14.41 38.34 9.41
N GLY B 834 -13.11 38.50 9.16
CA GLY B 834 -12.46 39.76 9.45
C GLY B 834 -11.42 40.15 8.41
N ALA B 835 -10.38 40.85 8.85
CA ALA B 835 -9.38 41.36 7.93
C ALA B 835 -8.61 40.22 7.27
N VAL B 836 -8.17 40.49 6.04
CA VAL B 836 -7.31 39.57 5.28
C VAL B 836 -5.87 39.75 5.75
N ALA B 837 -4.95 38.99 5.16
CA ALA B 837 -3.69 38.66 5.82
C ALA B 837 -2.78 39.87 5.99
N ASP B 838 -2.70 40.76 5.00
CA ASP B 838 -1.83 41.92 5.13
C ASP B 838 -2.25 42.99 4.13
N ASP B 839 -1.50 44.09 4.12
CA ASP B 839 -1.87 45.21 3.26
C ASP B 839 -1.82 44.82 1.80
N LYS B 840 -0.82 44.03 1.41
CA LYS B 840 -0.69 43.59 0.03
C LYS B 840 -1.89 42.75 -0.39
N ALA B 841 -2.36 41.85 0.48
CA ALA B 841 -3.54 41.04 0.16
C ALA B 841 -4.78 41.92 0.05
N MET B 842 -4.95 42.87 0.96
CA MET B 842 -6.13 43.73 0.92
C MET B 842 -6.22 44.47 -0.41
N LYS B 843 -5.10 45.05 -0.86
CA LYS B 843 -5.12 45.81 -2.10
C LYS B 843 -5.35 44.90 -3.30
N SER B 844 -4.72 43.72 -3.32
CA SER B 844 -4.91 42.77 -4.40
C SER B 844 -6.36 42.31 -4.49
N ILE B 845 -6.96 41.95 -3.36
CA ILE B 845 -8.33 41.46 -3.38
C ILE B 845 -9.30 42.56 -3.78
N LYS B 846 -9.12 43.77 -3.22
CA LYS B 846 -9.99 44.87 -3.59
C LYS B 846 -9.93 45.15 -5.09
N GLU B 847 -8.74 45.05 -5.68
CA GLU B 847 -8.62 45.22 -7.12
C GLU B 847 -9.35 44.13 -7.88
N TYR B 848 -9.27 42.89 -7.41
CA TYR B 848 -10.04 41.81 -8.03
C TYR B 848 -11.53 42.05 -7.91
N ALA B 849 -11.98 42.57 -6.76
CA ALA B 849 -13.40 42.87 -6.61
C ALA B 849 -13.85 43.91 -7.63
N GLU B 850 -13.02 44.92 -7.88
CA GLU B 850 -13.37 45.92 -8.89
C GLU B 850 -13.39 45.31 -10.29
N ILE B 851 -12.42 44.46 -10.61
CA ILE B 851 -12.43 43.76 -11.89
C ILE B 851 -13.72 42.95 -12.04
N GLY B 852 -14.08 42.19 -11.00
CA GLY B 852 -15.28 41.38 -11.07
C GLY B 852 -16.55 42.21 -11.17
N LYS B 853 -16.57 43.38 -10.53
CA LYS B 853 -17.75 44.23 -10.63
C LYS B 853 -17.92 44.80 -12.04
N ARG B 854 -16.86 44.88 -12.83
CA ARG B 854 -16.99 45.26 -14.22
C ARG B 854 -17.30 44.07 -15.13
N GLU B 855 -17.04 42.85 -14.68
CA GLU B 855 -17.35 41.68 -15.48
C GLU B 855 -18.79 41.23 -15.28
N GLY B 856 -19.22 41.14 -14.03
CA GLY B 856 -20.60 40.77 -13.72
C GLY B 856 -21.35 41.89 -13.05
N HIS B 857 -22.18 41.58 -12.06
CA HIS B 857 -22.91 42.63 -11.37
C HIS B 857 -22.91 42.35 -9.88
N VAL B 858 -22.59 43.39 -9.10
CA VAL B 858 -22.50 43.25 -7.66
C VAL B 858 -23.85 42.85 -7.09
N LEU B 859 -23.85 41.82 -6.25
CA LEU B 859 -25.04 41.40 -5.52
C LEU B 859 -24.99 41.77 -4.05
N TYR B 860 -23.80 41.80 -3.47
CA TYR B 860 -23.64 42.11 -2.05
C TYR B 860 -22.23 42.59 -1.81
N GLU B 861 -22.11 43.66 -1.03
CA GLU B 861 -20.82 44.18 -0.60
C GLU B 861 -21.02 44.65 0.83
N SER B 862 -20.42 43.94 1.80
CA SER B 862 -20.75 44.18 3.20
C SER B 862 -20.16 45.51 3.67
N PRO B 863 -20.71 46.08 4.75
CA PRO B 863 -19.96 47.08 5.50
C PRO B 863 -18.71 46.46 6.09
N VAL B 864 -17.73 47.30 6.42
CA VAL B 864 -16.56 46.90 7.20
C VAL B 864 -16.33 47.94 8.29
N PRO B 865 -15.58 47.61 9.34
CA PRO B 865 -15.34 48.60 10.38
C PRO B 865 -14.55 49.79 9.85
N ALA B 866 -14.82 50.95 10.45
CA ALA B 866 -14.01 52.13 10.19
C ALA B 866 -12.65 51.99 10.88
N GLY B 867 -11.69 52.75 10.39
CA GLY B 867 -10.38 52.78 11.03
C GLY B 867 -9.46 51.69 10.55
N GLU B 868 -8.46 51.37 11.38
CA GLU B 868 -7.38 50.51 10.92
C GLU B 868 -7.82 49.05 10.83
N GLY B 869 -7.11 48.30 10.00
CA GLY B 869 -7.40 46.91 9.75
C GLY B 869 -7.46 46.60 8.26
N TYR B 870 -7.00 45.42 7.85
CA TYR B 870 -6.94 45.10 6.41
C TYR B 870 -8.27 44.48 5.96
N PHE B 871 -9.33 45.28 6.06
CA PHE B 871 -10.67 44.76 5.81
C PHE B 871 -11.01 44.81 4.33
N VAL B 872 -11.56 43.71 3.84
CA VAL B 872 -12.17 43.63 2.52
C VAL B 872 -13.64 43.27 2.72
N PRO B 873 -14.58 43.95 2.07
CA PRO B 873 -15.98 43.59 2.24
C PRO B 873 -16.23 42.15 1.82
N MET B 874 -17.08 41.45 2.58
CA MET B 874 -17.69 40.23 2.08
C MET B 874 -18.43 40.56 0.79
N THR B 875 -18.00 39.96 -0.33
CA THR B 875 -18.42 40.40 -1.66
C THR B 875 -18.98 39.25 -2.48
N ILE B 876 -20.17 39.45 -3.07
CA ILE B 876 -20.80 38.47 -3.94
C ILE B 876 -21.13 39.15 -5.26
N ILE B 877 -20.69 38.55 -6.37
CA ILE B 877 -20.85 39.11 -7.71
C ILE B 877 -21.54 38.08 -8.59
N GLY B 878 -22.63 38.49 -9.23
CA GLY B 878 -23.39 37.61 -10.10
C GLY B 878 -23.12 37.87 -11.58
N GLY B 879 -23.71 37.01 -12.41
CA GLY B 879 -23.56 37.12 -13.85
C GLY B 879 -22.21 36.72 -14.38
N ILE B 880 -21.45 35.93 -13.65
CA ILE B 880 -20.08 35.60 -14.03
C ILE B 880 -20.10 34.41 -14.97
N LYS B 881 -19.25 34.46 -15.98
CA LYS B 881 -19.14 33.44 -17.00
C LYS B 881 -17.72 32.89 -17.03
N PRO B 882 -17.51 31.70 -17.63
CA PRO B 882 -16.16 31.10 -17.59
C PRO B 882 -15.09 31.96 -18.24
N GLU B 883 -15.47 32.83 -19.19
CA GLU B 883 -14.51 33.69 -19.86
C GLU B 883 -14.00 34.83 -18.98
N HIS B 884 -14.60 35.06 -17.80
CA HIS B 884 -14.26 36.21 -16.99
C HIS B 884 -13.05 35.92 -16.11
N ARG B 885 -12.28 36.99 -15.82
CA ARG B 885 -11.08 36.83 -15.01
C ARG B 885 -11.41 36.28 -13.62
N ILE B 886 -12.48 36.77 -12.99
CA ILE B 886 -12.76 36.25 -11.64
C ILE B 886 -13.43 34.89 -11.68
N ALA B 887 -13.63 34.30 -12.85
CA ALA B 887 -14.02 32.90 -12.93
C ALA B 887 -12.83 31.97 -13.14
N GLN B 888 -11.61 32.51 -13.24
CA GLN B 888 -10.41 31.77 -13.60
C GLN B 888 -9.25 31.96 -12.65
N GLU B 889 -9.08 33.15 -12.09
CA GLU B 889 -7.89 33.52 -11.34
C GLU B 889 -8.17 33.41 -9.84
N GLU B 890 -7.24 32.81 -9.10
CA GLU B 890 -7.45 32.62 -7.67
C GLU B 890 -7.26 33.94 -6.95
N ILE B 891 -8.30 34.40 -6.25
CA ILE B 891 -8.28 35.68 -5.55
C ILE B 891 -7.82 35.54 -4.11
N PHE B 892 -8.17 34.44 -3.45
CA PHE B 892 -7.74 34.14 -2.09
C PHE B 892 -8.27 35.17 -1.10
N GLY B 893 -9.54 35.53 -1.26
CA GLY B 893 -10.17 36.54 -0.43
C GLY B 893 -11.68 36.41 -0.51
N PRO B 894 -12.40 37.29 0.18
CA PRO B 894 -13.86 37.14 0.31
C PRO B 894 -14.62 37.69 -0.90
N VAL B 895 -14.37 37.09 -2.07
CA VAL B 895 -15.02 37.49 -3.33
C VAL B 895 -15.59 36.24 -3.99
N LEU B 896 -16.91 36.14 -4.04
CA LEU B 896 -17.61 34.96 -4.52
C LEU B 896 -18.25 35.28 -5.87
N ALA B 897 -17.91 34.50 -6.89
CA ALA B 897 -18.55 34.60 -8.20
C ALA B 897 -19.72 33.64 -8.29
N VAL B 898 -20.90 34.15 -8.68
CA VAL B 898 -22.09 33.35 -8.91
C VAL B 898 -22.28 33.21 -10.42
N MET B 899 -22.39 31.97 -10.90
CA MET B 899 -22.50 31.66 -12.32
C MET B 899 -23.80 30.91 -12.58
N ARG B 900 -24.52 31.34 -13.62
CA ARG B 900 -25.86 30.82 -13.94
C ARG B 900 -25.77 29.85 -15.11
N ALA B 901 -25.87 28.55 -14.82
CA ALA B 901 -25.76 27.50 -15.83
C ALA B 901 -27.13 27.16 -16.38
N LYS B 902 -27.21 26.96 -17.70
CA LYS B 902 -28.51 26.72 -18.34
C LYS B 902 -29.02 25.31 -18.12
N ASP B 903 -28.13 24.33 -17.87
CA ASP B 903 -28.53 22.95 -17.58
C ASP B 903 -27.37 22.26 -16.86
N PHE B 904 -27.61 21.01 -16.45
CA PHE B 904 -26.61 20.36 -15.61
C PHE B 904 -25.34 20.04 -16.40
N ASP B 905 -25.47 19.69 -17.68
CA ASP B 905 -24.27 19.49 -18.49
C ASP B 905 -23.41 20.74 -18.52
N GLN B 906 -24.02 21.92 -18.67
CA GLN B 906 -23.24 23.14 -18.70
C GLN B 906 -22.63 23.43 -17.34
N ALA B 907 -23.34 23.07 -16.26
CA ALA B 907 -22.79 23.26 -14.93
C ALA B 907 -21.50 22.46 -14.75
N ILE B 908 -21.50 21.22 -15.23
CA ILE B 908 -20.30 20.38 -15.15
C ILE B 908 -19.21 20.96 -16.02
N GLU B 909 -19.54 21.33 -17.26
CA GLU B 909 -18.56 21.91 -18.16
C GLU B 909 -17.96 23.19 -17.57
N TRP B 910 -18.79 24.04 -16.95
CA TRP B 910 -18.27 25.25 -16.33
C TRP B 910 -17.42 24.93 -15.10
N ALA B 911 -17.81 23.93 -14.31
CA ALA B 911 -16.98 23.55 -13.16
C ALA B 911 -15.58 23.13 -13.60
N ASN B 912 -15.48 22.50 -14.77
CA ASN B 912 -14.23 22.00 -15.31
C ASN B 912 -13.52 23.00 -16.22
N SER B 913 -13.91 24.27 -16.21
CA SER B 913 -13.42 25.22 -17.21
C SER B 913 -12.18 26.00 -16.77
N THR B 914 -11.60 25.71 -15.60
CA THR B 914 -10.41 26.42 -15.14
C THR B 914 -9.17 25.53 -15.33
N GLN B 915 -8.01 26.07 -15.02
CA GLN B 915 -6.79 25.27 -15.09
C GLN B 915 -6.52 24.52 -13.80
N PHE B 916 -7.38 24.64 -12.79
CA PHE B 916 -7.17 24.03 -11.48
C PHE B 916 -8.10 22.84 -11.29
N ALA B 917 -7.81 22.05 -10.26
CA ALA B 917 -8.64 20.90 -9.95
C ALA B 917 -8.44 20.46 -8.51
N LEU B 918 -8.64 21.39 -7.56
CA LEU B 918 -8.29 21.10 -6.17
C LEU B 918 -9.51 20.57 -5.41
N THR B 919 -10.47 21.44 -5.10
CA THR B 919 -11.70 20.96 -4.47
C THR B 919 -12.91 21.35 -5.31
N GLY B 920 -14.04 20.77 -4.93
CA GLY B 920 -15.32 21.10 -5.54
C GLY B 920 -16.44 20.57 -4.68
N GLY B 921 -17.63 21.11 -4.92
CA GLY B 921 -18.81 20.66 -4.22
C GLY B 921 -19.97 20.55 -5.18
N ILE B 922 -20.96 19.76 -4.77
CA ILE B 922 -22.23 19.69 -5.49
C ILE B 922 -23.34 19.46 -4.47
N PHE B 923 -24.41 20.25 -4.56
CA PHE B 923 -25.64 20.02 -3.83
C PHE B 923 -26.65 19.53 -4.84
N SER B 924 -27.07 18.28 -4.67
CA SER B 924 -27.95 17.60 -5.61
C SER B 924 -28.49 16.37 -4.92
N ARG B 925 -29.74 16.02 -5.25
CA ARG B 925 -30.32 14.81 -4.71
C ARG B 925 -30.78 13.92 -5.85
N SER B 926 -30.05 13.98 -6.96
CA SER B 926 -30.30 13.18 -8.14
C SER B 926 -29.21 12.12 -8.27
N PRO B 927 -29.54 10.82 -8.20
CA PRO B 927 -28.50 9.80 -8.38
C PRO B 927 -27.75 9.93 -9.70
N GLU B 928 -28.44 10.28 -10.79
CA GLU B 928 -27.77 10.41 -12.09
C GLU B 928 -26.77 11.56 -12.09
N HIS B 929 -27.19 12.71 -11.54
CA HIS B 929 -26.31 13.89 -11.54
C HIS B 929 -25.14 13.70 -10.60
N LEU B 930 -25.38 13.06 -9.45
CA LEU B 930 -24.26 12.79 -8.54
C LEU B 930 -23.26 11.83 -9.16
N ALA B 931 -23.76 10.81 -9.87
CA ALA B 931 -22.86 9.87 -10.55
C ALA B 931 -22.07 10.58 -11.63
N LYS B 932 -22.72 11.45 -12.40
CA LYS B 932 -22.00 12.22 -13.40
C LYS B 932 -20.93 13.10 -12.77
N ALA B 933 -21.26 13.75 -11.64
CA ALA B 933 -20.26 14.55 -10.93
C ALA B 933 -19.11 13.68 -10.41
N ARG B 934 -19.43 12.54 -9.79
CA ARG B 934 -18.36 11.68 -9.27
C ARG B 934 -17.36 11.33 -10.37
N ARG B 935 -17.85 11.07 -11.58
CA ARG B 935 -16.99 10.65 -12.68
C ARG B 935 -16.28 11.83 -13.35
N GLU B 936 -16.99 12.92 -13.63
CA GLU B 936 -16.47 13.95 -14.52
C GLU B 936 -15.98 15.22 -13.82
N PHE B 937 -16.46 15.51 -12.61
CA PHE B 937 -16.04 16.70 -11.85
C PHE B 937 -14.75 16.32 -11.14
N ARG B 938 -13.65 16.31 -11.91
CA ARG B 938 -12.42 15.61 -11.53
C ARG B 938 -11.46 16.48 -10.71
N VAL B 939 -11.95 16.98 -9.59
CA VAL B 939 -11.11 17.67 -8.61
C VAL B 939 -10.48 16.64 -7.68
N GLY B 940 -9.43 17.06 -6.98
CA GLY B 940 -8.78 16.16 -6.04
C GLY B 940 -9.65 15.77 -4.86
N ASN B 941 -10.53 16.67 -4.43
CA ASN B 941 -11.44 16.42 -3.32
C ASN B 941 -12.81 16.94 -3.71
N LEU B 942 -13.73 16.03 -4.02
CA LEU B 942 -15.10 16.37 -4.38
C LEU B 942 -15.99 16.12 -3.17
N TYR B 943 -16.82 17.09 -2.81
CA TYR B 943 -17.70 16.98 -1.66
C TYR B 943 -19.15 17.01 -2.13
N ILE B 944 -19.95 16.08 -1.63
CA ILE B 944 -21.35 15.95 -2.02
C ILE B 944 -22.21 16.39 -0.84
N ASN B 945 -23.05 17.42 -1.06
CA ASN B 945 -24.04 17.87 -0.08
C ASN B 945 -23.43 18.34 1.23
N ARG B 946 -22.34 19.09 1.15
CA ARG B 946 -21.70 19.73 2.28
C ARG B 946 -20.67 20.72 1.75
N ASN B 947 -20.08 21.52 2.64
CA ASN B 947 -19.06 22.48 2.25
C ASN B 947 -17.85 21.77 1.63
N ASN B 948 -17.09 22.50 0.81
CA ASN B 948 -15.93 21.91 0.16
C ASN B 948 -14.63 22.27 0.85
N THR B 949 -14.69 22.74 2.09
CA THR B 949 -13.51 23.08 2.87
C THR B 949 -13.44 22.17 4.11
N GLY B 950 -12.35 22.26 4.84
CA GLY B 950 -12.30 21.57 6.12
C GLY B 950 -11.94 20.10 6.05
N ALA B 951 -11.06 19.73 5.14
CA ALA B 951 -10.60 18.35 5.05
C ALA B 951 -9.90 17.92 6.34
N LEU B 952 -10.19 16.70 6.78
CA LEU B 952 -9.58 16.12 7.97
C LEU B 952 -8.57 15.05 7.58
N VAL B 953 -7.53 14.91 8.40
CA VAL B 953 -6.53 13.87 8.15
C VAL B 953 -7.18 12.50 8.14
N GLU B 954 -6.74 11.65 7.19
CA GLU B 954 -7.23 10.30 6.90
C GLU B 954 -8.62 10.25 6.27
N ARG B 955 -9.59 10.99 6.82
CA ARG B 955 -10.93 11.02 6.21
C ARG B 955 -10.90 11.66 4.83
N GLN B 956 -10.22 12.81 4.69
CA GLN B 956 -10.12 13.49 3.40
C GLN B 956 -8.68 13.86 3.08
N PRO B 957 -7.86 12.89 2.65
CA PRO B 957 -6.51 13.24 2.16
C PRO B 957 -6.61 14.27 1.04
N PHE B 958 -5.78 15.30 1.12
CA PHE B 958 -6.04 16.56 0.44
C PHE B 958 -4.98 16.84 -0.61
N GLY B 959 -5.41 17.23 -1.80
CA GLY B 959 -4.49 17.64 -2.84
C GLY B 959 -4.96 17.19 -4.20
N GLY B 960 -4.52 17.91 -5.23
CA GLY B 960 -4.98 17.61 -6.57
C GLY B 960 -3.88 17.64 -7.61
N ALA B 961 -4.28 17.51 -8.87
CA ALA B 961 -3.36 17.64 -9.98
C ALA B 961 -3.71 18.87 -10.84
N ARG B 962 -3.59 18.77 -12.16
CA ARG B 962 -3.68 19.91 -13.06
C ARG B 962 -2.75 21.02 -12.56
N MET B 963 -3.21 22.27 -12.49
CA MET B 963 -2.35 23.31 -11.95
C MET B 963 -2.50 23.49 -10.43
N SER B 964 -3.20 22.58 -9.75
CA SER B 964 -3.35 22.64 -8.31
C SER B 964 -2.28 21.86 -7.54
N GLY B 965 -1.46 21.07 -8.21
CA GLY B 965 -0.44 20.31 -7.52
C GLY B 965 0.13 19.23 -8.41
N VAL B 966 0.91 18.33 -7.78
CA VAL B 966 1.55 17.23 -8.50
C VAL B 966 1.02 15.88 -8.03
N GLY B 967 -0.18 15.85 -7.47
CA GLY B 967 -0.81 14.59 -7.12
C GLY B 967 -0.33 14.01 -5.82
N THR B 968 0.15 14.84 -4.90
CA THR B 968 0.49 14.41 -3.56
C THR B 968 -0.63 14.81 -2.63
N LYS B 969 -1.02 13.90 -1.74
CA LYS B 969 -2.18 14.09 -0.88
C LYS B 969 -1.76 13.99 0.58
N ALA B 970 -1.50 15.15 1.18
CA ALA B 970 -1.27 15.22 2.62
C ALA B 970 -2.43 14.62 3.40
N GLY B 971 -2.11 14.03 4.54
CA GLY B 971 -3.10 13.42 5.38
C GLY B 971 -3.60 12.07 4.92
N GLY B 972 -2.92 11.43 3.95
CA GLY B 972 -3.36 10.16 3.42
C GLY B 972 -2.26 9.12 3.37
N PRO B 973 -2.63 7.88 3.01
CA PRO B 973 -1.70 6.75 3.11
C PRO B 973 -0.70 6.65 1.96
N ASP B 974 -0.71 7.55 0.99
CA ASP B 974 0.32 7.60 -0.05
C ASP B 974 1.36 8.70 0.19
N TYR B 975 1.23 9.49 1.25
CA TYR B 975 1.98 10.73 1.36
C TYR B 975 3.44 10.50 1.75
N LEU B 976 3.69 9.68 2.77
CA LEU B 976 5.07 9.56 3.27
C LEU B 976 5.99 8.96 2.22
N LEU B 977 5.48 8.11 1.32
CA LEU B 977 6.33 7.53 0.29
C LEU B 977 6.98 8.60 -0.58
N HIS B 978 6.34 9.77 -0.73
CA HIS B 978 6.93 10.85 -1.53
C HIS B 978 8.20 11.43 -0.91
N PHE B 979 8.43 11.21 0.38
CA PHE B 979 9.63 11.73 1.04
C PHE B 979 10.76 10.70 1.08
N MET B 980 10.60 9.57 0.41
CA MET B 980 11.55 8.48 0.52
C MET B 980 11.78 7.90 -0.87
N ASP B 981 12.71 6.96 -0.95
CA ASP B 981 12.90 6.16 -2.14
C ASP B 981 12.97 4.70 -1.72
N PRO B 982 12.40 3.79 -2.50
CA PRO B 982 12.41 2.38 -2.14
C PRO B 982 13.77 1.75 -2.41
N ARG B 983 14.01 0.65 -1.71
CA ARG B 983 15.26 -0.07 -1.81
C ARG B 983 14.96 -1.54 -1.58
N VAL B 984 15.71 -2.41 -2.26
CA VAL B 984 15.55 -3.85 -2.13
C VAL B 984 16.92 -4.46 -1.83
N VAL B 985 16.97 -5.34 -0.83
CA VAL B 985 18.13 -6.21 -0.58
C VAL B 985 17.73 -7.63 -0.91
N THR B 986 18.51 -8.28 -1.77
CA THR B 986 18.29 -9.65 -2.20
C THR B 986 19.46 -10.50 -1.74
N GLU B 987 19.17 -11.58 -1.00
CA GLU B 987 20.23 -12.45 -0.48
C GLU B 987 20.02 -13.87 -0.97
N ASN B 988 21.05 -14.45 -1.58
CA ASN B 988 21.10 -15.88 -1.85
C ASN B 988 21.45 -16.57 -0.54
N THR B 989 20.51 -17.33 0.00
CA THR B 989 20.70 -17.96 1.30
C THR B 989 21.27 -19.37 1.20
N MET B 990 21.54 -19.87 0.00
CA MET B 990 22.06 -21.23 -0.14
C MET B 990 23.58 -21.25 0.06
N ARG B 991 24.03 -22.10 0.96
CA ARG B 991 25.46 -22.38 1.15
C ARG B 991 25.65 -23.89 1.09
N ARG B 992 26.59 -24.34 0.26
CA ARG B 992 26.98 -25.74 0.19
C ARG B 992 25.75 -26.65 0.01
N GLY B 993 24.78 -26.16 -0.77
CA GLY B 993 23.63 -26.95 -1.13
C GLY B 993 22.45 -26.92 -0.16
N PHE B 994 22.48 -26.06 0.86
CA PHE B 994 21.34 -25.98 1.77
C PHE B 994 21.02 -24.53 2.10
N ALA B 995 19.74 -24.27 2.32
CA ALA B 995 19.27 -22.96 2.72
C ALA B 995 18.25 -23.12 3.82
N PRO B 996 18.19 -22.19 4.77
CA PRO B 996 17.11 -22.21 5.76
C PRO B 996 15.76 -22.11 5.06
N ILE B 997 14.79 -22.84 5.56
CA ILE B 997 13.42 -22.73 5.07
C ILE B 997 12.74 -21.58 5.80
N GLU B 998 12.20 -20.63 5.06
CA GLU B 998 11.50 -19.49 5.64
C GLU B 998 9.99 -19.67 5.51
N GLU B 999 9.26 -18.95 6.36
CA GLU B 999 7.85 -19.26 6.57
C GLU B 999 7.02 -19.14 5.29
N ASP B 1000 7.28 -18.13 4.48
CA ASP B 1000 6.49 -17.92 3.27
C ASP B 1000 7.14 -18.49 2.02
N ASP B 1001 8.16 -19.34 2.15
CA ASP B 1001 8.76 -19.99 0.99
C ASP B 1001 7.71 -20.81 0.24
N ASP B 1002 7.74 -20.72 -1.09
CA ASP B 1002 7.11 -21.74 -1.91
C ASP B 1002 7.96 -23.00 -1.81
N TRP B 1003 7.46 -24.01 -1.11
CA TRP B 1003 8.23 -25.23 -0.88
C TRP B 1003 7.37 -26.43 -1.28
N VAL B 1004 7.68 -27.61 -0.74
CA VAL B 1004 7.14 -28.85 -1.24
C VAL B 1004 6.34 -29.63 -0.19
N ASP B 1005 6.16 -29.08 1.00
CA ASP B 1005 5.33 -29.74 2.01
C ASP B 1005 3.87 -29.34 1.87
PA FAD C . 18.93 -42.26 3.05
O1A FAD C . 18.74 -41.55 4.43
O2A FAD C . 18.28 -43.53 2.84
O5B FAD C . 18.47 -41.53 1.82
C5B FAD C . 18.67 -40.11 1.75
C4B FAD C . 18.42 -39.57 0.35
O4B FAD C . 17.05 -39.40 0.12
C3B FAD C . 19.03 -38.23 0.08
O3B FAD C . 20.38 -38.21 -0.24
C2B FAD C . 18.21 -37.76 -1.07
O2B FAD C . 18.68 -38.27 -2.26
C1B FAD C . 16.88 -38.34 -0.79
N9A FAD C . 15.93 -37.44 -0.19
C8A FAD C . 16.08 -36.72 0.98
N7A FAD C . 14.96 -36.02 1.21
C5A FAD C . 14.04 -36.27 0.21
C6A FAD C . 12.75 -35.84 -0.07
N6A FAD C . 12.12 -34.92 0.83
N1A FAD C . 12.10 -36.28 -1.15
C2A FAD C . 12.68 -37.17 -2.00
N3A FAD C . 13.95 -37.61 -1.78
C4A FAD C . 14.64 -37.18 -0.69
N1 FAD C . 24.95 -38.85 -5.36
C2 FAD C . 24.99 -38.17 -6.60
O2 FAD C . 23.99 -37.29 -6.90
N3 FAD C . 26.04 -38.35 -7.48
C4 FAD C . 27.07 -39.21 -7.18
O4 FAD C . 28.09 -39.40 -8.08
C4X FAD C . 27.02 -40.03 -5.95
N5 FAD C . 27.96 -41.02 -5.69
C5X FAD C . 27.84 -41.82 -4.55
C6 FAD C . 28.81 -42.82 -4.31
C7 FAD C . 28.69 -43.60 -3.17
C7M FAD C . 29.71 -44.69 -2.87
C8 FAD C . 27.64 -43.41 -2.30
C8M FAD C . 27.53 -44.26 -1.08
C9 FAD C . 26.68 -42.42 -2.53
C9A FAD C . 26.78 -41.63 -3.67
N10 FAD C . 25.79 -40.60 -3.91
C10 FAD C . 25.89 -39.82 -5.07
C1' FAD C . 24.62 -40.45 -3.00
C2' FAD C . 24.60 -39.34 -1.98
O2' FAD C . 25.85 -38.79 -1.80
C3' FAD C . 24.08 -39.90 -0.65
O3' FAD C . 25.03 -40.70 -0.07
C4' FAD C . 22.83 -40.76 -0.76
O4' FAD C . 21.86 -40.15 -1.52
C5' FAD C . 22.30 -41.12 0.63
O5' FAD C . 21.30 -42.11 0.45
P FAD C . 21.02 -43.33 1.46
O1P FAD C . 20.36 -44.63 0.85
O2P FAD C . 22.43 -43.48 2.11
O3P FAD C . 20.35 -42.64 2.75
S SO4 D . 28.68 -34.52 -2.57
O1 SO4 D . 30.04 -34.68 -2.07
O2 SO4 D . 27.72 -34.99 -1.57
O3 SO4 D . 28.50 -35.26 -3.81
O4 SO4 D . 28.45 -33.10 -2.84
S SO4 E . 18.12 9.25 -31.68
O1 SO4 E . 18.67 7.94 -31.39
O2 SO4 E . 19.09 10.02 -32.46
O3 SO4 E . 16.87 9.11 -32.42
O4 SO4 E . 17.84 9.95 -30.42
C1 EDO F . 22.52 -0.66 -36.40
O1 EDO F . 21.24 -1.08 -36.79
C2 EDO F . 23.26 -1.75 -35.60
O2 EDO F . 22.70 -1.86 -34.32
C1 EDO G . 35.13 -32.55 -6.30
O1 EDO G . 34.57 -33.83 -6.32
C2 EDO G . 34.81 -31.93 -4.96
O2 EDO G . 35.94 -31.99 -4.13
C1 EDO H . -20.69 15.65 6.55
O1 EDO H . -20.25 16.91 6.96
C2 EDO H . -19.54 14.66 6.64
O2 EDO H . -18.62 14.82 5.59
C1 EDO I . 18.84 -15.89 -5.13
O1 EDO I . 18.56 -14.63 -5.70
C2 EDO I . 19.28 -16.85 -6.24
O2 EDO I . 20.57 -16.53 -6.68
C1 EDO J . 42.05 -6.56 5.20
O1 EDO J . 40.86 -7.18 5.60
C2 EDO J . 42.88 -7.56 4.41
O2 EDO J . 42.18 -7.94 3.25
C1 EDO K . 12.06 -5.65 -13.70
O1 EDO K . 11.89 -4.31 -13.35
C2 EDO K . 12.48 -6.46 -12.46
O2 EDO K . 11.55 -6.24 -11.44
C1 EDO L . 22.72 4.19 -29.49
O1 EDO L . 22.61 4.45 -30.86
C2 EDO L . 23.73 3.07 -29.27
O2 EDO L . 25.03 3.51 -29.53
C1 EDO M . 15.31 -28.13 -14.94
O1 EDO M . 14.26 -28.70 -15.68
C2 EDO M . 15.03 -28.25 -13.43
O2 EDO M . 16.02 -27.54 -12.73
C1 EDO N . 30.08 -54.77 -17.28
O1 EDO N . 28.73 -55.11 -17.40
C2 EDO N . 30.92 -55.86 -17.94
O2 EDO N . 30.93 -57.00 -17.14
C1 EDO O . 0.21 -8.60 -8.09
O1 EDO O . -0.77 -7.64 -7.84
C2 EDO O . 0.59 -9.24 -6.77
O2 EDO O . 1.34 -10.36 -7.04
C1 EDO P . -4.06 -0.64 -31.44
O1 EDO P . -4.39 0.25 -32.48
C2 EDO P . -3.14 0.06 -30.43
O2 EDO P . -3.79 1.17 -29.87
C1 EDO Q . 34.36 -10.20 9.98
O1 EDO Q . 34.10 -8.96 10.59
C2 EDO Q . 35.76 -10.23 9.38
O2 EDO Q . 36.66 -10.79 10.29
C1 EDO R . 7.92 -42.81 -6.85
O1 EDO R . 9.20 -43.37 -6.75
C2 EDO R . 6.95 -43.61 -5.99
O2 EDO R . 6.92 -44.94 -6.43
C1 EDO S . 20.16 -14.81 6.99
O1 EDO S . 21.42 -15.36 7.27
C2 EDO S . 19.61 -15.39 5.69
O2 EDO S . 19.77 -16.78 5.65
C1 EDO T . 32.51 -54.50 -14.16
O1 EDO T . 33.79 -54.19 -13.67
C2 EDO T . 32.41 -56.00 -14.44
O2 EDO T . 32.65 -56.73 -13.26
C1 EDO U . 25.96 5.43 -2.83
O1 EDO U . 26.73 5.98 -3.88
C2 EDO U . 25.36 4.09 -3.28
O2 EDO U . 26.40 3.20 -3.63
C1 EDO V . 7.49 -20.32 -30.56
O1 EDO V . 7.62 -18.95 -30.85
C2 EDO V . 6.87 -20.52 -29.18
O2 EDO V . 7.83 -20.26 -28.19
C1 EDO W . 10.16 -34.66 -14.98
O1 EDO W . 10.56 -36.02 -14.94
C2 EDO W . 11.03 -33.80 -14.05
O2 EDO W . 12.31 -33.65 -14.59
C1 EDO X . 35.98 1.40 -33.54
O1 EDO X . 36.85 0.46 -34.13
C2 EDO X . 36.54 2.82 -33.69
O2 EDO X . 37.57 3.04 -32.75
C1 EDO Y . -7.09 4.79 -12.78
O1 EDO Y . -7.23 4.66 -14.16
C2 EDO Y . -8.01 3.80 -12.07
O2 EDO Y . -8.26 2.74 -12.93
C1 EDO Z . 5.20 -4.58 -40.77
O1 EDO Z . 4.37 -5.68 -41.04
C2 EDO Z . 6.29 -4.54 -41.85
O2 EDO Z . 5.66 -4.52 -43.11
C1 EDO AA . 26.94 -20.73 -23.12
O1 EDO AA . 26.98 -21.55 -21.99
C2 EDO AA . 28.28 -20.02 -23.29
O2 EDO AA . 28.28 -18.88 -22.48
C1 EDO BA . 26.43 -16.33 8.02
O1 EDO BA . 27.39 -16.77 7.11
C2 EDO BA . 25.93 -14.95 7.59
O2 EDO BA . 26.14 -14.84 6.21
C1 EDO CA . 39.41 -8.67 8.39
O1 EDO CA . 40.72 -8.46 7.96
C2 EDO CA . 39.42 -8.74 9.91
O2 EDO CA . 38.36 -7.99 10.43
C1 EDO DA . 9.49 10.79 -9.60
O1 EDO DA . 8.75 11.49 -10.58
C2 EDO DA . 9.14 11.30 -8.20
O2 EDO DA . 8.63 10.23 -7.43
C1 EDO EA . 29.18 -38.69 -2.69
O1 EDO EA . 28.01 -38.05 -3.12
C2 EDO EA . 30.16 -38.76 -3.86
O2 EDO EA . 30.60 -37.47 -4.15
PA FAD FA . -40.50 5.76 21.84
O1A FAD FA . -40.49 4.75 20.67
O2A FAD FA . -40.76 5.34 23.20
O5B FAD FA . -39.18 6.42 22.10
C5B FAD FA . -38.32 6.76 21.00
C4B FAD FA . -37.23 7.76 21.45
O4B FAD FA . -36.19 7.13 22.16
C3B FAD FA . -36.57 8.49 20.32
O3B FAD FA . -37.27 9.60 19.86
C2B FAD FA . -35.28 8.89 20.93
O2B FAD FA . -35.41 10.03 21.69
C1B FAD FA . -34.98 7.75 21.84
N9A FAD FA . -34.08 6.74 21.31
C8A FAD FA . -34.21 6.03 20.14
N7A FAD FA . -33.17 5.19 20.01
C5A FAD FA . -32.31 5.31 21.09
C6A FAD FA . -31.13 4.72 21.47
N6A FAD FA . -30.51 3.69 20.66
N1A FAD FA . -30.53 5.08 22.61
C2A FAD FA . -31.08 6.03 23.42
N3A FAD FA . -32.23 6.64 23.07
C4A FAD FA . -32.87 6.31 21.94
N1 FAD FA . -38.27 16.37 20.78
C2 FAD FA . -37.27 17.39 20.85
O2 FAD FA . -35.97 17.01 20.80
N3 FAD FA . -37.62 18.72 20.95
C4 FAD FA . -38.96 19.10 20.98
O4 FAD FA . -39.29 20.42 21.09
C4X FAD FA . -40.02 18.06 21.02
N5 FAD FA . -41.37 18.38 21.19
C5X FAD FA . -42.32 17.36 21.26
C6 FAD FA . -43.67 17.69 21.43
C7 FAD FA . -44.62 16.67 21.50
C7M FAD FA . -46.07 17.04 21.69
C8 FAD FA . -44.24 15.35 21.42
C8M FAD FA . -45.24 14.24 21.50
C9 FAD FA . -42.88 15.01 21.24
C9A FAD FA . -41.93 16.02 21.17
N10 FAD FA . -40.55 15.68 20.99
C10 FAD FA . -39.59 16.69 20.93
C1' FAD FA . -40.12 14.25 20.95
C2' FAD FA . -39.81 13.60 19.62
O2' FAD FA . -40.31 14.32 18.56
C3' FAD FA . -40.39 12.18 19.64
O3' FAD FA . -41.76 12.27 19.45
C4' FAD FA . -40.14 11.37 20.90
O4' FAD FA . -38.80 11.42 21.25
C5' FAD FA . -40.61 9.92 20.73
O5' FAD FA . -40.72 9.34 22.03
P FAD FA . -41.80 8.26 22.53
O1P FAD FA . -41.99 8.14 24.09
O2P FAD FA . -43.05 8.71 21.70
O3P FAD FA . -41.46 6.93 21.65
S SO4 GA . -38.75 17.31 14.48
O1 SO4 GA . -38.78 15.88 14.76
O2 SO4 GA . -37.62 17.68 13.63
O3 SO4 GA . -39.99 17.67 13.79
O4 SO4 GA . -38.62 18.04 15.75
S SO4 HA . 8.74 36.29 0.59
O1 SO4 HA . 8.75 35.11 -0.27
O2 SO4 HA . 9.74 36.12 1.66
O3 SO4 HA . 7.42 36.44 1.18
O4 SO4 HA . 9.06 37.47 -0.20
C1 EDO IA . 0.49 41.71 8.54
O1 EDO IA . 0.17 40.33 8.50
C2 EDO IA . 2.01 41.94 8.44
O2 EDO IA . 2.67 41.41 9.58
C1 EDO JA . -39.91 23.30 10.99
O1 EDO JA . -41.09 23.56 10.28
C2 EDO JA . -39.77 24.28 12.15
O2 EDO JA . -40.46 23.79 13.26
C1 EDO KA . -32.61 24.52 -15.50
O1 EDO KA . -32.70 24.79 -14.12
C2 EDO KA . -33.13 23.13 -15.85
O2 EDO KA . -32.25 22.12 -15.43
C1 EDO LA . -5.13 17.66 5.52
O1 EDO LA . -4.21 17.26 4.54
C2 EDO LA . -6.42 16.89 5.33
O2 EDO LA . -6.11 15.57 4.97
C1 EDO MA . 0.09 37.80 1.66
O1 EDO MA . 0.03 38.92 0.82
C2 EDO MA . 1.53 37.28 1.72
O2 EDO MA . 2.43 38.35 1.69
C1 EDO NA . -20.93 18.33 21.87
O1 EDO NA . -20.48 18.21 23.20
C2 EDO NA . -21.64 17.04 21.44
O2 EDO NA . -22.13 17.19 20.15
C1 EDO OA . -47.36 28.12 37.07
O1 EDO OA . -48.59 27.44 37.20
C2 EDO OA . -46.42 27.29 36.20
O2 EDO OA . -45.95 26.20 36.96
C1 EDO PA . -3.59 4.72 9.89
O1 EDO PA . -4.59 5.06 10.80
C2 EDO PA . -2.31 5.44 10.28
O2 EDO PA . -1.21 4.61 9.98
C1 EDO QA . 15.87 20.75 17.66
O1 EDO QA . 17.17 21.28 17.57
C2 EDO QA . 15.35 20.53 16.24
O2 EDO QA . 16.29 19.77 15.50
C1 EDO RA . -32.86 15.76 -12.81
O1 EDO RA . -34.20 15.46 -13.10
C2 EDO RA . -32.12 14.47 -12.47
O2 EDO RA . -31.89 13.70 -13.61
C1 EDO SA . -29.84 6.02 32.36
O1 EDO SA . -31.07 6.63 32.07
C2 EDO SA . -30.05 4.59 32.88
O2 EDO SA . -30.73 4.60 34.10
C1 EDO TA . -25.17 6.64 -1.14
O1 EDO TA . -26.29 7.31 -1.64
C2 EDO TA . -24.68 7.34 0.13
O2 EDO TA . -25.58 7.13 1.19
C1 EDO UA . -11.45 19.76 -12.82
O1 EDO UA . -12.55 20.48 -12.32
C2 EDO UA . -11.09 20.28 -14.22
O2 EDO UA . -10.69 21.64 -14.17
C1 EDO VA . -34.11 19.37 -15.08
O1 EDO VA . -33.80 19.95 -16.32
C2 EDO VA . -34.55 17.92 -15.31
O2 EDO VA . -33.66 17.25 -16.16
C1 EDO WA . -3.91 25.60 27.29
O1 EDO WA . -3.13 26.17 26.26
C2 EDO WA . -4.43 24.22 26.90
O2 EDO WA . -5.42 24.31 25.92
C1 EDO XA . -22.25 14.40 29.20
O1 EDO XA . -23.42 14.58 29.97
C2 EDO XA . -22.56 14.29 27.71
O2 EDO XA . -23.05 15.50 27.19
C1 EDO YA . -50.01 25.69 33.11
O1 EDO YA . -50.15 26.74 32.19
C2 EDO YA . -49.21 26.19 34.32
O2 EDO YA . -49.83 27.33 34.85
C1 EDO ZA . 13.02 4.27 6.63
O1 EDO ZA . 12.25 4.39 7.80
C2 EDO ZA . 13.05 5.59 5.89
O2 EDO ZA . 13.78 6.54 6.63
C1 EDO AB . -19.72 34.01 14.13
O1 EDO AB . -19.58 33.34 12.91
C2 EDO AB . -19.68 32.98 15.25
O2 EDO AB . -20.96 32.45 15.44
C1 EDO BB . -29.23 10.94 -4.24
O1 EDO BB . -28.33 10.99 -3.17
C2 EDO BB . -30.46 10.19 -3.76
O2 EDO BB . -31.10 10.98 -2.81
C1 EDO CB . 4.67 13.77 -8.13
O1 EDO CB . 5.06 12.42 -8.18
C2 EDO CB . 5.86 14.70 -8.40
O2 EDO CB . 6.64 14.85 -7.25
C1 EDO DB . 11.32 34.36 22.77
O1 EDO DB . 11.18 33.12 23.44
C2 EDO DB . 11.65 34.10 21.31
O2 EDO DB . 12.93 34.59 21.05
C1 EDO EB . 5.36 31.64 21.96
O1 EDO EB . 4.59 32.09 20.89
C2 EDO EB . 6.63 32.47 22.00
O2 EDO EB . 6.28 33.82 22.12
C1 EDO FB . -41.91 18.75 17.42
O1 EDO FB . -41.47 19.17 16.16
C2 EDO FB . -41.74 17.24 17.53
O2 EDO FB . -40.38 16.92 17.68
#